data_1LQ8
#
_entry.id   1LQ8
#
_cell.length_a   55.200
_cell.length_b   244.030
_cell.length_c   66.400
_cell.angle_alpha   90.00
_cell.angle_beta   91.98
_cell.angle_gamma   90.00
#
_symmetry.space_group_name_H-M   'P 1 21 1'
#
loop_
_entity.id
_entity.type
_entity.pdbx_description
1 polymer 'plasma serine protease inhibitor'
2 polymer 'plasma serine protease inhibitor'
3 branched 2-acetamido-2-deoxy-alpha-D-glucopyranose-(1-4)-2-acetamido-2-deoxy-beta-D-glucopyranose
4 branched 2-acetamido-2-deoxy-beta-D-glucopyranose-(1-4)-2-acetamido-2-deoxy-beta-D-glucopyranose
5 branched alpha-D-mannopyranose-(1-3)-[alpha-D-mannopyranose-(1-6)]alpha-D-mannopyranose
6 non-polymer 'ISOPROPYL ALCOHOL'
7 non-polymer 2-acetamido-2-deoxy-beta-D-glucopyranose
8 water water
#
loop_
_entity_poly.entity_id
_entity_poly.type
_entity_poly.pdbx_seq_one_letter_code
_entity_poly.pdbx_strand_id
1 'polypeptide(L)'
;RVEDLHVGATVAPSSRRDFTFDLYRALASAAPSQNIFFSPVSISMSLAMLSLGAGSSTKMQILEGLGLNLQKSSEKELHR
GFQQLLQELNQPRDGFQLSLGNALFTDLVVDLQDTFVSAMKTLYLADTFPTNFRDSAGAMKQINDYVAKQTKGKIVDLLK
NLDSNAVVIMVNYIFFKAKWETSFNHKGTQEQDFYVTSETVVRVPMMSREDQYHYLLDRNLSCRVVGVPYQGNATALFIL
PSEGKMQQVENGLSEKTLRKWLKMFKKRQLELYLPKFSIEGSYQLEKVLPSLGISNVFTSHADLSGISNHSNIQVSEMVH
KAVVEVDESGTRAAAATGTIFTFRSA
;
A,C,E,G
2 'polypeptide(L)' RLNSQRLVFNRPFLMFIVDNNILFLGKVNRP B,D,F,H
#
# COMPACT_ATOMS: atom_id res chain seq x y z
N ARG A 16 -27.15 -24.60 9.73
CA ARG A 16 -28.39 -25.33 10.10
C ARG A 16 -28.24 -26.03 11.46
N ARG A 17 -27.81 -25.26 12.46
CA ARG A 17 -27.62 -25.78 13.81
C ARG A 17 -27.80 -24.66 14.83
N ASP A 18 -28.32 -25.01 16.00
CA ASP A 18 -28.52 -24.05 17.09
C ASP A 18 -27.34 -24.15 18.03
N PHE A 19 -26.29 -23.37 17.76
CA PHE A 19 -25.08 -23.38 18.58
C PHE A 19 -25.34 -23.08 20.05
N THR A 20 -26.11 -22.04 20.31
CA THR A 20 -26.42 -21.64 21.67
C THR A 20 -27.07 -22.76 22.49
N PHE A 21 -28.07 -23.42 21.91
CA PHE A 21 -28.76 -24.48 22.63
C PHE A 21 -28.08 -25.82 22.50
N ASP A 22 -27.26 -25.98 21.48
CA ASP A 22 -26.53 -27.24 21.35
C ASP A 22 -25.48 -27.21 22.46
N LEU A 23 -24.87 -26.04 22.67
CA LEU A 23 -23.87 -25.89 23.70
C LEU A 23 -24.51 -26.00 25.08
N TYR A 24 -25.71 -25.43 25.23
CA TYR A 24 -26.40 -25.51 26.50
C TYR A 24 -26.57 -26.99 26.90
N ARG A 25 -27.12 -27.79 25.99
CA ARG A 25 -27.34 -29.20 26.28
C ARG A 25 -26.02 -29.92 26.59
N ALA A 26 -24.98 -29.63 25.81
CA ALA A 26 -23.68 -30.26 26.03
C ALA A 26 -23.21 -30.05 27.48
N LEU A 27 -23.31 -28.80 27.93
CA LEU A 27 -22.91 -28.45 29.27
C LEU A 27 -23.77 -29.12 30.34
N ALA A 28 -25.06 -29.24 30.06
CA ALA A 28 -25.98 -29.89 31.01
C ALA A 28 -25.69 -31.39 31.09
N SER A 29 -25.55 -32.04 29.93
CA SER A 29 -25.26 -33.47 29.90
C SER A 29 -23.97 -33.79 30.64
N ALA A 30 -23.01 -32.88 30.59
CA ALA A 30 -21.73 -33.09 31.26
C ALA A 30 -21.84 -32.87 32.77
N ALA A 31 -22.85 -32.11 33.20
CA ALA A 31 -23.07 -31.84 34.62
C ALA A 31 -24.55 -32.03 34.95
N PRO A 32 -25.03 -33.28 34.82
CA PRO A 32 -26.40 -33.77 35.07
C PRO A 32 -27.38 -32.93 35.89
N SER A 33 -27.18 -32.84 37.20
CA SER A 33 -28.11 -32.07 38.03
C SER A 33 -27.41 -30.97 38.80
N GLN A 34 -26.69 -30.11 38.09
CA GLN A 34 -25.96 -29.02 38.72
C GLN A 34 -26.36 -27.76 37.99
N ASN A 35 -26.11 -26.59 38.58
CA ASN A 35 -26.43 -25.34 37.91
C ASN A 35 -25.54 -25.12 36.68
N ILE A 36 -26.09 -24.45 35.69
CA ILE A 36 -25.35 -24.14 34.48
C ILE A 36 -25.50 -22.65 34.24
N PHE A 37 -24.47 -22.02 33.70
CA PHE A 37 -24.53 -20.60 33.39
C PHE A 37 -23.38 -20.21 32.49
N PHE A 38 -23.71 -19.49 31.42
CA PHE A 38 -22.70 -19.05 30.47
C PHE A 38 -23.23 -17.92 29.63
N SER A 39 -22.34 -17.31 28.84
CA SER A 39 -22.70 -16.23 27.95
C SER A 39 -22.50 -16.65 26.49
N PRO A 40 -23.59 -16.96 25.78
CA PRO A 40 -23.41 -17.36 24.38
C PRO A 40 -22.66 -16.30 23.58
N VAL A 41 -23.09 -15.04 23.69
CA VAL A 41 -22.44 -13.96 22.95
C VAL A 41 -20.93 -14.00 23.16
N SER A 42 -20.49 -14.22 24.40
CA SER A 42 -19.06 -14.27 24.70
C SER A 42 -18.33 -15.38 23.93
N ILE A 43 -18.88 -16.59 24.01
CA ILE A 43 -18.31 -17.73 23.35
C ILE A 43 -18.41 -17.69 21.83
N SER A 44 -19.59 -17.38 21.32
CA SER A 44 -19.76 -17.31 19.89
C SER A 44 -18.91 -16.19 19.29
N MET A 45 -18.83 -15.05 19.97
CA MET A 45 -18.02 -13.94 19.45
C MET A 45 -16.57 -14.40 19.45
N SER A 46 -16.18 -15.12 20.50
CA SER A 46 -14.82 -15.61 20.59
C SER A 46 -14.54 -16.57 19.47
N LEU A 47 -15.50 -17.44 19.17
CA LEU A 47 -15.33 -18.40 18.10
C LEU A 47 -15.19 -17.73 16.76
N ALA A 48 -16.05 -16.75 16.53
CA ALA A 48 -16.05 -16.00 15.29
C ALA A 48 -14.73 -15.27 15.15
N MET A 49 -14.10 -14.92 16.26
CA MET A 49 -12.83 -14.22 16.18
C MET A 49 -11.75 -15.21 15.81
N LEU A 50 -11.82 -16.38 16.42
CA LEU A 50 -10.89 -17.46 16.19
C LEU A 50 -10.87 -17.86 14.72
N SER A 51 -12.07 -17.98 14.14
CA SER A 51 -12.22 -18.36 12.74
C SER A 51 -11.50 -17.36 11.81
N LEU A 52 -11.33 -16.15 12.30
CA LEU A 52 -10.67 -15.09 11.54
C LEU A 52 -9.27 -15.48 11.08
N GLY A 53 -8.57 -16.27 11.89
CA GLY A 53 -7.23 -16.70 11.53
C GLY A 53 -7.16 -18.21 11.38
N ALA A 54 -8.25 -18.78 10.89
CA ALA A 54 -8.36 -20.22 10.70
C ALA A 54 -8.43 -20.57 9.23
N GLY A 55 -7.94 -21.76 8.88
CA GLY A 55 -8.00 -22.18 7.50
C GLY A 55 -8.51 -23.60 7.35
N SER A 56 -8.54 -24.05 6.11
CA SER A 56 -8.98 -25.40 5.77
C SER A 56 -10.25 -25.84 6.49
N SER A 57 -10.29 -27.12 6.87
CA SER A 57 -11.45 -27.68 7.54
C SER A 57 -11.63 -27.13 8.94
N THR A 58 -10.55 -26.68 9.57
CA THR A 58 -10.65 -26.15 10.92
C THR A 58 -11.51 -24.88 10.92
N LYS A 59 -11.29 -24.03 9.93
CA LYS A 59 -12.01 -22.78 9.76
C LYS A 59 -13.47 -23.05 9.41
N MET A 60 -13.72 -24.27 8.94
CA MET A 60 -15.06 -24.65 8.55
C MET A 60 -15.86 -25.30 9.68
N GLN A 61 -15.19 -26.02 10.58
CA GLN A 61 -15.91 -26.63 11.69
C GLN A 61 -16.48 -25.55 12.59
N ILE A 62 -15.74 -24.45 12.73
CA ILE A 62 -16.13 -23.31 13.55
C ILE A 62 -17.36 -22.60 13.00
N LEU A 63 -17.33 -22.28 11.72
CA LEU A 63 -18.44 -21.62 11.07
C LEU A 63 -19.65 -22.54 11.10
N GLU A 64 -19.42 -23.82 10.83
CA GLU A 64 -20.50 -24.80 10.83
C GLU A 64 -21.07 -24.90 12.24
N GLY A 65 -20.18 -25.08 13.21
CA GLY A 65 -20.59 -25.19 14.60
C GLY A 65 -21.38 -24.00 15.06
N LEU A 66 -21.19 -22.86 14.41
CA LEU A 66 -21.92 -21.66 14.77
C LEU A 66 -23.30 -21.67 14.09
N GLY A 67 -23.44 -22.49 13.06
CA GLY A 67 -24.69 -22.57 12.34
C GLY A 67 -24.72 -21.55 11.22
N LEU A 68 -23.57 -21.35 10.59
CA LEU A 68 -23.44 -20.40 9.51
C LEU A 68 -24.02 -20.99 8.23
N ASN A 69 -24.86 -20.21 7.57
CA ASN A 69 -25.55 -20.65 6.36
C ASN A 69 -24.69 -20.87 5.11
N LEU A 70 -23.53 -20.23 5.05
CA LEU A 70 -22.65 -20.32 3.89
C LEU A 70 -23.39 -19.80 2.66
N GLN A 71 -24.66 -19.48 2.86
CA GLN A 71 -25.54 -18.91 1.85
C GLN A 71 -26.85 -18.49 2.49
N LYS A 72 -26.95 -17.17 2.70
CA LYS A 72 -28.07 -16.49 3.34
C LYS A 72 -27.25 -15.54 4.21
N SER A 73 -26.29 -16.15 4.92
CA SER A 73 -25.34 -15.47 5.78
C SER A 73 -23.99 -15.82 5.18
N SER A 74 -23.15 -14.82 4.91
CA SER A 74 -21.86 -15.13 4.35
C SER A 74 -20.78 -14.58 5.27
N GLU A 75 -19.97 -15.49 5.81
CA GLU A 75 -18.86 -15.19 6.73
C GLU A 75 -18.75 -13.72 7.16
N LYS A 76 -18.56 -12.83 6.20
CA LYS A 76 -18.43 -11.41 6.48
C LYS A 76 -19.68 -10.83 7.16
N GLU A 77 -20.86 -11.36 6.84
CA GLU A 77 -22.09 -10.88 7.45
C GLU A 77 -22.03 -11.20 8.93
N LEU A 78 -21.39 -12.32 9.26
CA LEU A 78 -21.23 -12.77 10.65
C LEU A 78 -20.44 -11.72 11.42
N HIS A 79 -19.32 -11.29 10.82
CA HIS A 79 -18.48 -10.29 11.46
C HIS A 79 -19.15 -8.94 11.50
N ARG A 80 -19.82 -8.56 10.41
CA ARG A 80 -20.49 -7.26 10.38
C ARG A 80 -21.52 -7.19 11.49
N GLY A 81 -22.14 -8.33 11.77
CA GLY A 81 -23.14 -8.43 12.82
C GLY A 81 -22.55 -8.18 14.18
N PHE A 82 -21.54 -8.94 14.55
CA PHE A 82 -20.89 -8.76 15.84
C PHE A 82 -20.31 -7.35 15.93
N GLN A 83 -19.81 -6.84 14.81
CA GLN A 83 -19.25 -5.49 14.77
C GLN A 83 -20.33 -4.51 15.17
N GLN A 84 -21.50 -4.64 14.54
CA GLN A 84 -22.65 -3.79 14.81
C GLN A 84 -22.98 -3.86 16.30
N LEU A 85 -23.08 -5.08 16.80
CA LEU A 85 -23.38 -5.31 18.21
C LEU A 85 -22.41 -4.51 19.07
N LEU A 86 -21.11 -4.74 18.89
CA LEU A 86 -20.10 -4.00 19.65
C LEU A 86 -20.27 -2.48 19.53
N GLN A 87 -20.67 -2.02 18.35
CA GLN A 87 -20.84 -0.59 18.12
C GLN A 87 -22.10 0.00 18.78
N GLU A 88 -23.19 -0.75 18.75
CA GLU A 88 -24.45 -0.30 19.35
C GLU A 88 -24.37 -0.17 20.87
N LEU A 89 -23.24 -0.51 21.45
CA LEU A 89 -23.08 -0.42 22.90
C LEU A 89 -23.04 1.03 23.36
N ASN A 90 -23.80 1.32 24.41
CA ASN A 90 -23.87 2.66 24.97
C ASN A 90 -23.14 2.72 26.30
N GLN A 91 -22.85 3.94 26.74
CA GLN A 91 -22.15 4.13 27.99
C GLN A 91 -23.07 3.80 29.14
N PRO A 92 -22.50 3.53 30.33
CA PRO A 92 -23.30 3.19 31.51
C PRO A 92 -24.42 4.20 31.70
N ARG A 93 -25.58 3.89 31.13
CA ARG A 93 -26.74 4.76 31.25
C ARG A 93 -27.11 4.83 32.73
N ASP A 94 -28.35 5.17 33.04
CA ASP A 94 -28.78 5.25 34.43
C ASP A 94 -29.52 4.00 34.86
N GLY A 95 -28.87 3.22 35.72
CA GLY A 95 -29.47 1.99 36.21
C GLY A 95 -29.45 0.88 35.17
N PHE A 96 -28.50 0.96 34.24
CA PHE A 96 -28.36 -0.05 33.19
C PHE A 96 -27.01 0.07 32.51
N GLN A 97 -26.35 -1.06 32.34
CA GLN A 97 -25.05 -1.06 31.70
C GLN A 97 -24.71 -2.39 31.07
N LEU A 98 -24.27 -2.32 29.82
CA LEU A 98 -23.87 -3.52 29.11
C LEU A 98 -22.63 -3.15 28.32
N SER A 99 -21.54 -3.87 28.55
CA SER A 99 -20.30 -3.62 27.82
C SER A 99 -19.69 -4.93 27.32
N LEU A 100 -19.16 -4.89 26.10
CA LEU A 100 -18.56 -6.08 25.50
C LEU A 100 -17.21 -5.68 24.92
N GLY A 101 -16.17 -6.42 25.27
CA GLY A 101 -14.86 -6.10 24.75
C GLY A 101 -14.05 -7.32 24.38
N ASN A 102 -13.04 -7.10 23.55
CA ASN A 102 -12.16 -8.15 23.08
C ASN A 102 -10.72 -7.67 23.24
N ALA A 103 -9.83 -8.60 23.58
CA ALA A 103 -8.42 -8.25 23.77
C ALA A 103 -7.47 -9.33 23.29
N LEU A 104 -6.35 -8.89 22.74
CA LEU A 104 -5.32 -9.79 22.24
C LEU A 104 -4.07 -9.60 23.09
N PHE A 105 -3.51 -10.68 23.61
CA PHE A 105 -2.29 -10.62 24.41
C PHE A 105 -1.24 -11.41 23.64
N THR A 106 -0.29 -10.71 23.03
CA THR A 106 0.72 -11.34 22.20
C THR A 106 2.11 -11.43 22.79
N ASP A 107 2.75 -12.58 22.67
CA ASP A 107 4.10 -12.72 23.20
C ASP A 107 5.03 -11.68 22.61
N LEU A 108 6.09 -11.35 23.32
CA LEU A 108 7.03 -10.36 22.85
C LEU A 108 7.80 -10.78 21.61
N VAL A 109 7.98 -12.09 21.43
CA VAL A 109 8.76 -12.56 20.30
C VAL A 109 8.00 -13.37 19.24
N VAL A 110 6.78 -12.93 18.93
CA VAL A 110 5.98 -13.58 17.90
C VAL A 110 5.28 -12.49 17.13
N ASP A 111 5.06 -12.72 15.83
CA ASP A 111 4.37 -11.79 14.96
C ASP A 111 3.07 -12.43 14.50
N LEU A 112 2.01 -11.63 14.46
CA LEU A 112 0.71 -12.11 13.99
C LEU A 112 0.49 -11.51 12.60
N GLN A 113 -0.24 -12.23 11.74
CA GLN A 113 -0.53 -11.76 10.39
C GLN A 113 -1.27 -10.43 10.44
N ASP A 114 -0.90 -9.52 9.55
CA ASP A 114 -1.54 -8.21 9.48
C ASP A 114 -3.06 -8.31 9.35
N THR A 115 -3.52 -9.23 8.51
CA THR A 115 -4.95 -9.38 8.31
C THR A 115 -5.66 -9.70 9.63
N PHE A 116 -5.17 -10.71 10.35
CA PHE A 116 -5.78 -11.11 11.61
C PHE A 116 -5.88 -9.93 12.55
N VAL A 117 -4.74 -9.30 12.81
CA VAL A 117 -4.66 -8.14 13.69
C VAL A 117 -5.60 -7.02 13.24
N SER A 118 -5.59 -6.74 11.95
CA SER A 118 -6.42 -5.70 11.39
C SER A 118 -7.91 -6.00 11.63
N ALA A 119 -8.36 -7.19 11.22
CA ALA A 119 -9.77 -7.57 11.38
C ALA A 119 -10.18 -7.51 12.86
N MET A 120 -9.30 -7.96 13.73
CA MET A 120 -9.55 -7.94 15.17
C MET A 120 -9.79 -6.53 15.71
N LYS A 121 -8.98 -5.58 15.24
CA LYS A 121 -9.11 -4.19 15.66
C LYS A 121 -10.33 -3.52 15.03
N THR A 122 -10.57 -3.76 13.74
CA THR A 122 -11.67 -3.13 13.03
C THR A 122 -13.06 -3.72 13.32
N LEU A 123 -13.24 -5.00 13.06
CA LEU A 123 -14.51 -5.67 13.29
C LEU A 123 -14.82 -5.93 14.76
N TYR A 124 -13.78 -6.14 15.58
CA TYR A 124 -14.02 -6.45 16.98
C TYR A 124 -13.54 -5.43 18.02
N LEU A 125 -13.00 -4.31 17.55
CA LEU A 125 -12.56 -3.26 18.46
C LEU A 125 -11.65 -3.83 19.54
N ALA A 126 -10.79 -4.76 19.14
CA ALA A 126 -9.90 -5.45 20.09
C ALA A 126 -8.67 -4.69 20.58
N ASP A 127 -8.43 -4.77 21.87
CA ASP A 127 -7.26 -4.17 22.47
C ASP A 127 -6.10 -5.14 22.19
N THR A 128 -4.89 -4.62 22.13
CA THR A 128 -3.71 -5.45 21.90
C THR A 128 -2.64 -5.08 22.92
N PHE A 129 -2.28 -6.05 23.77
CA PHE A 129 -1.28 -5.85 24.82
C PHE A 129 -0.11 -6.81 24.67
N PRO A 130 1.12 -6.26 24.63
CA PRO A 130 2.31 -7.11 24.51
C PRO A 130 2.43 -7.87 25.82
N THR A 131 2.75 -9.16 25.73
CA THR A 131 2.85 -9.99 26.93
C THR A 131 4.08 -10.88 26.96
N ASN A 132 4.75 -10.93 28.10
CA ASN A 132 5.90 -11.79 28.23
C ASN A 132 5.44 -13.15 28.73
N PHE A 133 5.15 -14.06 27.81
CA PHE A 133 4.68 -15.38 28.22
C PHE A 133 5.76 -16.29 28.76
N ARG A 134 7.02 -15.86 28.70
CA ARG A 134 8.10 -16.67 29.23
C ARG A 134 8.01 -16.69 30.76
N ASP A 135 7.30 -15.70 31.31
CA ASP A 135 7.06 -15.58 32.74
C ASP A 135 5.58 -15.88 32.90
N SER A 136 5.26 -17.16 33.09
CA SER A 136 3.88 -17.58 33.23
C SER A 136 3.08 -16.85 34.32
N ALA A 137 3.65 -16.74 35.52
CA ALA A 137 2.96 -16.07 36.60
C ALA A 137 2.57 -14.65 36.23
N GLY A 138 3.52 -13.90 35.67
CA GLY A 138 3.27 -12.52 35.28
C GLY A 138 2.23 -12.36 34.19
N ALA A 139 2.21 -13.32 33.26
CA ALA A 139 1.26 -13.29 32.17
C ALA A 139 -0.16 -13.46 32.71
N MET A 140 -0.32 -14.40 33.63
CA MET A 140 -1.61 -14.66 34.27
C MET A 140 -2.10 -13.45 35.02
N LYS A 141 -1.20 -12.83 35.78
CA LYS A 141 -1.59 -11.65 36.54
C LYS A 141 -2.08 -10.56 35.60
N GLN A 142 -1.28 -10.29 34.57
CA GLN A 142 -1.65 -9.25 33.62
C GLN A 142 -3.03 -9.48 33.02
N ILE A 143 -3.24 -10.69 32.53
CA ILE A 143 -4.49 -11.04 31.90
C ILE A 143 -5.66 -11.12 32.89
N ASN A 144 -5.52 -11.89 33.97
CA ASN A 144 -6.59 -12.00 34.94
C ASN A 144 -6.96 -10.63 35.50
N ASP A 145 -5.97 -9.77 35.71
CA ASP A 145 -6.26 -8.44 36.26
C ASP A 145 -7.10 -7.65 35.27
N TYR A 146 -6.81 -7.83 33.98
CA TYR A 146 -7.54 -7.14 32.93
C TYR A 146 -8.99 -7.65 32.88
N VAL A 147 -9.15 -8.96 32.85
CA VAL A 147 -10.48 -9.54 32.81
C VAL A 147 -11.27 -9.11 34.04
N ALA A 148 -10.62 -9.17 35.20
CA ALA A 148 -11.27 -8.77 36.45
C ALA A 148 -11.69 -7.33 36.30
N LYS A 149 -10.74 -6.48 35.94
CA LYS A 149 -11.03 -5.06 35.76
C LYS A 149 -12.24 -4.82 34.85
N GLN A 150 -12.25 -5.45 33.68
CA GLN A 150 -13.32 -5.27 32.71
C GLN A 150 -14.71 -5.78 33.16
N THR A 151 -14.72 -6.74 34.09
CA THR A 151 -15.97 -7.31 34.58
C THR A 151 -16.24 -6.80 35.98
N LYS A 152 -15.75 -5.59 36.25
CA LYS A 152 -15.93 -4.96 37.54
C LYS A 152 -15.73 -5.90 38.73
N GLY A 153 -14.68 -6.71 38.65
CA GLY A 153 -14.36 -7.63 39.73
C GLY A 153 -15.23 -8.87 39.86
N LYS A 154 -16.03 -9.16 38.85
CA LYS A 154 -16.90 -10.33 38.92
C LYS A 154 -16.23 -11.62 38.45
N ILE A 155 -15.29 -11.53 37.51
CA ILE A 155 -14.56 -12.71 37.06
C ILE A 155 -13.10 -12.48 37.44
N VAL A 156 -12.66 -13.14 38.52
CA VAL A 156 -11.31 -12.95 39.05
C VAL A 156 -10.12 -13.76 38.52
N ASP A 157 -10.22 -15.09 38.53
CA ASP A 157 -9.09 -15.88 38.06
C ASP A 157 -9.42 -16.73 36.85
N LEU A 158 -9.50 -16.08 35.69
CA LEU A 158 -9.83 -16.77 34.46
C LEU A 158 -8.86 -17.90 34.14
N LEU A 159 -7.56 -17.61 34.12
CA LEU A 159 -6.55 -18.63 33.85
C LEU A 159 -5.92 -19.20 35.12
N LYS A 160 -5.71 -20.51 35.15
CA LYS A 160 -5.13 -21.16 36.33
C LYS A 160 -3.67 -21.55 36.21
N ASN A 161 -3.33 -22.33 35.19
CA ASN A 161 -1.94 -22.73 35.01
C ASN A 161 -1.54 -22.51 33.57
N LEU A 162 -1.33 -21.25 33.21
CA LEU A 162 -0.96 -20.87 31.86
C LEU A 162 0.26 -21.67 31.43
N ASP A 163 0.11 -22.44 30.36
CA ASP A 163 1.18 -23.26 29.83
C ASP A 163 2.41 -22.37 29.57
N SER A 164 3.55 -22.99 29.32
CA SER A 164 4.78 -22.23 29.05
C SER A 164 4.89 -21.95 27.57
N ASN A 165 4.25 -22.78 26.76
CA ASN A 165 4.28 -22.60 25.32
C ASN A 165 3.27 -21.54 24.86
N ALA A 166 2.55 -20.96 25.83
CA ALA A 166 1.57 -19.93 25.55
C ALA A 166 2.27 -18.76 24.86
N VAL A 167 1.80 -18.41 23.66
CA VAL A 167 2.40 -17.32 22.92
C VAL A 167 1.39 -16.25 22.61
N VAL A 168 0.12 -16.54 22.86
CA VAL A 168 -0.92 -15.55 22.63
C VAL A 168 -2.24 -15.99 23.22
N ILE A 169 -2.93 -15.04 23.83
CA ILE A 169 -4.22 -15.32 24.43
C ILE A 169 -5.23 -14.28 23.97
N MET A 170 -6.32 -14.76 23.41
CA MET A 170 -7.39 -13.90 22.92
C MET A 170 -8.48 -13.92 23.99
N VAL A 171 -8.86 -12.75 24.47
CA VAL A 171 -9.86 -12.64 25.51
C VAL A 171 -11.13 -11.89 25.14
N ASN A 172 -12.27 -12.36 25.67
CA ASN A 172 -13.55 -11.69 25.48
C ASN A 172 -14.26 -11.62 26.82
N TYR A 173 -14.84 -10.46 27.12
CA TYR A 173 -15.55 -10.31 28.39
C TYR A 173 -16.92 -9.69 28.17
N ILE A 174 -17.80 -9.88 29.14
CA ILE A 174 -19.12 -9.30 29.03
C ILE A 174 -19.58 -8.88 30.42
N PHE A 175 -20.04 -7.64 30.53
CA PHE A 175 -20.52 -7.16 31.82
C PHE A 175 -21.93 -6.57 31.70
N PHE A 176 -22.79 -6.95 32.64
CA PHE A 176 -24.17 -6.50 32.65
C PHE A 176 -24.72 -6.23 34.04
N LYS A 177 -25.22 -5.01 34.22
CA LYS A 177 -25.82 -4.62 35.48
C LYS A 177 -27.05 -3.79 35.14
N ALA A 178 -28.18 -4.13 35.77
CA ALA A 178 -29.43 -3.41 35.52
C ALA A 178 -30.44 -3.57 36.66
N LYS A 179 -31.18 -2.52 36.94
CA LYS A 179 -32.21 -2.56 37.97
C LYS A 179 -33.43 -3.05 37.20
N TRP A 180 -34.35 -3.72 37.88
CA TRP A 180 -35.56 -4.19 37.23
C TRP A 180 -36.39 -2.98 36.84
N GLU A 181 -37.31 -3.16 35.88
CA GLU A 181 -38.16 -2.04 35.48
C GLU A 181 -38.92 -1.64 36.74
N THR A 182 -39.35 -2.66 37.48
CA THR A 182 -40.06 -2.46 38.74
C THR A 182 -39.37 -3.41 39.72
N SER A 183 -38.85 -2.87 40.82
CA SER A 183 -38.16 -3.71 41.79
C SER A 183 -39.13 -4.67 42.46
N PHE A 184 -38.62 -5.36 43.46
CA PHE A 184 -39.44 -6.28 44.23
C PHE A 184 -39.45 -5.58 45.60
N ASN A 185 -40.56 -5.70 46.33
CA ASN A 185 -40.61 -5.08 47.65
C ASN A 185 -39.65 -5.86 48.55
N HIS A 186 -38.56 -5.21 48.94
CA HIS A 186 -37.54 -5.85 49.77
C HIS A 186 -38.12 -6.60 50.98
N LYS A 187 -39.16 -6.02 51.58
CA LYS A 187 -39.83 -6.57 52.76
C LYS A 187 -40.84 -7.66 52.39
N GLY A 188 -40.97 -7.93 51.10
CA GLY A 188 -41.89 -8.95 50.66
C GLY A 188 -41.21 -10.30 50.46
N THR A 189 -39.92 -10.37 50.79
CA THR A 189 -39.17 -11.60 50.65
C THR A 189 -39.24 -12.41 51.95
N GLN A 190 -39.58 -13.69 51.85
CA GLN A 190 -39.67 -14.56 53.01
C GLN A 190 -38.91 -15.84 52.72
N GLU A 191 -38.46 -16.51 53.78
CA GLU A 191 -37.75 -17.76 53.59
C GLU A 191 -38.81 -18.74 53.10
N GLN A 192 -38.54 -19.41 51.98
CA GLN A 192 -39.52 -20.34 51.45
C GLN A 192 -38.84 -21.58 50.85
N ASP A 193 -39.54 -22.71 50.92
CA ASP A 193 -39.01 -23.98 50.43
C ASP A 193 -38.78 -24.08 48.94
N PHE A 194 -37.64 -24.66 48.57
CA PHE A 194 -37.28 -24.86 47.19
C PHE A 194 -36.94 -26.33 46.99
N TYR A 195 -37.67 -26.95 46.06
CA TYR A 195 -37.51 -28.36 45.78
C TYR A 195 -36.53 -28.66 44.65
N VAL A 196 -35.28 -29.00 45.00
CA VAL A 196 -34.26 -29.32 43.99
C VAL A 196 -34.82 -30.57 43.31
N THR A 197 -35.28 -31.52 44.13
CA THR A 197 -35.94 -32.72 43.64
C THR A 197 -37.14 -32.79 44.59
N SER A 198 -38.06 -33.72 44.36
CA SER A 198 -39.22 -33.81 45.24
C SER A 198 -38.76 -34.16 46.65
N GLU A 199 -37.58 -34.75 46.77
CA GLU A 199 -37.05 -35.16 48.06
C GLU A 199 -35.89 -34.35 48.65
N THR A 200 -35.18 -33.61 47.81
CA THR A 200 -34.10 -32.76 48.31
C THR A 200 -34.63 -31.34 48.29
N VAL A 201 -35.02 -30.84 49.45
CA VAL A 201 -35.56 -29.50 49.53
C VAL A 201 -34.69 -28.62 50.42
N VAL A 202 -34.48 -27.38 49.97
CA VAL A 202 -33.67 -26.42 50.70
C VAL A 202 -34.39 -25.08 50.76
N ARG A 203 -34.19 -24.33 51.85
CA ARG A 203 -34.82 -23.00 52.03
C ARG A 203 -34.04 -21.93 51.29
N VAL A 204 -34.76 -21.01 50.66
CA VAL A 204 -34.12 -19.93 49.93
C VAL A 204 -34.92 -18.65 50.11
N PRO A 205 -34.27 -17.49 49.99
CA PRO A 205 -35.05 -16.27 50.16
C PRO A 205 -35.90 -16.12 48.89
N MET A 206 -37.23 -16.20 49.05
CA MET A 206 -38.15 -16.12 47.90
C MET A 206 -38.70 -14.71 47.62
N MET A 207 -38.35 -14.14 46.47
CA MET A 207 -38.84 -12.81 46.12
C MET A 207 -40.27 -12.87 45.59
N SER A 208 -40.98 -11.76 45.69
CA SER A 208 -42.36 -11.74 45.22
C SER A 208 -42.78 -10.37 44.73
N ARG A 209 -43.80 -10.37 43.88
CA ARG A 209 -44.35 -9.15 43.34
C ARG A 209 -45.48 -9.50 42.40
N GLU A 210 -46.66 -8.99 42.72
CA GLU A 210 -47.85 -9.22 41.92
C GLU A 210 -47.87 -8.04 40.96
N ASP A 211 -48.07 -8.32 39.68
CA ASP A 211 -48.10 -7.26 38.68
C ASP A 211 -48.42 -7.87 37.31
N GLN A 212 -48.35 -7.04 36.28
CA GLN A 212 -48.61 -7.48 34.91
C GLN A 212 -47.28 -7.93 34.32
N TYR A 213 -47.19 -9.19 33.89
CA TYR A 213 -45.96 -9.74 33.30
C TYR A 213 -46.27 -10.38 31.95
N HIS A 214 -45.26 -10.50 31.09
CA HIS A 214 -45.47 -11.15 29.81
C HIS A 214 -45.45 -12.65 30.11
N TYR A 215 -46.62 -13.25 30.18
CA TYR A 215 -46.72 -14.66 30.48
C TYR A 215 -46.77 -15.52 29.21
N LEU A 216 -46.70 -16.83 29.40
CA LEU A 216 -46.71 -17.75 28.28
C LEU A 216 -46.79 -19.20 28.77
N LEU A 217 -47.66 -20.00 28.16
CA LEU A 217 -47.79 -21.38 28.57
C LEU A 217 -47.48 -22.29 27.40
N ASP A 218 -46.28 -22.84 27.36
CA ASP A 218 -45.92 -23.72 26.25
C ASP A 218 -46.28 -25.15 26.65
N ARG A 219 -47.37 -25.64 26.06
CA ARG A 219 -47.89 -26.98 26.32
C ARG A 219 -47.11 -28.09 25.61
N ASN A 220 -46.30 -27.72 24.62
CA ASN A 220 -45.51 -28.71 23.90
C ASN A 220 -44.26 -29.06 24.68
N LEU A 221 -43.42 -28.06 24.96
CA LEU A 221 -42.22 -28.32 25.74
C LEU A 221 -42.68 -28.63 27.18
N SER A 222 -43.85 -28.11 27.54
CA SER A 222 -44.44 -28.31 28.86
C SER A 222 -43.76 -27.46 29.93
N CYS A 223 -43.98 -26.14 29.85
CA CYS A 223 -43.39 -25.22 30.81
C CYS A 223 -44.08 -23.88 30.74
N ARG A 224 -43.83 -23.02 31.73
CA ARG A 224 -44.40 -21.69 31.78
C ARG A 224 -43.27 -20.66 31.74
N VAL A 225 -43.44 -19.63 30.91
CA VAL A 225 -42.40 -18.61 30.77
C VAL A 225 -42.87 -17.22 31.15
N VAL A 226 -42.06 -16.55 31.96
CA VAL A 226 -42.34 -15.19 32.41
C VAL A 226 -41.27 -14.24 31.91
N GLY A 227 -41.70 -13.06 31.48
CA GLY A 227 -40.74 -12.09 31.02
C GLY A 227 -40.73 -10.98 32.05
N VAL A 228 -39.55 -10.68 32.60
CA VAL A 228 -39.41 -9.60 33.58
C VAL A 228 -38.42 -8.62 32.97
N PRO A 229 -38.91 -7.45 32.54
CA PRO A 229 -38.07 -6.42 31.92
C PRO A 229 -37.14 -5.64 32.84
N TYR A 230 -36.09 -5.10 32.25
CA TYR A 230 -35.13 -4.30 32.97
C TYR A 230 -35.30 -2.82 32.60
N GLN A 231 -34.74 -1.94 33.43
CA GLN A 231 -34.75 -0.52 33.16
C GLN A 231 -33.74 -0.38 32.03
N GLY A 232 -34.22 -0.52 30.80
CA GLY A 232 -33.33 -0.46 29.66
C GLY A 232 -33.69 -1.60 28.74
N ASN A 233 -32.82 -1.96 27.82
CA ASN A 233 -33.18 -3.05 26.93
C ASN A 233 -32.52 -4.33 27.22
N ALA A 234 -33.27 -5.13 27.93
CA ALA A 234 -32.80 -6.42 28.33
C ALA A 234 -33.93 -6.95 29.17
N THR A 235 -34.39 -8.14 28.82
CA THR A 235 -35.45 -8.77 29.58
C THR A 235 -34.94 -10.10 30.05
N ALA A 236 -35.35 -10.46 31.25
CA ALA A 236 -34.98 -11.73 31.79
C ALA A 236 -36.14 -12.67 31.49
N LEU A 237 -35.84 -13.87 31.01
CA LEU A 237 -36.88 -14.84 30.75
C LEU A 237 -36.63 -15.97 31.75
N PHE A 238 -37.63 -16.27 32.57
CA PHE A 238 -37.51 -17.34 33.56
C PHE A 238 -38.43 -18.49 33.12
N ILE A 239 -37.84 -19.64 32.80
CA ILE A 239 -38.62 -20.78 32.36
C ILE A 239 -38.88 -21.81 33.49
N LEU A 240 -40.15 -22.06 33.77
CA LEU A 240 -40.48 -23.04 34.79
C LEU A 240 -41.11 -24.26 34.13
N PRO A 241 -40.33 -25.33 33.95
CA PRO A 241 -40.83 -26.56 33.33
C PRO A 241 -41.79 -27.23 34.29
N SER A 242 -42.85 -27.84 33.77
CA SER A 242 -43.80 -28.51 34.64
C SER A 242 -43.13 -29.67 35.38
N GLU A 243 -43.73 -30.06 36.49
CA GLU A 243 -43.21 -31.15 37.31
C GLU A 243 -42.75 -32.39 36.53
N GLY A 244 -41.44 -32.65 36.60
CA GLY A 244 -40.85 -33.78 35.93
C GLY A 244 -40.46 -33.59 34.49
N LYS A 245 -40.54 -32.36 33.99
CA LYS A 245 -40.23 -32.11 32.58
C LYS A 245 -39.00 -31.28 32.24
N MET A 246 -38.24 -30.84 33.23
CA MET A 246 -37.05 -30.06 32.95
C MET A 246 -36.28 -30.64 31.74
N GLN A 247 -35.95 -31.93 31.80
CA GLN A 247 -35.24 -32.58 30.70
C GLN A 247 -35.94 -32.35 29.36
N GLN A 248 -37.26 -32.53 29.35
CA GLN A 248 -38.01 -32.36 28.12
C GLN A 248 -37.83 -30.97 27.53
N VAL A 249 -38.08 -29.93 28.31
CA VAL A 249 -37.94 -28.57 27.80
C VAL A 249 -36.50 -28.26 27.39
N GLU A 250 -35.54 -28.81 28.13
CA GLU A 250 -34.14 -28.58 27.81
C GLU A 250 -33.86 -29.10 26.41
N ASN A 251 -34.44 -30.26 26.08
CA ASN A 251 -34.23 -30.82 24.75
C ASN A 251 -34.93 -29.97 23.68
N GLY A 252 -36.08 -29.41 24.03
CA GLY A 252 -36.83 -28.60 23.10
C GLY A 252 -36.30 -27.19 22.91
N LEU A 253 -35.31 -26.77 23.70
CA LEU A 253 -34.78 -25.42 23.55
C LEU A 253 -34.18 -25.26 22.15
N SER A 254 -34.46 -24.12 21.52
CA SER A 254 -33.97 -23.82 20.18
C SER A 254 -34.17 -22.35 19.83
N GLU A 255 -33.47 -21.90 18.81
CA GLU A 255 -33.59 -20.51 18.39
C GLU A 255 -35.03 -20.28 17.95
N LYS A 256 -35.59 -21.28 17.26
CA LYS A 256 -36.97 -21.20 16.78
C LYS A 256 -37.97 -21.09 17.94
N THR A 257 -37.74 -21.90 18.97
CA THR A 257 -38.60 -21.87 20.13
C THR A 257 -38.58 -20.47 20.75
N LEU A 258 -37.39 -19.91 20.94
CA LEU A 258 -37.30 -18.58 21.53
C LEU A 258 -38.09 -17.57 20.70
N ARG A 259 -38.01 -17.66 19.38
CA ARG A 259 -38.76 -16.74 18.53
C ARG A 259 -40.25 -16.94 18.77
N LYS A 260 -40.68 -18.20 18.74
CA LYS A 260 -42.07 -18.58 18.97
C LYS A 260 -42.53 -18.01 20.29
N TRP A 261 -41.79 -18.30 21.36
CA TRP A 261 -42.12 -17.81 22.69
C TRP A 261 -42.27 -16.30 22.73
N LEU A 262 -41.40 -15.59 22.01
CA LEU A 262 -41.41 -14.13 22.01
C LEU A 262 -42.69 -13.45 21.55
N LYS A 263 -43.34 -13.95 20.50
CA LYS A 263 -44.57 -13.28 20.08
C LYS A 263 -45.79 -13.96 20.70
N MET A 264 -45.58 -15.14 21.26
CA MET A 264 -46.62 -15.91 21.93
C MET A 264 -46.96 -15.12 23.22
N PHE A 265 -45.99 -14.32 23.66
CA PHE A 265 -46.11 -13.51 24.88
C PHE A 265 -47.27 -12.52 24.95
N LYS A 266 -48.11 -12.71 25.97
CA LYS A 266 -49.25 -11.85 26.23
C LYS A 266 -49.21 -11.52 27.73
N LYS A 267 -49.39 -10.24 28.07
CA LYS A 267 -49.35 -9.83 29.47
C LYS A 267 -50.49 -10.40 30.30
N ARG A 268 -50.18 -10.73 31.55
CA ARG A 268 -51.19 -11.29 32.43
C ARG A 268 -50.95 -10.89 33.88
N GLN A 269 -52.05 -10.77 34.63
CA GLN A 269 -51.99 -10.43 36.04
C GLN A 269 -51.38 -11.65 36.73
N LEU A 270 -50.21 -11.46 37.32
CA LEU A 270 -49.47 -12.56 37.96
C LEU A 270 -48.92 -12.20 39.34
N GLU A 271 -48.96 -13.18 40.24
CA GLU A 271 -48.39 -12.97 41.55
C GLU A 271 -47.13 -13.86 41.50
N LEU A 272 -46.07 -13.26 40.98
CA LEU A 272 -44.78 -13.93 40.79
C LEU A 272 -43.92 -14.13 42.05
N TYR A 273 -43.42 -15.36 42.20
CA TYR A 273 -42.56 -15.72 43.31
C TYR A 273 -41.24 -16.21 42.72
N LEU A 274 -40.19 -15.42 42.88
CA LEU A 274 -38.89 -15.75 42.32
C LEU A 274 -37.81 -15.86 43.38
N PRO A 275 -37.02 -16.92 43.34
CA PRO A 275 -36.02 -16.93 44.40
C PRO A 275 -34.85 -16.00 44.12
N LYS A 276 -34.37 -15.33 45.17
CA LYS A 276 -33.21 -14.46 45.04
C LYS A 276 -32.09 -15.48 44.93
N PHE A 277 -31.25 -15.35 43.92
CA PHE A 277 -30.20 -16.35 43.75
C PHE A 277 -28.93 -15.83 43.14
N SER A 278 -27.95 -16.72 43.10
CA SER A 278 -26.65 -16.44 42.56
C SER A 278 -25.98 -17.74 42.15
N ILE A 279 -25.54 -17.82 40.90
CA ILE A 279 -24.90 -19.03 40.41
C ILE A 279 -23.72 -18.68 39.50
N GLU A 280 -22.98 -19.71 39.09
CA GLU A 280 -21.84 -19.49 38.22
C GLU A 280 -21.38 -20.78 37.53
N GLY A 281 -20.66 -20.62 36.44
CA GLY A 281 -20.16 -21.77 35.74
C GLY A 281 -18.76 -21.54 35.23
N SER A 282 -17.96 -22.60 35.24
CA SER A 282 -16.59 -22.59 34.76
C SER A 282 -16.53 -23.80 33.83
N TYR A 283 -16.06 -23.58 32.61
CA TYR A 283 -15.96 -24.65 31.64
C TYR A 283 -14.69 -24.55 30.79
N GLN A 284 -14.16 -25.72 30.44
CA GLN A 284 -12.99 -25.82 29.57
C GLN A 284 -13.68 -26.16 28.25
N LEU A 285 -13.92 -25.14 27.44
CA LEU A 285 -14.65 -25.36 26.20
C LEU A 285 -13.97 -26.26 25.21
N GLU A 286 -12.63 -26.32 25.22
CA GLU A 286 -11.92 -27.20 24.30
C GLU A 286 -12.38 -28.66 24.48
N LYS A 287 -13.04 -28.93 25.59
CA LYS A 287 -13.52 -30.27 25.88
C LYS A 287 -14.95 -30.52 25.42
N VAL A 288 -15.76 -29.47 25.35
CA VAL A 288 -17.15 -29.66 24.95
C VAL A 288 -17.49 -29.30 23.51
N LEU A 289 -16.74 -28.39 22.91
CA LEU A 289 -17.03 -27.97 21.54
C LEU A 289 -16.92 -29.03 20.45
N PRO A 290 -16.10 -30.08 20.65
CA PRO A 290 -16.07 -31.07 19.58
C PRO A 290 -17.39 -31.84 19.48
N SER A 291 -18.26 -31.62 20.47
CA SER A 291 -19.58 -32.24 20.52
C SER A 291 -20.48 -31.47 19.57
N LEU A 292 -19.97 -30.32 19.15
CA LEU A 292 -20.69 -29.44 18.24
C LEU A 292 -19.93 -29.44 16.94
N GLY A 293 -19.02 -30.39 16.79
CA GLY A 293 -18.25 -30.51 15.58
C GLY A 293 -17.02 -29.63 15.49
N ILE A 294 -16.68 -28.94 16.57
CA ILE A 294 -15.52 -28.06 16.59
C ILE A 294 -14.40 -28.80 17.31
N SER A 295 -13.60 -29.54 16.54
CA SER A 295 -12.53 -30.34 17.12
C SER A 295 -11.11 -30.05 16.64
N ASN A 296 -10.94 -29.88 15.33
CA ASN A 296 -9.62 -29.64 14.78
C ASN A 296 -8.81 -28.52 15.44
N VAL A 297 -9.32 -27.30 15.35
CA VAL A 297 -8.67 -26.13 15.94
C VAL A 297 -8.05 -26.39 17.31
N PHE A 298 -8.59 -27.33 18.07
CA PHE A 298 -8.06 -27.63 19.39
C PHE A 298 -6.91 -28.65 19.38
N THR A 299 -6.51 -29.09 18.19
CA THR A 299 -5.46 -30.10 18.04
C THR A 299 -4.22 -29.58 17.35
N SER A 300 -3.15 -30.38 17.41
CA SER A 300 -1.91 -30.03 16.76
C SER A 300 -2.13 -30.10 15.25
N HIS A 301 -3.30 -30.59 14.85
CA HIS A 301 -3.67 -30.70 13.44
C HIS A 301 -4.38 -29.43 12.98
N ALA A 302 -4.44 -28.45 13.87
CA ALA A 302 -5.12 -27.19 13.60
C ALA A 302 -4.48 -26.40 12.47
N ASP A 303 -5.28 -25.56 11.85
CA ASP A 303 -4.82 -24.70 10.77
C ASP A 303 -5.12 -23.27 11.23
N LEU A 304 -4.17 -22.67 11.92
CA LEU A 304 -4.35 -21.31 12.42
C LEU A 304 -3.36 -20.39 11.74
N SER A 305 -3.07 -20.70 10.48
CA SER A 305 -2.13 -19.94 9.66
C SER A 305 -2.55 -18.49 9.47
N GLY A 306 -3.82 -18.19 9.72
CA GLY A 306 -4.29 -16.83 9.56
C GLY A 306 -3.88 -15.92 10.70
N ILE A 307 -3.50 -16.52 11.83
CA ILE A 307 -3.09 -15.73 13.00
C ILE A 307 -1.58 -15.49 13.00
N SER A 308 -0.81 -16.49 12.60
CA SER A 308 0.65 -16.37 12.57
C SER A 308 1.26 -17.18 11.45
N ASN A 309 2.48 -16.82 11.08
CA ASN A 309 3.19 -17.51 10.02
C ASN A 309 4.14 -18.57 10.59
N HIS A 310 4.76 -18.29 11.74
CA HIS A 310 5.67 -19.22 12.42
C HIS A 310 4.79 -20.32 12.91
N SER A 311 3.89 -20.73 12.04
CA SER A 311 2.93 -21.79 12.34
C SER A 311 3.46 -22.93 13.19
N ASN A 312 2.51 -23.74 13.66
CA ASN A 312 2.74 -24.87 14.55
C ASN A 312 1.45 -24.75 15.37
N ILE A 313 1.49 -23.68 16.18
CA ILE A 313 0.46 -23.26 17.13
C ILE A 313 -0.93 -23.85 16.92
N GLN A 314 -1.57 -24.10 18.06
CA GLN A 314 -2.90 -24.65 18.10
C GLN A 314 -3.60 -23.95 19.27
N VAL A 315 -4.78 -24.42 19.63
CA VAL A 315 -5.48 -23.84 20.76
C VAL A 315 -5.34 -24.85 21.90
N SER A 316 -4.62 -24.45 22.94
CA SER A 316 -4.41 -25.30 24.09
C SER A 316 -5.77 -25.47 24.74
N GLU A 317 -6.32 -24.39 25.30
CA GLU A 317 -7.62 -24.48 25.90
C GLU A 317 -8.44 -23.22 25.63
N MET A 318 -9.74 -23.29 25.96
CA MET A 318 -10.64 -22.15 25.78
C MET A 318 -11.50 -22.08 27.03
N VAL A 319 -10.98 -21.41 28.06
CA VAL A 319 -11.69 -21.32 29.33
C VAL A 319 -12.79 -20.30 29.32
N HIS A 320 -13.94 -20.67 29.87
CA HIS A 320 -15.08 -19.76 29.96
C HIS A 320 -15.53 -19.66 31.40
N LYS A 321 -15.89 -18.45 31.83
CA LYS A 321 -16.37 -18.28 33.19
C LYS A 321 -17.50 -17.23 33.22
N ALA A 322 -18.59 -17.58 33.90
CA ALA A 322 -19.75 -16.69 33.98
C ALA A 322 -20.38 -16.69 35.35
N VAL A 323 -20.84 -15.51 35.78
CA VAL A 323 -21.46 -15.37 37.08
C VAL A 323 -22.69 -14.48 36.97
N VAL A 324 -23.65 -14.73 37.85
CA VAL A 324 -24.87 -13.93 37.87
C VAL A 324 -25.37 -13.74 39.30
N GLU A 325 -25.92 -12.56 39.57
CA GLU A 325 -26.48 -12.20 40.86
C GLU A 325 -27.88 -11.69 40.59
N VAL A 326 -28.87 -12.21 41.32
CA VAL A 326 -30.23 -11.78 41.11
C VAL A 326 -30.91 -11.47 42.43
N ASP A 327 -31.19 -10.19 42.68
CA ASP A 327 -31.87 -9.77 43.91
C ASP A 327 -33.15 -8.96 43.68
N GLU A 328 -33.60 -8.24 44.68
CA GLU A 328 -34.82 -7.47 44.51
C GLU A 328 -34.65 -6.19 43.71
N SER A 329 -33.41 -5.73 43.54
CA SER A 329 -33.14 -4.50 42.77
C SER A 329 -33.00 -4.75 41.27
N GLY A 330 -32.30 -5.82 40.91
CA GLY A 330 -32.10 -6.13 39.51
C GLY A 330 -31.21 -7.36 39.33
N THR A 331 -30.31 -7.28 38.37
CA THR A 331 -29.40 -8.39 38.12
C THR A 331 -28.00 -7.90 37.77
N ARG A 332 -27.01 -8.73 38.13
CA ARG A 332 -25.62 -8.44 37.82
C ARG A 332 -25.05 -9.69 37.16
N ALA A 333 -24.55 -9.54 35.94
CA ALA A 333 -23.99 -10.70 35.26
C ALA A 333 -22.78 -10.36 34.40
N ALA A 334 -21.83 -11.28 34.37
CA ALA A 334 -20.62 -11.12 33.59
C ALA A 334 -20.01 -12.48 33.24
N ALA A 335 -19.15 -12.48 32.25
CA ALA A 335 -18.48 -13.71 31.86
C ALA A 335 -17.31 -13.35 31.01
N ALA A 336 -16.38 -14.29 30.90
CA ALA A 336 -15.19 -14.11 30.10
C ALA A 336 -14.84 -15.42 29.41
N THR A 337 -14.22 -15.30 28.24
CA THR A 337 -13.75 -16.44 27.45
C THR A 337 -12.28 -16.19 27.10
N GLY A 338 -11.43 -17.14 27.46
CA GLY A 338 -10.01 -16.99 27.18
C GLY A 338 -9.54 -18.06 26.21
N THR A 339 -9.13 -17.66 25.01
CA THR A 339 -8.65 -18.59 24.00
C THR A 339 -7.11 -18.60 24.02
N ILE A 340 -6.55 -19.70 24.47
CA ILE A 340 -5.12 -19.81 24.58
C ILE A 340 -4.45 -20.56 23.43
N PHE A 341 -3.51 -19.90 22.77
CA PHE A 341 -2.76 -20.48 21.64
C PHE A 341 -1.34 -20.82 22.15
N THR A 342 -0.90 -22.06 21.92
CA THR A 342 0.41 -22.51 22.34
C THR A 342 1.23 -22.87 21.12
N PHE A 343 2.52 -23.15 21.32
CA PHE A 343 3.40 -23.50 20.22
C PHE A 343 3.50 -25.00 20.00
N ARG A 344 3.80 -25.73 21.06
CA ARG A 344 3.93 -27.19 21.01
C ARG A 344 3.01 -27.87 22.03
N ASN B 3 -58.33 -11.55 37.20
CA ASN B 3 -57.82 -12.68 37.98
C ASN B 3 -56.37 -12.41 38.36
N SER B 4 -55.78 -13.35 39.09
CA SER B 4 -54.40 -13.24 39.52
C SER B 4 -53.77 -14.62 39.62
N GLN B 5 -53.23 -15.10 38.51
CA GLN B 5 -52.60 -16.42 38.48
C GLN B 5 -51.33 -16.42 39.33
N ARG B 6 -51.07 -17.54 39.99
CA ARG B 6 -49.90 -17.68 40.84
C ARG B 6 -48.77 -18.35 40.05
N LEU B 7 -47.55 -17.86 40.21
CA LEU B 7 -46.40 -18.46 39.54
C LEU B 7 -45.21 -18.43 40.51
N VAL B 8 -44.89 -19.58 41.07
CA VAL B 8 -43.81 -19.69 42.03
C VAL B 8 -42.67 -20.60 41.58
N PHE B 9 -41.51 -20.00 41.36
CA PHE B 9 -40.35 -20.75 40.93
C PHE B 9 -39.70 -21.45 42.10
N ASN B 10 -40.22 -22.61 42.48
CA ASN B 10 -39.64 -23.35 43.59
C ASN B 10 -39.05 -24.68 43.17
N ARG B 11 -38.69 -24.79 41.89
CA ARG B 11 -38.08 -26.01 41.35
C ARG B 11 -37.06 -25.52 40.33
N PRO B 12 -36.08 -26.37 39.96
CA PRO B 12 -35.07 -25.96 38.98
C PRO B 12 -35.75 -25.14 37.88
N PHE B 13 -35.04 -24.17 37.33
CA PHE B 13 -35.62 -23.35 36.27
C PHE B 13 -34.54 -22.67 35.43
N LEU B 14 -34.81 -22.51 34.15
CA LEU B 14 -33.87 -21.87 33.22
C LEU B 14 -33.92 -20.37 33.37
N MET B 15 -32.89 -19.70 32.88
CA MET B 15 -32.87 -18.25 32.90
C MET B 15 -32.22 -17.76 31.64
N PHE B 16 -32.83 -16.74 31.02
CA PHE B 16 -32.32 -16.12 29.81
C PHE B 16 -32.17 -14.64 30.11
N ILE B 17 -31.10 -14.02 29.63
CA ILE B 17 -30.99 -12.57 29.80
C ILE B 17 -30.91 -12.11 28.36
N VAL B 18 -32.04 -11.74 27.80
CA VAL B 18 -32.05 -11.35 26.41
C VAL B 18 -32.00 -9.87 26.09
N ASP B 19 -31.23 -9.61 25.04
CA ASP B 19 -30.98 -8.31 24.44
C ASP B 19 -31.70 -8.54 23.13
N ASN B 20 -31.04 -8.26 22.01
CA ASN B 20 -31.65 -8.57 20.74
C ASN B 20 -31.05 -9.93 20.48
N ASN B 21 -30.03 -10.24 21.28
CA ASN B 21 -29.31 -11.51 21.22
C ASN B 21 -29.43 -12.16 22.58
N ILE B 22 -28.96 -13.40 22.67
CA ILE B 22 -28.98 -14.08 23.95
C ILE B 22 -27.67 -13.77 24.66
N LEU B 23 -27.75 -12.97 25.72
CA LEU B 23 -26.58 -12.56 26.49
C LEU B 23 -26.13 -13.60 27.50
N PHE B 24 -27.08 -14.13 28.26
CA PHE B 24 -26.76 -15.13 29.26
C PHE B 24 -27.82 -16.23 29.27
N LEU B 25 -27.39 -17.43 29.62
CA LEU B 25 -28.28 -18.56 29.67
C LEU B 25 -27.75 -19.49 30.73
N GLY B 26 -28.65 -20.05 31.53
CA GLY B 26 -28.25 -20.98 32.57
C GLY B 26 -29.43 -21.69 33.20
N LYS B 27 -29.13 -22.67 34.04
CA LYS B 27 -30.14 -23.42 34.76
C LYS B 27 -29.89 -23.20 36.24
N VAL B 28 -30.94 -22.83 36.99
CA VAL B 28 -30.81 -22.66 38.42
C VAL B 28 -31.37 -23.95 38.96
N ASN B 29 -30.46 -24.86 39.31
CA ASN B 29 -30.82 -26.16 39.81
C ASN B 29 -30.96 -26.13 41.32
N ARG B 30 -30.28 -25.17 41.93
CA ARG B 30 -30.29 -25.03 43.38
C ARG B 30 -29.78 -23.65 43.77
N PRO B 31 -30.67 -22.76 44.26
CA PRO B 31 -30.23 -21.43 44.66
C PRO B 31 -28.98 -21.51 45.52
N ARG C 17 37.95 -15.73 14.33
CA ARG C 17 37.23 -14.73 15.18
C ARG C 17 36.60 -13.60 14.34
N ASP C 18 35.68 -12.86 14.96
CA ASP C 18 35.02 -11.75 14.28
C ASP C 18 35.62 -10.43 14.69
N PHE C 19 36.38 -9.80 13.80
CA PHE C 19 37.01 -8.52 14.11
C PHE C 19 36.03 -7.40 14.40
N THR C 20 35.09 -7.15 13.49
CA THR C 20 34.15 -6.06 13.70
C THR C 20 33.16 -6.22 14.87
N PHE C 21 32.79 -7.45 15.21
CA PHE C 21 31.86 -7.62 16.35
C PHE C 21 32.55 -7.85 17.71
N ASP C 22 33.74 -8.45 17.70
CA ASP C 22 34.48 -8.61 18.94
C ASP C 22 34.84 -7.18 19.38
N LEU C 23 35.06 -6.31 18.40
CA LEU C 23 35.39 -4.91 18.67
C LEU C 23 34.16 -4.21 19.24
N TYR C 24 33.02 -4.37 18.56
CA TYR C 24 31.78 -3.77 19.00
C TYR C 24 31.60 -4.06 20.47
N ARG C 25 31.77 -5.34 20.83
CA ARG C 25 31.61 -5.74 22.22
C ARG C 25 32.61 -5.08 23.13
N ALA C 26 33.87 -5.05 22.71
CA ALA C 26 34.90 -4.43 23.53
C ALA C 26 34.48 -2.98 23.78
N LEU C 27 33.95 -2.33 22.75
CA LEU C 27 33.51 -0.94 22.91
C LEU C 27 32.27 -0.85 23.77
N ALA C 28 31.34 -1.79 23.60
CA ALA C 28 30.12 -1.77 24.40
C ALA C 28 30.42 -2.14 25.85
N SER C 29 31.20 -3.19 26.06
CA SER C 29 31.56 -3.61 27.42
C SER C 29 32.27 -2.50 28.18
N ALA C 30 33.00 -1.67 27.45
CA ALA C 30 33.75 -0.57 28.08
C ALA C 30 32.89 0.65 28.40
N ALA C 31 31.81 0.85 27.65
CA ALA C 31 30.93 2.00 27.87
C ALA C 31 29.48 1.54 28.02
N PRO C 32 29.20 0.67 29.01
CA PRO C 32 27.94 0.06 29.41
C PRO C 32 26.58 0.51 28.86
N SER C 33 26.10 1.67 29.26
CA SER C 33 24.80 2.02 28.70
C SER C 33 24.81 3.40 28.08
N GLN C 34 25.63 3.52 27.04
CA GLN C 34 25.78 4.75 26.30
C GLN C 34 25.79 4.40 24.81
N ASN C 35 25.60 5.41 23.96
CA ASN C 35 25.62 5.20 22.53
C ASN C 35 26.99 4.70 22.09
N ILE C 36 27.04 4.19 20.87
CA ILE C 36 28.28 3.71 20.29
C ILE C 36 28.19 3.83 18.78
N PHE C 37 29.27 4.26 18.16
CA PHE C 37 29.28 4.39 16.71
C PHE C 37 30.71 4.42 16.22
N PHE C 38 31.02 3.54 15.28
CA PHE C 38 32.36 3.48 14.71
C PHE C 38 32.28 2.88 13.32
N SER C 39 33.34 3.06 12.53
CA SER C 39 33.39 2.52 11.19
C SER C 39 34.35 1.35 11.12
N PRO C 40 33.80 0.14 11.04
CA PRO C 40 34.63 -1.06 10.97
C PRO C 40 35.70 -0.99 9.86
N VAL C 41 35.29 -0.64 8.64
CA VAL C 41 36.25 -0.56 7.54
C VAL C 41 37.38 0.38 7.88
N SER C 42 37.03 1.57 8.35
CA SER C 42 38.04 2.55 8.69
C SER C 42 39.15 1.94 9.54
N ILE C 43 38.76 1.24 10.58
CA ILE C 43 39.71 0.64 11.50
C ILE C 43 40.39 -0.61 10.93
N SER C 44 39.60 -1.50 10.34
CA SER C 44 40.17 -2.72 9.76
C SER C 44 41.22 -2.37 8.70
N MET C 45 40.90 -1.38 7.89
CA MET C 45 41.80 -0.94 6.84
C MET C 45 43.07 -0.31 7.44
N SER C 46 42.91 0.47 8.50
CA SER C 46 44.06 1.10 9.13
C SER C 46 44.99 0.01 9.59
N LEU C 47 44.40 -1.05 10.13
CA LEU C 47 45.17 -2.18 10.63
C LEU C 47 45.85 -2.93 9.49
N ALA C 48 45.12 -3.12 8.41
CA ALA C 48 45.69 -3.81 7.27
C ALA C 48 46.93 -3.02 6.86
N MET C 49 46.74 -1.72 6.59
CA MET C 49 47.85 -0.86 6.20
C MET C 49 48.92 -1.01 7.27
N LEU C 50 48.51 -0.92 8.53
CA LEU C 50 49.46 -1.04 9.62
C LEU C 50 50.32 -2.30 9.56
N SER C 51 49.71 -3.43 9.19
CA SER C 51 50.46 -4.67 9.10
C SER C 51 51.43 -4.67 7.92
N LEU C 52 51.19 -3.80 6.95
CA LEU C 52 52.02 -3.70 5.77
C LEU C 52 53.47 -3.47 6.20
N GLY C 53 53.63 -2.82 7.35
CA GLY C 53 54.96 -2.56 7.86
C GLY C 53 55.27 -3.21 9.20
N ALA C 54 54.62 -4.33 9.47
CA ALA C 54 54.87 -5.04 10.73
C ALA C 54 55.50 -6.37 10.41
N GLY C 55 56.09 -6.99 11.42
CA GLY C 55 56.72 -8.28 11.26
C GLY C 55 56.77 -8.96 12.60
N SER C 56 57.24 -10.20 12.66
CA SER C 56 57.34 -10.91 13.94
C SER C 56 55.95 -11.09 14.54
N SER C 57 55.92 -11.23 15.86
CA SER C 57 54.67 -11.41 16.57
C SER C 57 53.73 -10.21 16.45
N THR C 58 54.27 -9.00 16.52
CA THR C 58 53.42 -7.81 16.46
C THR C 58 52.56 -7.80 15.20
N LYS C 59 53.00 -8.54 14.19
CA LYS C 59 52.25 -8.64 12.96
C LYS C 59 51.20 -9.72 13.10
N MET C 60 51.64 -10.87 13.61
CA MET C 60 50.76 -12.02 13.80
C MET C 60 49.49 -11.64 14.54
N GLN C 61 49.63 -10.73 15.52
CA GLN C 61 48.48 -10.30 16.29
C GLN C 61 47.52 -9.48 15.45
N ILE C 62 48.06 -8.55 14.67
CA ILE C 62 47.20 -7.70 13.83
C ILE C 62 46.42 -8.52 12.82
N LEU C 63 47.03 -9.58 12.29
CA LEU C 63 46.38 -10.43 11.31
C LEU C 63 45.42 -11.43 11.97
N GLU C 64 45.74 -11.86 13.18
CA GLU C 64 44.87 -12.79 13.88
C GLU C 64 43.71 -12.00 14.48
N GLY C 65 43.94 -10.70 14.64
CA GLY C 65 42.93 -9.82 15.18
C GLY C 65 41.96 -9.36 14.10
N LEU C 66 42.34 -9.58 12.85
CA LEU C 66 41.48 -9.24 11.72
C LEU C 66 40.75 -10.50 11.32
N GLY C 67 41.08 -11.62 11.96
CA GLY C 67 40.43 -12.88 11.66
C GLY C 67 40.95 -13.57 10.42
N LEU C 68 42.23 -13.34 10.12
CA LEU C 68 42.85 -13.95 8.97
C LEU C 68 43.34 -15.36 9.26
N ASN C 69 42.83 -16.31 8.48
CA ASN C 69 43.23 -17.69 8.63
C ASN C 69 44.44 -17.85 7.73
N LEU C 70 45.62 -17.95 8.36
CA LEU C 70 46.85 -18.11 7.60
C LEU C 70 46.60 -19.12 6.50
N GLN C 71 45.74 -20.09 6.80
CA GLN C 71 45.34 -21.12 5.86
C GLN C 71 43.90 -20.79 5.48
N LYS C 72 43.62 -20.69 4.18
CA LYS C 72 42.30 -20.38 3.62
C LYS C 72 42.36 -19.07 2.84
N SER C 73 43.23 -18.16 3.28
CA SER C 73 43.38 -16.87 2.63
C SER C 73 44.68 -16.22 3.07
N SER C 74 45.40 -15.65 2.12
CA SER C 74 46.67 -15.01 2.40
C SER C 74 46.58 -13.51 2.67
N GLU C 75 47.71 -12.95 3.05
CA GLU C 75 47.83 -11.52 3.35
C GLU C 75 47.53 -10.75 2.06
N LYS C 76 47.99 -11.30 0.94
CA LYS C 76 47.80 -10.68 -0.36
C LYS C 76 46.32 -10.41 -0.62
N GLU C 77 45.47 -11.38 -0.27
CA GLU C 77 44.04 -11.24 -0.49
C GLU C 77 43.52 -10.06 0.30
N LEU C 78 43.99 -9.90 1.53
CA LEU C 78 43.55 -8.80 2.38
C LEU C 78 43.73 -7.45 1.66
N HIS C 79 44.95 -7.16 1.22
CA HIS C 79 45.21 -5.90 0.56
C HIS C 79 44.55 -5.80 -0.81
N ARG C 80 44.57 -6.88 -1.57
CA ARG C 80 43.94 -6.85 -2.89
C ARG C 80 42.48 -6.45 -2.71
N GLY C 81 41.89 -7.02 -1.66
CA GLY C 81 40.49 -6.76 -1.34
C GLY C 81 40.24 -5.30 -1.06
N PHE C 82 41.04 -4.69 -0.18
CA PHE C 82 40.88 -3.29 0.13
C PHE C 82 41.17 -2.42 -1.11
N GLN C 83 42.22 -2.78 -1.84
CA GLN C 83 42.58 -2.06 -3.05
C GLN C 83 41.35 -1.99 -3.94
N GLN C 84 40.76 -3.16 -4.19
CA GLN C 84 39.58 -3.25 -5.03
C GLN C 84 38.49 -2.32 -4.50
N LEU C 85 38.31 -2.35 -3.18
CA LEU C 85 37.30 -1.53 -2.53
C LEU C 85 37.49 -0.05 -2.87
N LEU C 86 38.72 0.41 -2.82
CA LEU C 86 39.00 1.81 -3.09
C LEU C 86 38.82 2.16 -4.57
N GLN C 87 39.28 1.29 -5.46
CA GLN C 87 39.20 1.54 -6.90
C GLN C 87 37.78 1.49 -7.45
N GLU C 88 36.98 0.58 -6.92
CA GLU C 88 35.61 0.41 -7.36
C GLU C 88 34.58 1.36 -6.75
N LEU C 89 35.06 2.43 -6.13
CA LEU C 89 34.16 3.42 -5.56
C LEU C 89 33.81 4.34 -6.70
N ASN C 90 32.55 4.73 -6.78
CA ASN C 90 32.11 5.64 -7.82
C ASN C 90 32.15 6.99 -7.13
N GLN C 91 31.86 8.07 -7.84
CA GLN C 91 31.91 9.34 -7.15
C GLN C 91 30.62 10.12 -6.93
N PRO C 92 30.63 10.98 -5.90
CA PRO C 92 29.55 11.85 -5.44
C PRO C 92 28.39 12.02 -6.38
N ARG C 93 27.42 11.12 -6.30
CA ARG C 93 26.27 11.28 -7.13
C ARG C 93 25.58 12.53 -6.58
N ASP C 94 24.79 12.38 -5.52
CA ASP C 94 24.08 13.52 -4.95
C ASP C 94 23.07 12.95 -3.97
N GLY C 95 22.42 11.87 -4.40
CA GLY C 95 21.45 11.18 -3.56
C GLY C 95 22.16 9.99 -2.95
N PHE C 96 23.48 9.94 -3.14
CA PHE C 96 24.31 8.86 -2.60
C PHE C 96 25.78 9.17 -2.86
N GLN C 97 26.54 9.25 -1.79
CA GLN C 97 27.95 9.56 -1.83
C GLN C 97 28.68 8.68 -0.82
N LEU C 98 29.76 8.05 -1.26
CA LEU C 98 30.55 7.18 -0.39
C LEU C 98 32.00 7.25 -0.81
N SER C 99 32.84 7.77 0.07
CA SER C 99 34.26 7.84 -0.25
C SER C 99 35.17 7.55 0.94
N LEU C 100 36.24 6.82 0.68
CA LEU C 100 37.23 6.50 1.68
C LEU C 100 38.56 7.07 1.20
N GLY C 101 39.59 6.99 2.02
CA GLY C 101 40.88 7.52 1.62
C GLY C 101 41.95 7.34 2.67
N ASN C 102 43.20 7.39 2.22
CA ASN C 102 44.33 7.22 3.12
C ASN C 102 45.44 8.23 2.80
N ALA C 103 46.13 8.69 3.83
CA ALA C 103 47.19 9.66 3.67
C ALA C 103 48.29 9.36 4.67
N LEU C 104 49.51 9.78 4.36
CA LEU C 104 50.65 9.56 5.26
C LEU C 104 51.44 10.83 5.58
N PHE C 105 51.03 11.56 6.62
CA PHE C 105 51.75 12.78 7.00
C PHE C 105 53.08 12.34 7.58
N THR C 106 54.16 12.62 6.88
CA THR C 106 55.50 12.23 7.31
C THR C 106 56.37 13.41 7.71
N ASP C 107 57.20 13.21 8.73
CA ASP C 107 58.08 14.27 9.26
C ASP C 107 59.24 14.62 8.33
N LEU C 108 59.61 15.89 8.31
CA LEU C 108 60.70 16.38 7.47
C LEU C 108 61.87 15.41 7.44
N VAL C 109 62.29 14.95 8.62
CA VAL C 109 63.40 14.01 8.68
C VAL C 109 63.02 12.72 9.41
N VAL C 110 62.85 11.66 8.63
CA VAL C 110 62.52 10.32 9.13
C VAL C 110 62.84 9.43 7.94
N ASP C 111 63.24 8.19 8.19
CA ASP C 111 63.56 7.28 7.08
C ASP C 111 62.61 6.08 7.00
N LEU C 112 61.81 6.03 5.94
CA LEU C 112 60.84 4.94 5.76
C LEU C 112 61.18 3.99 4.60
N GLN C 113 60.82 2.72 4.76
CA GLN C 113 61.06 1.72 3.73
C GLN C 113 60.42 2.16 2.42
N ASP C 114 61.06 1.82 1.30
CA ASP C 114 60.53 2.19 -0.01
C ASP C 114 59.36 1.29 -0.32
N THR C 115 59.50 0.03 0.10
CA THR C 115 58.46 -0.96 -0.10
C THR C 115 57.18 -0.52 0.59
N PHE C 116 57.30 -0.06 1.83
CA PHE C 116 56.13 0.39 2.58
C PHE C 116 55.42 1.54 1.89
N VAL C 117 56.14 2.62 1.62
CA VAL C 117 55.56 3.79 0.96
C VAL C 117 55.02 3.43 -0.40
N SER C 118 55.73 2.55 -1.08
CA SER C 118 55.31 2.12 -2.39
C SER C 118 53.99 1.35 -2.26
N ALA C 119 53.98 0.33 -1.42
CA ALA C 119 52.79 -0.50 -1.19
C ALA C 119 51.58 0.32 -0.71
N MET C 120 51.85 1.41 0.01
CA MET C 120 50.80 2.29 0.52
C MET C 120 50.11 3.08 -0.59
N LYS C 121 50.86 3.45 -1.62
CA LYS C 121 50.28 4.21 -2.73
C LYS C 121 49.58 3.29 -3.70
N THR C 122 50.20 2.14 -3.97
CA THR C 122 49.66 1.19 -4.92
C THR C 122 48.39 0.49 -4.42
N LEU C 123 48.50 -0.14 -3.25
CA LEU C 123 47.40 -0.88 -2.64
C LEU C 123 46.34 -0.01 -1.99
N TYR C 124 46.76 0.94 -1.16
CA TYR C 124 45.80 1.76 -0.46
C TYR C 124 45.64 3.18 -0.96
N LEU C 125 46.12 3.44 -2.18
CA LEU C 125 46.02 4.76 -2.77
C LEU C 125 46.41 5.84 -1.77
N ALA C 126 47.42 5.54 -0.97
CA ALA C 126 47.90 6.47 0.05
C ALA C 126 49.01 7.40 -0.43
N ASP C 127 48.74 8.68 -0.36
CA ASP C 127 49.69 9.72 -0.77
C ASP C 127 50.31 10.34 0.50
N THR C 128 51.61 10.55 0.52
CA THR C 128 52.23 11.13 1.72
C THR C 128 52.30 12.67 1.70
N PHE C 129 52.42 13.25 2.89
CA PHE C 129 52.50 14.70 3.05
C PHE C 129 53.59 15.01 4.06
N PRO C 130 54.64 15.76 3.67
CA PRO C 130 55.63 16.01 4.72
C PRO C 130 54.98 16.91 5.76
N THR C 131 55.37 16.70 7.01
CA THR C 131 54.81 17.45 8.12
C THR C 131 55.86 17.79 9.15
N ASN C 132 55.69 18.93 9.81
CA ASN C 132 56.66 19.34 10.82
C ASN C 132 56.16 19.02 12.23
N PHE C 133 56.52 17.85 12.71
CA PHE C 133 56.08 17.42 14.04
C PHE C 133 56.70 18.16 15.22
N ARG C 134 57.90 18.72 15.05
CA ARG C 134 58.53 19.46 16.15
C ARG C 134 57.55 20.56 16.57
N ASP C 135 56.73 21.01 15.62
CA ASP C 135 55.72 22.04 15.90
C ASP C 135 54.39 21.33 16.10
N SER C 136 54.33 20.53 17.17
CA SER C 136 53.13 19.78 17.50
C SER C 136 51.84 20.57 17.30
N ALA C 137 51.68 21.67 18.04
CA ALA C 137 50.48 22.49 17.92
C ALA C 137 50.16 22.81 16.45
N GLY C 138 51.18 22.76 15.59
CA GLY C 138 50.99 23.06 14.18
C GLY C 138 50.50 21.88 13.36
N ALA C 139 51.19 20.75 13.45
CA ALA C 139 50.83 19.55 12.71
C ALA C 139 49.37 19.19 12.95
N MET C 140 48.91 19.40 14.19
CA MET C 140 47.53 19.10 14.52
C MET C 140 46.57 19.83 13.58
N LYS C 141 46.74 21.13 13.45
CA LYS C 141 45.85 21.87 12.56
C LYS C 141 45.98 21.34 11.13
N GLN C 142 47.22 21.06 10.71
CA GLN C 142 47.43 20.55 9.35
C GLN C 142 46.54 19.34 9.14
N ILE C 143 46.89 18.24 9.80
CA ILE C 143 46.14 16.98 9.69
C ILE C 143 44.66 17.12 10.04
N ASN C 144 44.38 17.79 11.15
CA ASN C 144 43.01 18.01 11.58
C ASN C 144 42.20 18.61 10.43
N ASP C 145 42.75 19.65 9.80
CA ASP C 145 42.07 20.30 8.69
C ASP C 145 41.85 19.32 7.56
N TYR C 146 42.86 18.48 7.30
CA TYR C 146 42.76 17.49 6.24
C TYR C 146 41.57 16.60 6.56
N VAL C 147 41.65 15.86 7.65
CA VAL C 147 40.55 14.96 8.02
C VAL C 147 39.22 15.70 7.92
N ALA C 148 39.19 16.97 8.28
CA ALA C 148 37.93 17.72 8.23
C ALA C 148 37.43 17.96 6.81
N LYS C 149 38.35 18.31 5.92
CA LYS C 149 37.96 18.56 4.54
C LYS C 149 37.44 17.27 3.91
N GLN C 150 38.16 16.18 4.14
CA GLN C 150 37.77 14.88 3.58
C GLN C 150 36.41 14.40 4.10
N THR C 151 36.02 14.84 5.30
CA THR C 151 34.76 14.41 5.87
C THR C 151 33.67 15.46 5.83
N LYS C 152 33.82 16.43 4.92
CA LYS C 152 32.84 17.50 4.78
C LYS C 152 32.50 18.16 6.12
N GLY C 153 33.54 18.48 6.88
CA GLY C 153 33.35 19.14 8.18
C GLY C 153 32.68 18.31 9.26
N LYS C 154 32.69 16.99 9.12
CA LYS C 154 32.07 16.12 10.11
C LYS C 154 33.03 15.68 11.23
N ILE C 155 34.21 15.19 10.87
CA ILE C 155 35.18 14.79 11.88
C ILE C 155 36.18 15.93 11.99
N VAL C 156 35.87 16.86 12.90
CA VAL C 156 36.69 18.03 13.11
C VAL C 156 38.05 17.79 13.77
N ASP C 157 38.12 17.98 15.08
CA ASP C 157 39.38 17.84 15.81
C ASP C 157 39.82 16.43 16.14
N LEU C 158 40.19 15.67 15.11
CA LEU C 158 40.61 14.28 15.29
C LEU C 158 41.69 14.10 16.35
N LEU C 159 42.75 14.89 16.25
CA LEU C 159 43.85 14.80 17.21
C LEU C 159 43.67 15.84 18.31
N LYS C 160 44.25 15.60 19.48
CA LYS C 160 44.12 16.51 20.61
C LYS C 160 45.43 16.93 21.26
N ASN C 161 46.43 16.06 21.26
CA ASN C 161 47.70 16.40 21.90
C ASN C 161 48.89 15.65 21.35
N LEU C 162 49.06 15.67 20.03
CA LEU C 162 50.17 14.96 19.42
C LEU C 162 51.50 15.22 20.12
N ASP C 163 52.15 14.11 20.47
CA ASP C 163 53.45 14.11 21.14
C ASP C 163 54.46 14.72 20.20
N SER C 164 55.53 15.29 20.74
CA SER C 164 56.53 15.91 19.87
C SER C 164 57.41 14.81 19.25
N ASN C 165 57.32 13.61 19.81
CA ASN C 165 58.07 12.47 19.29
C ASN C 165 57.45 11.84 18.06
N ALA C 166 56.30 12.37 17.64
CA ALA C 166 55.60 11.85 16.47
C ALA C 166 56.47 12.02 15.23
N VAL C 167 56.59 10.96 14.42
CA VAL C 167 57.38 11.02 13.20
C VAL C 167 56.51 10.72 11.98
N VAL C 168 55.32 10.18 12.23
CA VAL C 168 54.40 9.86 11.14
C VAL C 168 53.00 9.57 11.61
N ILE C 169 52.03 10.13 10.89
CA ILE C 169 50.63 9.95 11.21
C ILE C 169 49.86 9.44 10.00
N MET C 170 49.48 8.18 10.07
CA MET C 170 48.73 7.48 9.02
C MET C 170 47.24 7.74 9.26
N VAL C 171 46.55 8.29 8.27
CA VAL C 171 45.13 8.60 8.42
C VAL C 171 44.21 7.98 7.37
N ASN C 172 43.09 7.43 7.85
CA ASN C 172 42.08 6.85 6.98
C ASN C 172 40.79 7.56 7.32
N TYR C 173 39.94 7.76 6.32
CA TYR C 173 38.67 8.42 6.55
C TYR C 173 37.62 7.74 5.70
N ILE C 174 36.38 8.05 6.00
CA ILE C 174 35.29 7.48 5.25
C ILE C 174 34.20 8.51 5.38
N PHE C 175 33.53 8.80 4.27
CA PHE C 175 32.45 9.77 4.27
C PHE C 175 31.26 9.21 3.51
N PHE C 176 30.11 9.25 4.17
CA PHE C 176 28.90 8.72 3.59
C PHE C 176 27.76 9.67 3.78
N LYS C 177 27.08 9.93 2.69
CA LYS C 177 25.91 10.78 2.68
C LYS C 177 25.07 10.18 1.58
N ALA C 178 23.83 9.85 1.89
CA ALA C 178 22.95 9.26 0.90
C ALA C 178 21.50 9.53 1.30
N LYS C 179 20.60 9.53 0.32
CA LYS C 179 19.19 9.75 0.60
C LYS C 179 18.49 8.42 0.77
N TRP C 180 17.36 8.43 1.47
CA TRP C 180 16.60 7.20 1.64
C TRP C 180 16.00 7.00 0.25
N GLU C 181 15.77 5.75 -0.12
CA GLU C 181 15.17 5.47 -1.42
C GLU C 181 13.84 6.21 -1.48
N THR C 182 13.15 6.23 -0.35
CA THR C 182 11.87 6.93 -0.22
C THR C 182 12.00 7.68 1.09
N SER C 183 11.83 9.00 1.04
CA SER C 183 11.94 9.83 2.23
C SER C 183 10.79 9.63 3.24
N PHE C 184 10.94 10.22 4.42
CA PHE C 184 9.91 10.17 5.46
C PHE C 184 9.23 11.56 5.29
N ASN C 185 7.91 11.63 5.31
CA ASN C 185 7.25 12.93 5.17
C ASN C 185 7.49 13.68 6.48
N HIS C 186 8.36 14.68 6.46
CA HIS C 186 8.69 15.42 7.68
C HIS C 186 7.51 16.02 8.43
N LYS C 187 6.31 15.82 7.91
CA LYS C 187 5.11 16.33 8.56
C LYS C 187 4.52 15.22 9.41
N GLY C 188 4.91 13.98 9.11
CA GLY C 188 4.41 12.85 9.85
C GLY C 188 5.28 12.49 11.06
N THR C 189 6.22 13.37 11.40
CA THR C 189 7.09 13.15 12.53
C THR C 189 6.47 13.81 13.76
N GLN C 190 5.98 13.00 14.70
CA GLN C 190 5.37 13.53 15.92
C GLN C 190 6.33 13.29 17.07
N GLU C 191 6.20 14.07 18.13
CA GLU C 191 7.05 13.92 19.31
C GLU C 191 6.64 12.61 19.99
N GLN C 192 7.60 11.91 20.58
CA GLN C 192 7.25 10.64 21.20
C GLN C 192 8.22 10.15 22.25
N ASP C 193 7.71 9.39 23.21
CA ASP C 193 8.53 8.88 24.29
C ASP C 193 9.47 7.77 23.82
N PHE C 194 10.71 7.86 24.29
CA PHE C 194 11.76 6.88 23.97
C PHE C 194 12.28 6.38 25.30
N TYR C 195 12.20 5.07 25.50
CA TYR C 195 12.63 4.45 26.75
C TYR C 195 14.08 3.99 26.76
N VAL C 196 14.96 4.80 27.34
CA VAL C 196 16.37 4.45 27.45
C VAL C 196 16.38 3.15 28.25
N THR C 197 15.57 3.14 29.30
CA THR C 197 15.37 1.98 30.16
C THR C 197 13.93 2.17 30.62
N SER C 198 13.32 1.13 31.21
CA SER C 198 11.94 1.24 31.66
C SER C 198 11.75 2.42 32.59
N GLU C 199 12.84 2.90 33.18
CA GLU C 199 12.77 4.02 34.10
C GLU C 199 13.26 5.36 33.55
N THR C 200 14.36 5.35 32.80
CA THR C 200 14.89 6.57 32.20
C THR C 200 14.22 6.71 30.83
N VAL C 201 13.35 7.70 30.67
CA VAL C 201 12.68 7.88 29.39
C VAL C 201 12.82 9.32 28.93
N VAL C 202 12.88 9.52 27.60
CA VAL C 202 13.06 10.86 27.04
C VAL C 202 12.25 11.08 25.76
N ARG C 203 11.78 12.30 25.57
CA ARG C 203 11.00 12.63 24.38
C ARG C 203 11.97 12.78 23.21
N VAL C 204 11.58 12.28 22.03
CA VAL C 204 12.41 12.37 20.84
C VAL C 204 11.52 12.48 19.61
N PRO C 205 11.99 13.16 18.56
CA PRO C 205 11.17 13.28 17.36
C PRO C 205 11.21 11.95 16.62
N MET C 206 10.04 11.35 16.48
CA MET C 206 9.87 10.05 15.83
C MET C 206 9.33 10.13 14.40
N MET C 207 10.11 9.66 13.43
CA MET C 207 9.68 9.66 12.04
C MET C 207 8.81 8.41 11.81
N SER C 208 8.03 8.41 10.74
CA SER C 208 7.18 7.27 10.42
C SER C 208 6.87 7.18 8.93
N ARG C 209 6.63 5.96 8.46
CA ARG C 209 6.36 5.75 7.05
C ARG C 209 5.85 4.33 6.87
N GLU C 210 4.76 4.19 6.13
CA GLU C 210 4.18 2.89 5.86
C GLU C 210 4.76 2.43 4.53
N ASP C 211 5.36 1.25 4.51
CA ASP C 211 5.97 0.76 3.28
C ASP C 211 6.22 -0.74 3.34
N GLN C 212 6.69 -1.28 2.22
CA GLN C 212 7.01 -2.68 2.07
C GLN C 212 8.50 -2.80 2.43
N TYR C 213 8.81 -3.14 3.68
CA TYR C 213 10.21 -3.24 4.11
C TYR C 213 10.77 -4.65 4.23
N HIS C 214 12.07 -4.77 4.00
CA HIS C 214 12.75 -6.04 4.18
C HIS C 214 12.74 -6.18 5.69
N TYR C 215 12.13 -7.25 6.17
CA TYR C 215 11.96 -7.47 7.59
C TYR C 215 12.35 -8.88 8.03
N LEU C 216 12.59 -9.05 9.32
CA LEU C 216 13.00 -10.34 9.86
C LEU C 216 12.75 -10.39 11.36
N LEU C 217 12.54 -11.60 11.89
CA LEU C 217 12.31 -11.80 13.32
C LEU C 217 13.19 -12.96 13.71
N ASP C 218 14.20 -12.68 14.52
CA ASP C 218 15.11 -13.73 14.94
C ASP C 218 14.68 -14.24 16.30
N ARG C 219 13.96 -15.35 16.30
CA ARG C 219 13.49 -15.94 17.54
C ARG C 219 14.65 -16.39 18.44
N ASN C 220 15.82 -16.66 17.85
CA ASN C 220 17.01 -17.10 18.60
C ASN C 220 17.66 -15.94 19.34
N LEU C 221 18.08 -14.93 18.58
CA LEU C 221 18.74 -13.75 19.16
C LEU C 221 17.72 -12.86 19.85
N SER C 222 16.46 -13.05 19.48
CA SER C 222 15.36 -12.29 20.06
C SER C 222 15.33 -10.83 19.64
N CYS C 223 15.19 -10.59 18.34
CA CYS C 223 15.14 -9.22 17.84
C CYS C 223 14.45 -9.15 16.49
N ARG C 224 13.93 -7.99 16.14
CA ARG C 224 13.31 -7.80 14.84
C ARG C 224 14.29 -6.91 14.05
N VAL C 225 14.50 -7.25 12.79
CA VAL C 225 15.44 -6.50 11.95
C VAL C 225 14.77 -5.89 10.72
N VAL C 226 15.11 -4.66 10.39
CA VAL C 226 14.51 -4.02 9.22
C VAL C 226 15.54 -3.35 8.35
N GLY C 227 15.31 -3.42 7.05
CA GLY C 227 16.22 -2.81 6.12
C GLY C 227 15.59 -1.60 5.48
N VAL C 228 16.31 -0.49 5.50
CA VAL C 228 15.83 0.74 4.91
C VAL C 228 16.91 1.08 3.91
N PRO C 229 16.61 0.92 2.61
CA PRO C 229 17.55 1.21 1.52
C PRO C 229 17.74 2.69 1.21
N TYR C 230 18.91 3.01 0.65
CA TYR C 230 19.28 4.37 0.25
C TYR C 230 19.21 4.40 -1.29
N GLN C 231 19.35 5.59 -1.86
CA GLN C 231 19.32 5.73 -3.31
C GLN C 231 20.68 5.39 -3.90
N GLY C 232 21.18 4.20 -3.59
CA GLY C 232 22.47 3.77 -4.11
C GLY C 232 22.78 2.37 -3.62
N ASN C 233 24.03 1.93 -3.77
CA ASN C 233 24.37 0.58 -3.33
C ASN C 233 24.76 0.51 -1.86
N ALA C 234 23.77 0.65 -0.98
CA ALA C 234 23.99 0.59 0.47
C ALA C 234 22.64 0.50 1.18
N THR C 235 22.64 -0.13 2.35
CA THR C 235 21.40 -0.28 3.11
C THR C 235 21.62 0.01 4.58
N ALA C 236 20.57 0.50 5.24
CA ALA C 236 20.62 0.75 6.68
C ALA C 236 19.88 -0.42 7.30
N LEU C 237 20.41 -0.95 8.39
CA LEU C 237 19.75 -2.06 9.06
C LEU C 237 19.55 -1.65 10.49
N PHE C 238 18.30 -1.59 10.92
CA PHE C 238 18.02 -1.24 12.29
C PHE C 238 17.56 -2.51 13.03
N ILE C 239 18.26 -2.85 14.10
CA ILE C 239 17.93 -4.02 14.90
C ILE C 239 17.31 -3.61 16.23
N LEU C 240 16.09 -4.10 16.47
CA LEU C 240 15.37 -3.79 17.69
C LEU C 240 15.27 -5.04 18.55
N PRO C 241 16.04 -5.13 19.64
CA PRO C 241 15.85 -6.38 20.37
C PRO C 241 14.57 -6.32 21.20
N SER C 242 14.02 -7.48 21.57
CA SER C 242 12.80 -7.46 22.39
C SER C 242 13.19 -7.05 23.80
N GLU C 243 12.21 -6.64 24.59
CA GLU C 243 12.46 -6.16 25.95
C GLU C 243 13.47 -6.97 26.76
N GLY C 244 14.43 -6.25 27.32
CA GLY C 244 15.47 -6.88 28.12
C GLY C 244 16.40 -7.80 27.38
N LYS C 245 16.44 -7.72 26.03
CA LYS C 245 17.31 -8.59 25.26
C LYS C 245 18.48 -7.95 24.51
N MET C 246 18.68 -6.64 24.70
CA MET C 246 19.79 -5.96 24.03
C MET C 246 21.13 -6.66 24.30
N GLN C 247 21.41 -6.96 25.57
CA GLN C 247 22.65 -7.64 25.96
C GLN C 247 22.82 -8.94 25.18
N GLN C 248 21.73 -9.69 25.07
CA GLN C 248 21.73 -10.95 24.35
C GLN C 248 22.09 -10.81 22.88
N VAL C 249 21.48 -9.87 22.16
CA VAL C 249 21.82 -9.70 20.76
C VAL C 249 23.27 -9.26 20.54
N GLU C 250 23.75 -8.32 21.34
CA GLU C 250 25.12 -7.85 21.20
C GLU C 250 26.04 -9.06 21.33
N ASN C 251 25.75 -9.91 22.32
CA ASN C 251 26.55 -11.10 22.53
C ASN C 251 26.48 -11.97 21.27
N GLY C 252 25.33 -11.99 20.61
CA GLY C 252 25.16 -12.81 19.42
C GLY C 252 25.58 -12.27 18.06
N LEU C 253 25.86 -10.98 17.96
CA LEU C 253 26.25 -10.42 16.67
C LEU C 253 27.43 -11.18 16.07
N SER C 254 27.59 -11.14 14.76
CA SER C 254 28.69 -11.84 14.12
C SER C 254 28.60 -11.73 12.62
N GLU C 255 29.67 -12.11 11.95
CA GLU C 255 29.71 -12.07 10.49
C GLU C 255 28.67 -13.06 9.98
N LYS C 256 28.52 -14.15 10.72
CA LYS C 256 27.57 -15.21 10.39
C LYS C 256 26.12 -14.79 10.59
N THR C 257 25.80 -14.29 11.78
CA THR C 257 24.44 -13.85 12.09
C THR C 257 23.95 -12.89 11.01
N LEU C 258 24.85 -12.04 10.52
CA LEU C 258 24.48 -11.07 9.50
C LEU C 258 24.21 -11.71 8.15
N ARG C 259 24.88 -12.82 7.85
CA ARG C 259 24.63 -13.50 6.59
C ARG C 259 23.21 -14.05 6.72
N LYS C 260 22.94 -14.72 7.83
CA LYS C 260 21.61 -15.27 8.09
C LYS C 260 20.55 -14.20 7.87
N TRP C 261 20.64 -13.10 8.61
CA TRP C 261 19.68 -12.00 8.49
C TRP C 261 19.45 -11.53 7.07
N LEU C 262 20.52 -11.47 6.29
CA LEU C 262 20.43 -10.99 4.91
C LEU C 262 19.67 -11.89 3.94
N LYS C 263 19.81 -13.21 4.10
CA LYS C 263 19.11 -14.16 3.24
C LYS C 263 17.85 -14.67 3.94
N MET C 264 17.47 -14.00 5.03
CA MET C 264 16.31 -14.39 5.79
C MET C 264 15.28 -13.29 5.66
N PHE C 265 15.68 -12.19 5.03
CA PHE C 265 14.81 -11.04 4.82
C PHE C 265 13.66 -11.38 3.89
N LYS C 266 12.58 -10.61 4.00
CA LYS C 266 11.39 -10.74 3.17
C LYS C 266 10.61 -9.44 3.31
N LYS C 267 10.11 -8.91 2.19
CA LYS C 267 9.35 -7.68 2.23
C LYS C 267 8.12 -7.93 3.09
N ARG C 268 7.75 -6.94 3.89
CA ARG C 268 6.60 -7.03 4.77
C ARG C 268 5.99 -5.65 4.85
N GLN C 269 4.66 -5.59 4.78
CA GLN C 269 3.95 -4.32 4.87
C GLN C 269 4.10 -3.88 6.32
N LEU C 270 4.79 -2.78 6.52
CA LEU C 270 5.07 -2.31 7.85
C LEU C 270 4.95 -0.81 7.98
N GLU C 271 4.55 -0.37 9.17
CA GLU C 271 4.44 1.06 9.48
C GLU C 271 5.65 1.32 10.40
N LEU C 272 6.71 1.85 9.82
CA LEU C 272 7.95 2.09 10.57
C LEU C 272 8.02 3.38 11.35
N TYR C 273 8.46 3.26 12.59
CA TYR C 273 8.63 4.39 13.46
C TYR C 273 10.09 4.38 13.89
N LEU C 274 10.88 5.30 13.34
CA LEU C 274 12.29 5.39 13.66
C LEU C 274 12.59 6.80 14.15
N PRO C 275 13.28 6.94 15.30
CA PRO C 275 13.58 8.28 15.82
C PRO C 275 14.56 9.07 14.95
N LYS C 276 14.40 10.38 14.94
CA LYS C 276 15.33 11.20 14.19
C LYS C 276 16.45 11.26 15.22
N PHE C 277 17.67 10.91 14.84
CA PHE C 277 18.74 10.93 15.83
C PHE C 277 20.10 11.27 15.28
N SER C 278 21.04 11.42 16.21
CA SER C 278 22.42 11.75 15.88
C SER C 278 23.31 11.33 17.03
N ILE C 279 24.31 10.51 16.75
CA ILE C 279 25.20 10.03 17.79
C ILE C 279 26.63 10.01 17.28
N GLU C 280 27.60 10.05 18.20
CA GLU C 280 29.01 10.05 17.82
C GLU C 280 29.84 9.25 18.82
N GLY C 281 30.86 8.56 18.30
CA GLY C 281 31.73 7.78 19.16
C GLY C 281 33.14 8.28 18.96
N SER C 282 33.93 8.26 20.03
CA SER C 282 35.34 8.72 19.98
C SER C 282 36.17 7.76 20.81
N TYR C 283 37.01 6.96 20.18
CA TYR C 283 37.77 5.97 20.93
C TYR C 283 39.27 5.97 20.82
N GLN C 284 39.92 5.63 21.92
CA GLN C 284 41.36 5.51 21.96
C GLN C 284 41.63 4.03 21.73
N LEU C 285 41.64 3.64 20.45
CA LEU C 285 41.83 2.27 20.09
C LEU C 285 43.09 1.59 20.62
N GLU C 286 44.11 2.37 21.00
CA GLU C 286 45.31 1.72 21.52
C GLU C 286 44.95 1.08 22.85
N LYS C 287 43.86 1.52 23.44
CA LYS C 287 43.41 0.97 24.72
C LYS C 287 42.40 -0.17 24.56
N VAL C 288 41.60 -0.17 23.48
CA VAL C 288 40.60 -1.24 23.32
C VAL C 288 41.03 -2.38 22.40
N LEU C 289 41.98 -2.14 21.49
CA LEU C 289 42.42 -3.19 20.59
C LEU C 289 43.14 -4.34 21.26
N PRO C 290 43.90 -4.05 22.33
CA PRO C 290 44.56 -5.22 22.92
C PRO C 290 43.52 -6.31 23.33
N SER C 291 42.27 -5.90 23.57
CA SER C 291 41.23 -6.86 23.93
C SER C 291 41.09 -7.89 22.82
N LEU C 292 41.46 -7.52 21.59
CA LEU C 292 41.40 -8.44 20.46
C LEU C 292 42.79 -9.03 20.19
N GLY C 293 43.67 -8.97 21.19
CA GLY C 293 45.02 -9.51 21.05
C GLY C 293 45.97 -8.68 20.20
N ILE C 294 45.70 -7.38 20.07
CA ILE C 294 46.57 -6.51 19.29
C ILE C 294 47.15 -5.50 20.26
N SER C 295 48.27 -5.87 20.87
CA SER C 295 48.91 -5.03 21.88
C SER C 295 50.37 -4.66 21.63
N ASN C 296 51.15 -5.60 21.11
CA ASN C 296 52.57 -5.38 20.86
C ASN C 296 52.89 -4.13 20.05
N VAL C 297 52.10 -3.85 19.02
CA VAL C 297 52.34 -2.69 18.19
C VAL C 297 52.30 -1.34 18.94
N PHE C 298 51.72 -1.31 20.14
CA PHE C 298 51.64 -0.07 20.93
C PHE C 298 52.74 -0.11 21.96
N THR C 299 53.55 -1.16 21.86
CA THR C 299 54.65 -1.41 22.77
C THR C 299 56.00 -1.02 22.17
N SER C 300 56.97 -0.71 23.02
CA SER C 300 58.29 -0.39 22.52
C SER C 300 58.97 -1.71 22.14
N HIS C 301 58.16 -2.76 22.02
CA HIS C 301 58.63 -4.10 21.62
C HIS C 301 58.01 -4.30 20.24
N ALA C 302 57.30 -3.29 19.78
CA ALA C 302 56.64 -3.34 18.49
C ALA C 302 57.60 -3.51 17.32
N ASP C 303 57.40 -4.55 16.54
CA ASP C 303 58.24 -4.77 15.38
C ASP C 303 57.62 -4.13 14.16
N LEU C 304 58.05 -2.92 13.86
CA LEU C 304 57.56 -2.21 12.69
C LEU C 304 58.73 -2.00 11.73
N SER C 305 59.63 -2.98 11.72
CA SER C 305 60.81 -2.97 10.87
C SER C 305 60.44 -2.76 9.40
N GLY C 306 59.17 -3.00 9.08
CA GLY C 306 58.69 -2.85 7.71
C GLY C 306 58.50 -1.40 7.31
N ILE C 307 58.50 -0.52 8.30
CA ILE C 307 58.35 0.90 8.04
C ILE C 307 59.72 1.55 8.15
N SER C 308 60.66 0.83 8.76
CA SER C 308 62.05 1.30 8.94
C SER C 308 62.86 0.39 9.86
N ASN C 309 64.05 -0.02 9.40
CA ASN C 309 64.93 -0.87 10.21
C ASN C 309 65.52 -0.08 11.37
N HIS C 310 66.63 0.62 11.14
CA HIS C 310 67.24 1.41 12.20
C HIS C 310 66.24 2.49 12.57
N SER C 311 65.70 2.36 13.78
CA SER C 311 64.71 3.25 14.38
C SER C 311 63.64 2.36 14.98
N ASN C 312 63.34 2.59 16.25
CA ASN C 312 62.32 1.82 16.92
C ASN C 312 61.11 2.71 17.18
N ILE C 313 60.20 2.71 16.22
CA ILE C 313 58.99 3.51 16.36
C ILE C 313 57.85 2.58 16.79
N GLN C 314 56.84 3.16 17.45
CA GLN C 314 55.70 2.39 17.91
C GLN C 314 54.49 3.27 17.75
N VAL C 315 53.32 2.73 18.07
CA VAL C 315 52.12 3.51 17.98
C VAL C 315 51.85 4.08 19.36
N SER C 316 51.84 5.41 19.44
CA SER C 316 51.56 6.07 20.69
C SER C 316 50.09 5.80 20.93
N GLU C 317 49.26 6.29 20.02
CA GLU C 317 47.84 6.10 20.13
C GLU C 317 47.17 6.04 18.77
N MET C 318 46.07 5.29 18.71
CA MET C 318 45.34 5.14 17.47
C MET C 318 43.92 5.67 17.69
N VAL C 319 43.74 6.96 17.42
CA VAL C 319 42.45 7.61 17.61
C VAL C 319 41.41 7.30 16.52
N HIS C 320 40.14 7.22 16.92
CA HIS C 320 39.07 6.95 15.97
C HIS C 320 37.92 7.84 16.35
N LYS C 321 37.24 8.38 15.35
CA LYS C 321 36.06 9.20 15.63
C LYS C 321 35.05 8.91 14.54
N ALA C 322 33.80 8.70 14.94
CA ALA C 322 32.75 8.41 13.99
C ALA C 322 31.52 9.19 14.37
N VAL C 323 30.76 9.63 13.38
CA VAL C 323 29.56 10.40 13.64
C VAL C 323 28.54 10.03 12.61
N VAL C 324 27.27 10.02 13.03
CA VAL C 324 26.17 9.70 12.14
C VAL C 324 24.97 10.60 12.43
N GLU C 325 24.25 10.95 11.37
CA GLU C 325 23.05 11.78 11.45
C GLU C 325 21.97 11.07 10.68
N VAL C 326 20.75 11.05 11.23
CA VAL C 326 19.65 10.42 10.53
C VAL C 326 18.38 11.28 10.64
N ASP C 327 17.79 11.62 9.50
CA ASP C 327 16.56 12.39 9.52
C ASP C 327 15.65 11.87 8.43
N GLU C 328 14.50 12.50 8.22
CA GLU C 328 13.58 12.01 7.21
C GLU C 328 14.17 11.88 5.80
N SER C 329 15.12 12.76 5.45
CA SER C 329 15.73 12.76 4.13
C SER C 329 16.71 11.61 3.84
N GLY C 330 17.68 11.42 4.73
CA GLY C 330 18.66 10.37 4.53
C GLY C 330 19.57 10.15 5.72
N THR C 331 20.82 9.78 5.44
CA THR C 331 21.82 9.55 6.47
C THR C 331 23.12 10.19 6.05
N ARG C 332 23.77 10.88 6.99
CA ARG C 332 25.07 11.46 6.73
C ARG C 332 25.94 10.84 7.81
N ALA C 333 27.05 10.24 7.42
CA ALA C 333 27.94 9.60 8.38
C ALA C 333 29.38 9.77 7.96
N ALA C 334 30.29 9.69 8.91
CA ALA C 334 31.70 9.84 8.60
C ALA C 334 32.57 9.34 9.74
N ALA C 335 33.84 9.17 9.45
CA ALA C 335 34.77 8.71 10.44
C ALA C 335 36.20 8.81 9.94
N ALA C 336 37.14 8.71 10.86
CA ALA C 336 38.55 8.75 10.51
C ALA C 336 39.31 7.99 11.59
N THR C 337 40.46 7.44 11.22
CA THR C 337 41.31 6.74 12.17
C THR C 337 42.70 7.33 12.04
N GLY C 338 43.19 7.91 13.12
CA GLY C 338 44.52 8.48 13.11
C GLY C 338 45.46 7.53 13.83
N THR C 339 46.43 6.98 13.09
CA THR C 339 47.41 6.08 13.67
C THR C 339 48.75 6.83 13.80
N ILE C 340 49.11 7.16 15.03
CA ILE C 340 50.34 7.91 15.32
C ILE C 340 51.53 7.03 15.69
N PHE C 341 52.70 7.31 15.08
CA PHE C 341 53.92 6.53 15.37
C PHE C 341 54.95 7.42 16.07
N THR C 342 55.61 6.91 17.10
CA THR C 342 56.63 7.70 17.78
C THR C 342 58.01 7.00 17.79
N PHE C 343 59.05 7.79 18.02
CA PHE C 343 60.44 7.33 18.03
C PHE C 343 60.96 7.02 19.44
N ARG C 344 61.97 7.76 19.88
CA ARG C 344 62.58 7.62 21.21
C ARG C 344 63.64 8.70 21.42
N ASN D 3 -5.13 -1.11 8.67
CA ASN D 3 -4.27 -2.28 8.55
C ASN D 3 -2.80 -1.89 8.65
N SER D 4 -1.91 -2.84 8.36
CA SER D 4 -0.46 -2.60 8.41
C SER D 4 0.01 -2.40 9.87
N GLN D 5 0.80 -3.34 10.37
CA GLN D 5 1.27 -3.25 11.76
C GLN D 5 2.42 -2.28 11.98
N ARG D 6 2.59 -1.89 13.24
CA ARG D 6 3.62 -0.95 13.67
C ARG D 6 4.91 -1.59 14.17
N LEU D 7 6.05 -1.05 13.72
CA LEU D 7 7.35 -1.50 14.17
C LEU D 7 8.02 -0.25 14.69
N VAL D 8 7.94 -0.01 16.00
CA VAL D 8 8.52 1.20 16.56
C VAL D 8 9.79 1.04 17.39
N PHE D 9 10.74 1.90 17.08
CA PHE D 9 12.05 1.93 17.72
C PHE D 9 12.06 2.94 18.83
N ASN D 10 11.52 2.57 19.99
CA ASN D 10 11.50 3.47 21.14
C ASN D 10 12.26 2.87 22.32
N ARG D 11 13.22 2.00 22.00
CA ARG D 11 14.10 1.34 22.97
C ARG D 11 15.49 1.30 22.32
N PRO D 12 16.55 1.16 23.13
CA PRO D 12 17.89 1.12 22.54
C PRO D 12 17.93 0.15 21.36
N PHE D 13 18.46 0.61 20.23
CA PHE D 13 18.54 -0.22 19.02
C PHE D 13 19.92 -0.14 18.34
N LEU D 14 20.19 -1.09 17.46
CA LEU D 14 21.43 -1.17 16.73
C LEU D 14 21.28 -0.63 15.30
N MET D 15 22.37 -0.12 14.73
CA MET D 15 22.33 0.38 13.35
C MET D 15 23.55 0.00 12.53
N PHE D 16 23.33 -0.68 11.40
CA PHE D 16 24.40 -1.10 10.48
C PHE D 16 24.29 -0.35 9.15
N ILE D 17 25.39 0.16 8.61
CA ILE D 17 25.32 0.77 7.29
C ILE D 17 26.11 -0.19 6.41
N VAL D 18 25.41 -1.02 5.65
CA VAL D 18 26.08 -2.00 4.83
C VAL D 18 25.98 -1.77 3.34
N ASP D 19 27.05 -2.23 2.70
CA ASP D 19 27.26 -2.17 1.26
C ASP D 19 27.74 -3.61 1.08
N ASN D 20 28.89 -3.85 0.49
CA ASN D 20 29.36 -5.22 0.39
C ASN D 20 30.06 -5.52 1.71
N ASN D 21 30.45 -4.43 2.40
CA ASN D 21 31.12 -4.51 3.69
C ASN D 21 30.33 -3.72 4.73
N ILE D 22 30.65 -3.95 5.99
CA ILE D 22 30.00 -3.23 7.08
C ILE D 22 30.65 -1.85 7.15
N LEU D 23 29.98 -0.86 6.57
CA LEU D 23 30.49 0.50 6.55
C LEU D 23 30.51 1.14 7.93
N PHE D 24 29.41 0.98 8.67
CA PHE D 24 29.27 1.57 9.99
C PHE D 24 28.42 0.69 10.90
N LEU D 25 28.70 0.75 12.19
CA LEU D 25 27.99 -0.04 13.17
C LEU D 25 27.86 0.73 14.44
N GLY D 26 26.64 0.90 14.93
CA GLY D 26 26.45 1.62 16.17
C GLY D 26 25.27 1.15 16.99
N LYS D 27 25.11 1.76 18.15
CA LYS D 27 24.02 1.43 19.04
C LYS D 27 23.41 2.74 19.54
N VAL D 28 22.14 2.96 19.25
CA VAL D 28 21.47 4.15 19.73
C VAL D 28 20.86 3.83 21.09
N ASN D 29 21.49 4.31 22.14
CA ASN D 29 21.02 4.08 23.50
C ASN D 29 20.18 5.27 23.92
N ARG D 30 20.49 6.42 23.36
CA ARG D 30 19.80 7.66 23.67
C ARG D 30 19.77 8.50 22.39
N PRO D 31 18.57 8.75 21.84
CA PRO D 31 18.45 9.54 20.60
C PRO D 31 19.11 10.91 20.75
N ARG E 16 32.54 -3.85 -22.21
CA ARG E 16 33.86 -3.41 -22.79
C ARG E 16 33.63 -2.40 -23.94
N ARG E 17 32.50 -2.55 -24.62
CA ARG E 17 32.15 -1.70 -25.74
C ARG E 17 31.69 -0.31 -25.32
N ASP E 18 32.19 0.72 -25.98
CA ASP E 18 31.79 2.09 -25.69
C ASP E 18 30.57 2.28 -26.56
N PHE E 19 29.41 2.52 -25.94
CA PHE E 19 28.18 2.71 -26.69
C PHE E 19 28.25 3.90 -27.67
N THR E 20 28.58 5.07 -27.14
CA THR E 20 28.68 6.26 -27.96
C THR E 20 29.43 6.05 -29.28
N PHE E 21 30.69 5.64 -29.16
CA PHE E 21 31.58 5.44 -30.30
C PHE E 21 31.30 4.25 -31.24
N ASP E 22 30.81 3.14 -30.68
CA ASP E 22 30.47 1.99 -31.51
C ASP E 22 29.28 2.43 -32.40
N LEU E 23 28.41 3.28 -31.83
CA LEU E 23 27.25 3.78 -32.57
C LEU E 23 27.74 4.70 -33.67
N TYR E 24 28.60 5.65 -33.29
CA TYR E 24 29.18 6.59 -34.23
C TYR E 24 29.72 5.83 -35.43
N ARG E 25 30.56 4.84 -35.16
CA ARG E 25 31.14 4.04 -36.23
C ARG E 25 30.10 3.36 -37.08
N ALA E 26 29.03 2.87 -36.47
CA ALA E 26 27.98 2.20 -37.23
C ALA E 26 27.32 3.24 -38.13
N LEU E 27 27.20 4.45 -37.62
CA LEU E 27 26.59 5.51 -38.39
C LEU E 27 27.51 5.95 -39.52
N ALA E 28 28.82 5.95 -39.26
CA ALA E 28 29.81 6.36 -40.26
C ALA E 28 30.11 5.28 -41.30
N SER E 29 29.67 4.06 -41.05
CA SER E 29 29.87 2.98 -42.00
C SER E 29 28.60 2.96 -42.87
N ALA E 30 27.50 3.39 -42.27
CA ALA E 30 26.23 3.45 -42.98
C ALA E 30 26.30 4.56 -44.02
N ALA E 31 26.92 5.69 -43.68
CA ALA E 31 27.05 6.79 -44.62
C ALA E 31 28.50 7.24 -44.70
N PRO E 32 29.33 6.49 -45.45
CA PRO E 32 30.75 6.74 -45.65
C PRO E 32 31.25 8.18 -45.56
N SER E 33 31.41 8.85 -46.70
CA SER E 33 31.90 10.24 -46.63
C SER E 33 30.70 11.14 -46.52
N GLN E 34 30.14 11.18 -45.32
CA GLN E 34 28.97 11.98 -45.07
C GLN E 34 29.05 12.67 -43.73
N ASN E 35 28.44 13.85 -43.63
CA ASN E 35 28.40 14.57 -42.37
C ASN E 35 27.66 13.64 -41.40
N ILE E 36 27.98 13.75 -40.12
CA ILE E 36 27.31 12.93 -39.13
C ILE E 36 27.09 13.74 -37.87
N PHE E 37 25.94 13.57 -37.24
CA PHE E 37 25.66 14.29 -36.00
C PHE E 37 24.53 13.66 -35.21
N PHE E 38 24.78 13.36 -33.94
CA PHE E 38 23.77 12.78 -33.08
C PHE E 38 24.10 13.08 -31.63
N SER E 39 23.13 12.84 -30.76
CA SER E 39 23.28 13.09 -29.34
C SER E 39 23.25 11.77 -28.60
N PRO E 40 24.42 11.30 -28.12
CA PRO E 40 24.52 10.04 -27.37
C PRO E 40 23.57 10.04 -26.18
N VAL E 41 23.68 11.08 -25.37
CA VAL E 41 22.85 11.24 -24.18
C VAL E 41 21.39 10.89 -24.51
N SER E 42 20.86 11.56 -25.52
CA SER E 42 19.49 11.37 -25.95
C SER E 42 19.21 9.93 -26.36
N ILE E 43 20.16 9.31 -27.04
CA ILE E 43 19.96 7.94 -27.48
C ILE E 43 20.21 6.94 -26.34
N SER E 44 21.35 7.03 -25.66
CA SER E 44 21.60 6.07 -24.58
C SER E 44 20.54 6.22 -23.50
N MET E 45 20.15 7.45 -23.20
CA MET E 45 19.11 7.66 -22.19
C MET E 45 17.81 6.97 -22.66
N SER E 46 17.52 7.06 -23.95
CA SER E 46 16.32 6.44 -24.49
C SER E 46 16.38 4.91 -24.31
N LEU E 47 17.55 4.33 -24.54
CA LEU E 47 17.69 2.89 -24.40
C LEU E 47 17.61 2.50 -22.93
N ALA E 48 18.02 3.42 -22.06
CA ALA E 48 17.97 3.17 -20.63
C ALA E 48 16.51 3.03 -20.21
N MET E 49 15.67 3.95 -20.67
CA MET E 49 14.27 3.92 -20.33
C MET E 49 13.63 2.70 -20.96
N LEU E 50 13.94 2.45 -22.22
CA LEU E 50 13.38 1.30 -22.90
C LEU E 50 13.57 0.04 -22.06
N SER E 51 14.79 -0.17 -21.56
CA SER E 51 15.08 -1.36 -20.75
C SER E 51 14.27 -1.39 -19.47
N LEU E 52 13.93 -0.20 -18.97
CA LEU E 52 13.13 -0.04 -17.76
C LEU E 52 11.82 -0.78 -17.99
N GLY E 53 11.56 -1.16 -19.24
CA GLY E 53 10.32 -1.86 -19.53
C GLY E 53 10.53 -3.14 -20.33
N ALA E 54 11.78 -3.56 -20.47
CA ALA E 54 12.08 -4.77 -21.23
C ALA E 54 12.50 -5.92 -20.32
N GLY E 55 12.55 -7.11 -20.89
CA GLY E 55 12.96 -8.27 -20.11
C GLY E 55 13.67 -9.32 -20.95
N SER E 56 14.00 -10.44 -20.31
CA SER E 56 14.65 -11.55 -20.98
C SER E 56 15.82 -11.09 -21.84
N SER E 57 15.95 -11.67 -23.03
CA SER E 57 17.02 -11.35 -23.97
C SER E 57 16.91 -9.91 -24.46
N THR E 58 15.68 -9.44 -24.63
CA THR E 58 15.43 -8.08 -25.10
C THR E 58 16.16 -7.09 -24.21
N LYS E 59 16.07 -7.28 -22.89
CA LYS E 59 16.72 -6.38 -21.95
C LYS E 59 18.21 -6.66 -21.98
N MET E 60 18.54 -7.94 -22.00
CA MET E 60 19.91 -8.43 -22.05
C MET E 60 20.68 -7.60 -23.05
N GLN E 61 20.19 -7.63 -24.29
CA GLN E 61 20.77 -6.92 -25.42
C GLN E 61 20.89 -5.43 -25.23
N ILE E 62 19.83 -4.79 -24.75
CA ILE E 62 19.88 -3.35 -24.57
C ILE E 62 21.00 -2.94 -23.62
N LEU E 63 21.03 -3.54 -22.44
CA LEU E 63 22.04 -3.24 -21.44
C LEU E 63 23.46 -3.51 -21.97
N GLU E 64 23.68 -4.63 -22.65
CA GLU E 64 25.02 -4.91 -23.17
C GLU E 64 25.44 -3.88 -24.19
N GLY E 65 24.47 -3.39 -24.97
CA GLY E 65 24.76 -2.39 -25.98
C GLY E 65 25.25 -1.12 -25.33
N LEU E 66 24.73 -0.86 -24.13
CA LEU E 66 25.13 0.32 -23.38
C LEU E 66 26.44 0.09 -22.66
N GLY E 67 26.88 -1.16 -22.64
CA GLY E 67 28.13 -1.48 -21.98
C GLY E 67 28.01 -1.51 -20.47
N LEU E 68 27.01 -2.23 -19.96
CA LEU E 68 26.83 -2.34 -18.52
C LEU E 68 27.69 -3.51 -18.04
N ASN E 69 27.97 -3.58 -16.74
CA ASN E 69 28.83 -4.66 -16.28
C ASN E 69 28.32 -5.98 -15.69
N LEU E 70 27.03 -6.09 -15.40
CA LEU E 70 26.49 -7.35 -14.88
C LEU E 70 27.27 -8.02 -13.78
N GLN E 71 28.32 -7.33 -13.34
CA GLN E 71 29.25 -7.82 -12.30
C GLN E 71 29.96 -6.66 -11.58
N LYS E 72 30.56 -5.71 -12.32
CA LYS E 72 31.24 -4.59 -11.64
C LYS E 72 30.41 -3.31 -11.43
N SER E 73 29.08 -3.48 -11.28
CA SER E 73 28.12 -2.40 -10.99
C SER E 73 26.76 -2.39 -11.69
N SER E 74 25.73 -2.36 -10.85
CA SER E 74 24.31 -2.38 -11.17
C SER E 74 23.71 -1.77 -12.41
N GLU E 75 22.49 -2.21 -12.65
CA GLU E 75 21.66 -1.76 -13.74
C GLU E 75 21.08 -0.53 -13.09
N LYS E 76 20.81 -0.66 -11.79
CA LYS E 76 20.26 0.42 -10.97
C LYS E 76 21.22 1.60 -10.94
N GLU E 77 22.51 1.28 -10.97
CA GLU E 77 23.55 2.30 -10.96
C GLU E 77 23.43 3.13 -12.24
N LEU E 78 22.97 2.48 -13.32
CA LEU E 78 22.77 3.11 -14.61
C LEU E 78 21.68 4.18 -14.53
N HIS E 79 20.49 3.78 -14.08
CA HIS E 79 19.38 4.70 -13.97
C HIS E 79 19.67 5.84 -12.99
N ARG E 80 20.23 5.49 -11.82
CA ARG E 80 20.57 6.50 -10.82
C ARG E 80 21.48 7.55 -11.43
N GLY E 81 22.42 7.10 -12.26
CA GLY E 81 23.33 8.01 -12.93
C GLY E 81 22.54 9.01 -13.77
N PHE E 82 21.66 8.50 -14.64
CA PHE E 82 20.86 9.38 -15.49
C PHE E 82 19.99 10.30 -14.65
N GLN E 83 19.38 9.75 -13.60
CA GLN E 83 18.52 10.57 -12.76
C GLN E 83 19.29 11.81 -12.31
N GLN E 84 20.55 11.61 -11.94
CA GLN E 84 21.41 12.70 -11.50
C GLN E 84 21.53 13.80 -12.57
N LEU E 85 21.93 13.39 -13.77
CA LEU E 85 22.09 14.30 -14.90
C LEU E 85 20.83 15.12 -15.12
N LEU E 86 19.67 14.49 -14.93
CA LEU E 86 18.39 15.18 -15.11
C LEU E 86 18.13 16.14 -13.98
N GLN E 87 18.40 15.67 -12.77
CA GLN E 87 18.19 16.50 -11.59
C GLN E 87 19.05 17.75 -11.61
N GLU E 88 20.37 17.56 -11.64
CA GLU E 88 21.31 18.67 -11.65
C GLU E 88 21.14 19.51 -12.90
N LEU E 89 19.90 19.64 -13.38
CA LEU E 89 19.67 20.40 -14.59
C LEU E 89 19.64 21.89 -14.43
N ASN E 90 20.57 22.47 -15.16
CA ASN E 90 20.84 23.89 -15.28
C ASN E 90 19.56 24.70 -15.29
N GLN E 91 19.28 25.37 -14.18
CA GLN E 91 18.09 26.20 -14.12
C GLN E 91 18.01 26.98 -15.42
N PRO E 92 16.82 26.98 -16.06
CA PRO E 92 16.61 27.69 -17.33
C PRO E 92 17.74 28.64 -17.71
N ARG E 93 17.75 29.82 -17.09
CA ARG E 93 18.78 30.84 -17.28
C ARG E 93 19.07 31.27 -18.74
N ASP E 94 19.72 32.42 -18.86
CA ASP E 94 20.10 33.00 -20.15
C ASP E 94 21.61 33.18 -20.19
N GLY E 95 22.20 33.08 -21.38
CA GLY E 95 23.65 33.19 -21.52
C GLY E 95 24.19 31.81 -21.81
N PHE E 96 23.54 30.82 -21.20
CA PHE E 96 23.86 29.41 -21.35
C PHE E 96 22.51 28.70 -21.19
N GLN E 97 22.38 27.52 -21.79
CA GLN E 97 21.11 26.79 -21.72
C GLN E 97 21.31 25.33 -22.10
N LEU E 98 20.80 24.43 -21.26
CA LEU E 98 20.97 23.00 -21.53
C LEU E 98 19.86 22.10 -20.98
N SER E 99 18.64 22.24 -21.50
CA SER E 99 17.52 21.43 -21.05
C SER E 99 17.55 20.00 -21.59
N LEU E 100 17.04 19.07 -20.79
CA LEU E 100 17.00 17.64 -21.15
C LEU E 100 15.77 16.98 -20.51
N GLY E 101 14.78 16.62 -21.33
CA GLY E 101 13.57 16.00 -20.82
C GLY E 101 13.07 14.76 -21.56
N ASN E 102 12.16 14.04 -20.89
CA ASN E 102 11.55 12.83 -21.43
C ASN E 102 10.03 12.92 -21.30
N ALA E 103 9.31 12.19 -22.13
CA ALA E 103 7.85 12.21 -22.08
C ALA E 103 7.26 10.94 -22.66
N LEU E 104 6.11 10.53 -22.11
CA LEU E 104 5.42 9.35 -22.60
C LEU E 104 4.07 9.72 -23.18
N PHE E 105 3.83 9.29 -24.41
CA PHE E 105 2.56 9.54 -25.09
C PHE E 105 1.88 8.19 -25.20
N THR E 106 0.97 7.92 -24.26
CA THR E 106 0.25 6.66 -24.20
C THR E 106 -1.15 6.78 -24.80
N ASP E 107 -1.61 5.71 -25.44
CA ASP E 107 -2.93 5.70 -26.05
C ASP E 107 -4.02 5.81 -25.00
N LEU E 108 -5.15 6.41 -25.39
CA LEU E 108 -6.26 6.56 -24.47
C LEU E 108 -6.78 5.23 -23.96
N VAL E 109 -6.67 4.19 -24.77
CA VAL E 109 -7.17 2.89 -24.36
C VAL E 109 -6.15 1.81 -24.01
N VAL E 110 -5.06 2.20 -23.36
CA VAL E 110 -4.07 1.22 -22.92
C VAL E 110 -3.56 1.61 -21.54
N ASP E 111 -3.28 0.63 -20.69
CA ASP E 111 -2.74 0.89 -19.36
C ASP E 111 -1.31 0.35 -19.40
N LEU E 112 -0.40 0.95 -18.65
CA LEU E 112 0.96 0.46 -18.61
C LEU E 112 1.30 0.01 -17.20
N GLN E 113 2.37 -0.75 -17.08
CA GLN E 113 2.84 -1.23 -15.80
C GLN E 113 3.09 -0.07 -14.84
N ASP E 114 2.77 -0.25 -13.57
CA ASP E 114 2.98 0.81 -12.60
C ASP E 114 4.47 1.01 -12.34
N THR E 115 5.21 -0.09 -12.40
CA THR E 115 6.65 -0.07 -12.16
C THR E 115 7.31 0.81 -13.22
N PHE E 116 6.90 0.60 -14.47
CA PHE E 116 7.46 1.36 -15.59
C PHE E 116 7.12 2.85 -15.50
N VAL E 117 5.83 3.15 -15.34
CA VAL E 117 5.37 4.53 -15.24
C VAL E 117 6.01 5.23 -14.05
N SER E 118 6.11 4.50 -12.93
CA SER E 118 6.70 5.06 -11.73
C SER E 118 8.17 5.41 -11.94
N ALA E 119 8.98 4.42 -12.34
CA ALA E 119 10.41 4.62 -12.59
C ALA E 119 10.64 5.78 -13.56
N MET E 120 9.74 5.90 -14.53
CA MET E 120 9.83 6.95 -15.53
C MET E 120 9.75 8.35 -14.92
N LYS E 121 8.74 8.56 -14.09
CA LYS E 121 8.53 9.86 -13.44
C LYS E 121 9.56 10.10 -12.36
N THR E 122 9.99 9.03 -11.72
CA THR E 122 10.97 9.13 -10.65
C THR E 122 12.38 9.36 -11.15
N LEU E 123 12.95 8.36 -11.83
CA LEU E 123 14.32 8.44 -12.33
C LEU E 123 14.52 9.29 -13.57
N TYR E 124 13.49 9.40 -14.40
CA TYR E 124 13.66 10.18 -15.61
C TYR E 124 12.79 11.42 -15.73
N LEU E 125 12.11 11.79 -14.64
CA LEU E 125 11.26 12.99 -14.63
C LEU E 125 10.32 13.02 -15.84
N ALA E 126 9.82 11.86 -16.23
CA ALA E 126 8.95 11.77 -17.38
C ALA E 126 7.62 12.52 -17.26
N ASP E 127 7.19 13.12 -18.36
CA ASP E 127 5.92 13.81 -18.43
C ASP E 127 5.06 12.83 -19.22
N THR E 128 3.81 12.67 -18.84
CA THR E 128 2.96 11.75 -19.57
C THR E 128 1.72 12.45 -20.10
N PHE E 129 1.42 12.24 -21.37
CA PHE E 129 0.26 12.86 -22.00
C PHE E 129 -0.56 11.81 -22.71
N PRO E 130 -1.88 11.87 -22.56
CA PRO E 130 -2.73 10.89 -23.24
C PRO E 130 -2.70 11.20 -24.74
N THR E 131 -2.79 10.16 -25.56
CA THR E 131 -2.74 10.32 -27.01
C THR E 131 -3.76 9.45 -27.73
N ASN E 132 -4.39 10.01 -28.76
CA ASN E 132 -5.37 9.26 -29.53
C ASN E 132 -4.72 8.70 -30.78
N PHE E 133 -3.91 7.65 -30.60
CA PHE E 133 -3.22 7.02 -31.71
C PHE E 133 -4.17 6.51 -32.78
N ARG E 134 -5.46 6.66 -32.54
CA ARG E 134 -6.45 6.20 -33.52
C ARG E 134 -6.47 7.20 -34.67
N ASP E 135 -6.06 8.42 -34.38
CA ASP E 135 -6.00 9.48 -35.37
C ASP E 135 -4.51 9.75 -35.59
N SER E 136 -3.92 8.98 -36.51
CA SER E 136 -2.50 9.09 -36.81
C SER E 136 -1.99 10.51 -36.99
N ALA E 137 -2.63 11.26 -37.87
CA ALA E 137 -2.22 12.62 -38.16
C ALA E 137 -2.20 13.53 -36.93
N GLY E 138 -3.22 13.43 -36.09
CA GLY E 138 -3.29 14.26 -34.90
C GLY E 138 -2.29 13.89 -33.83
N ALA E 139 -1.94 12.61 -33.77
CA ALA E 139 -0.97 12.12 -32.80
C ALA E 139 0.39 12.64 -33.23
N MET E 140 0.66 12.54 -34.53
CA MET E 140 1.92 13.01 -35.09
C MET E 140 2.06 14.50 -34.83
N LYS E 141 0.97 15.24 -35.00
CA LYS E 141 1.01 16.67 -34.75
C LYS E 141 1.24 16.91 -33.27
N GLN E 142 0.44 16.28 -32.43
CA GLN E 142 0.59 16.46 -30.99
C GLN E 142 2.04 16.32 -30.55
N ILE E 143 2.62 15.14 -30.83
CA ILE E 143 3.99 14.86 -30.43
C ILE E 143 5.03 15.71 -31.13
N ASN E 144 4.97 15.82 -32.45
CA ASN E 144 5.94 16.63 -33.15
C ASN E 144 6.00 18.05 -32.58
N ASP E 145 4.82 18.61 -32.27
CA ASP E 145 4.74 19.97 -31.71
C ASP E 145 5.39 20.07 -30.34
N TYR E 146 5.34 18.97 -29.59
CA TYR E 146 5.96 18.92 -28.27
C TYR E 146 7.48 18.98 -28.44
N VAL E 147 7.98 18.24 -29.42
CA VAL E 147 9.40 18.18 -29.70
C VAL E 147 9.93 19.50 -30.24
N ALA E 148 9.10 20.19 -31.00
CA ALA E 148 9.48 21.48 -31.57
C ALA E 148 9.50 22.52 -30.46
N LYS E 149 8.42 22.53 -29.68
CA LYS E 149 8.30 23.46 -28.57
C LYS E 149 9.37 23.20 -27.52
N GLN E 150 9.80 21.95 -27.39
CA GLN E 150 10.82 21.64 -26.40
C GLN E 150 12.24 21.87 -26.92
N THR E 151 12.38 22.00 -28.24
CA THR E 151 13.69 22.23 -28.84
C THR E 151 13.82 23.60 -29.52
N LYS E 152 12.96 24.54 -29.14
CA LYS E 152 12.99 25.90 -29.68
C LYS E 152 12.91 25.93 -31.20
N GLY E 153 12.09 25.05 -31.78
CA GLY E 153 11.92 25.02 -33.23
C GLY E 153 13.05 24.39 -34.02
N LYS E 154 14.00 23.79 -33.33
CA LYS E 154 15.12 23.18 -34.01
C LYS E 154 14.80 21.81 -34.60
N ILE E 155 14.05 20.99 -33.88
CA ILE E 155 13.67 19.66 -34.38
C ILE E 155 12.17 19.68 -34.66
N VAL E 156 11.86 20.09 -35.89
CA VAL E 156 10.49 20.26 -36.35
C VAL E 156 9.54 19.06 -36.51
N ASP E 157 9.82 18.16 -37.45
CA ASP E 157 8.90 17.04 -37.64
C ASP E 157 9.57 15.69 -37.39
N LEU E 158 9.81 15.38 -36.11
CA LEU E 158 10.46 14.13 -35.75
C LEU E 158 9.78 12.90 -36.37
N LEU E 159 8.45 12.83 -36.27
CA LEU E 159 7.69 11.69 -36.81
C LEU E 159 7.15 12.03 -38.21
N LYS E 160 7.09 11.04 -39.10
CA LYS E 160 6.65 11.32 -40.45
C LYS E 160 5.59 10.45 -41.10
N ASN E 161 5.35 9.27 -40.54
CA ASN E 161 4.35 8.40 -41.13
C ASN E 161 3.85 7.44 -40.07
N LEU E 162 3.58 8.00 -38.89
CA LEU E 162 3.12 7.22 -37.75
C LEU E 162 2.19 6.08 -38.11
N ASP E 163 2.58 4.87 -37.69
CA ASP E 163 1.82 3.65 -37.96
C ASP E 163 0.42 3.76 -37.38
N SER E 164 -0.36 2.68 -37.48
CA SER E 164 -1.72 2.69 -36.97
C SER E 164 -1.82 1.87 -35.68
N ASN E 165 -0.88 0.94 -35.50
CA ASN E 165 -0.88 0.11 -34.31
C ASN E 165 -0.12 0.76 -33.16
N ALA E 166 0.28 2.01 -33.35
CA ALA E 166 1.01 2.73 -32.31
C ALA E 166 0.17 2.85 -31.04
N VAL E 167 0.72 2.38 -29.91
CA VAL E 167 0.02 2.45 -28.64
C VAL E 167 0.73 3.39 -27.67
N VAL E 168 2.02 3.59 -27.89
CA VAL E 168 2.81 4.47 -27.05
C VAL E 168 4.08 4.92 -27.75
N ILE E 169 4.42 6.20 -27.57
CA ILE E 169 5.61 6.80 -28.15
C ILE E 169 6.37 7.43 -26.99
N MET E 170 7.65 7.10 -26.87
CA MET E 170 8.48 7.62 -25.79
C MET E 170 9.44 8.61 -26.43
N VAL E 171 9.43 9.83 -25.93
CA VAL E 171 10.25 10.90 -26.47
C VAL E 171 11.32 11.42 -25.55
N ASN E 172 12.45 11.80 -26.14
CA ASN E 172 13.53 12.39 -25.38
C ASN E 172 14.04 13.53 -26.22
N TYR E 173 14.26 14.66 -25.59
CA TYR E 173 14.75 15.81 -26.31
C TYR E 173 15.91 16.38 -25.54
N ILE E 174 16.72 17.18 -26.24
CA ILE E 174 17.85 17.86 -25.63
C ILE E 174 18.07 19.15 -26.41
N PHE E 175 18.02 20.28 -25.70
CA PHE E 175 18.25 21.58 -26.34
C PHE E 175 19.56 22.18 -25.81
N PHE E 176 20.12 23.15 -26.52
CA PHE E 176 21.39 23.72 -26.09
C PHE E 176 21.75 24.99 -26.85
N LYS E 177 21.76 26.11 -26.14
CA LYS E 177 22.10 27.40 -26.73
C LYS E 177 23.10 28.06 -25.80
N ALA E 178 24.37 28.11 -26.22
CA ALA E 178 25.43 28.67 -25.40
C ALA E 178 26.39 29.59 -26.16
N LYS E 179 26.60 30.80 -25.64
CA LYS E 179 27.53 31.74 -26.27
C LYS E 179 28.94 31.30 -25.96
N TRP E 180 29.85 31.50 -26.90
CA TRP E 180 31.25 31.15 -26.69
C TRP E 180 31.70 31.99 -25.49
N GLU E 181 32.75 31.53 -24.80
CA GLU E 181 33.23 32.30 -23.65
C GLU E 181 33.58 33.69 -24.15
N THR E 182 34.01 33.75 -25.41
CA THR E 182 34.39 35.01 -26.05
C THR E 182 34.05 34.93 -27.54
N SER E 183 33.05 35.70 -27.96
CA SER E 183 32.60 35.73 -29.35
C SER E 183 33.72 35.96 -30.36
N PHE E 184 33.62 35.33 -31.53
CA PHE E 184 34.61 35.52 -32.59
C PHE E 184 34.26 36.87 -33.20
N ASN E 185 35.22 37.53 -33.82
CA ASN E 185 34.94 38.82 -34.43
C ASN E 185 34.39 38.63 -35.84
N HIS E 186 33.15 39.07 -36.07
CA HIS E 186 32.57 38.92 -37.40
C HIS E 186 33.39 39.66 -38.44
N LYS E 187 33.92 40.83 -38.06
CA LYS E 187 34.76 41.62 -38.95
C LYS E 187 36.04 40.86 -39.25
N GLY E 188 36.11 39.62 -38.78
CA GLY E 188 37.29 38.80 -39.01
C GLY E 188 36.94 37.55 -39.79
N THR E 189 35.65 37.22 -39.85
CA THR E 189 35.19 36.04 -40.58
C THR E 189 35.43 36.25 -42.07
N GLN E 190 36.49 35.65 -42.57
CA GLN E 190 36.87 35.75 -43.98
C GLN E 190 36.26 34.58 -44.73
N GLU E 191 36.67 34.39 -45.97
CA GLU E 191 36.18 33.29 -46.80
C GLU E 191 37.41 32.50 -47.19
N GLN E 192 37.38 31.21 -46.96
CA GLN E 192 38.54 30.40 -47.27
C GLN E 192 38.12 29.07 -47.88
N ASP E 193 39.09 28.32 -48.38
CA ASP E 193 38.81 27.03 -48.99
C ASP E 193 38.68 25.97 -47.91
N PHE E 194 37.99 24.88 -48.25
CA PHE E 194 37.80 23.75 -47.37
C PHE E 194 37.84 22.51 -48.28
N TYR E 195 38.78 21.63 -48.01
CA TYR E 195 38.93 20.41 -48.82
C TYR E 195 38.14 19.23 -48.28
N VAL E 196 37.03 18.89 -48.94
CA VAL E 196 36.24 17.75 -48.49
C VAL E 196 37.14 16.54 -48.74
N THR E 197 38.00 16.67 -49.75
CA THR E 197 38.99 15.65 -50.10
C THR E 197 40.08 16.32 -50.91
N SER E 198 41.02 15.52 -51.39
CA SER E 198 42.14 16.02 -52.18
C SER E 198 41.71 16.68 -53.49
N GLU E 199 40.51 16.36 -53.99
CA GLU E 199 40.03 16.93 -55.24
C GLU E 199 38.59 17.42 -55.21
N THR E 200 38.09 17.66 -54.00
CA THR E 200 36.75 18.18 -53.80
C THR E 200 36.90 19.25 -52.74
N VAL E 201 36.97 20.50 -53.18
CA VAL E 201 37.13 21.60 -52.26
C VAL E 201 36.05 22.64 -52.51
N VAL E 202 35.59 23.29 -51.44
CA VAL E 202 34.54 24.30 -51.54
C VAL E 202 34.77 25.41 -50.53
N ARG E 203 34.41 26.63 -50.93
CA ARG E 203 34.57 27.79 -50.06
C ARG E 203 33.60 27.71 -48.91
N VAL E 204 34.06 28.06 -47.71
CA VAL E 204 33.19 28.09 -46.54
C VAL E 204 33.53 29.36 -45.76
N PRO E 205 32.54 29.94 -45.07
CA PRO E 205 32.90 31.16 -44.33
C PRO E 205 33.73 30.71 -43.12
N MET E 206 35.02 31.03 -43.14
CA MET E 206 35.96 30.66 -42.09
C MET E 206 36.07 31.70 -40.98
N MET E 207 35.78 31.29 -39.74
CA MET E 207 35.87 32.18 -38.59
C MET E 207 37.31 32.16 -38.10
N SER E 208 37.75 33.27 -37.51
CA SER E 208 39.12 33.38 -37.00
C SER E 208 39.18 34.06 -35.63
N ARG E 209 40.14 33.63 -34.82
CA ARG E 209 40.32 34.18 -33.49
C ARG E 209 41.59 33.63 -32.87
N GLU E 210 42.47 34.54 -32.49
CA GLU E 210 43.74 34.18 -31.87
C GLU E 210 43.61 34.33 -30.36
N ASP E 211 43.93 33.25 -29.63
CA ASP E 211 43.83 33.28 -28.19
C ASP E 211 44.40 31.99 -27.56
N GLN E 212 44.18 31.84 -26.26
CA GLN E 212 44.68 30.68 -25.52
C GLN E 212 43.64 29.56 -25.52
N TYR E 213 43.91 28.50 -26.28
CA TYR E 213 42.99 27.36 -26.38
C TYR E 213 43.67 26.07 -25.98
N HIS E 214 42.95 25.20 -25.27
CA HIS E 214 43.51 23.91 -24.86
C HIS E 214 43.97 23.09 -26.05
N TYR E 215 45.24 23.22 -26.41
CA TYR E 215 45.76 22.45 -27.55
C TYR E 215 45.97 21.01 -27.13
N LEU E 216 46.35 20.17 -28.09
CA LEU E 216 46.58 18.76 -27.84
C LEU E 216 47.10 18.11 -29.10
N LEU E 217 47.96 17.10 -28.95
CA LEU E 217 48.49 16.41 -30.12
C LEU E 217 48.60 14.92 -29.87
N ASP E 218 47.55 14.19 -30.25
CA ASP E 218 47.54 12.74 -30.09
C ASP E 218 48.38 12.15 -31.22
N ARG E 219 49.63 11.85 -30.91
CA ARG E 219 50.57 11.28 -31.88
C ARG E 219 50.23 9.82 -32.18
N ASN E 220 49.36 9.24 -31.35
CA ASN E 220 48.95 7.84 -31.51
C ASN E 220 47.91 7.72 -32.63
N LEU E 221 46.80 8.43 -32.50
CA LEU E 221 45.74 8.41 -33.51
C LEU E 221 46.12 9.30 -34.67
N SER E 222 46.92 10.32 -34.38
CA SER E 222 47.40 11.28 -35.38
C SER E 222 46.31 12.31 -35.66
N CYS E 223 46.19 13.28 -34.75
CA CYS E 223 45.21 14.34 -34.85
C CYS E 223 45.49 15.44 -33.81
N ARG E 224 44.87 16.60 -33.96
CA ARG E 224 45.07 17.70 -33.02
C ARG E 224 43.71 18.11 -32.46
N VAL E 225 43.57 18.10 -31.13
CA VAL E 225 42.31 18.46 -30.49
C VAL E 225 42.34 19.88 -29.93
N VAL E 226 41.20 20.57 -29.96
CA VAL E 226 41.12 21.94 -29.47
C VAL E 226 39.82 22.27 -28.72
N GLY E 227 39.89 22.38 -27.41
CA GLY E 227 38.69 22.73 -26.67
C GLY E 227 38.40 24.18 -27.01
N VAL E 228 37.20 24.66 -26.67
CA VAL E 228 36.78 26.04 -26.91
C VAL E 228 35.61 26.33 -25.99
N PRO E 229 35.88 26.73 -24.74
CA PRO E 229 34.87 27.03 -23.73
C PRO E 229 33.70 27.96 -24.11
N TYR E 230 32.51 27.59 -23.64
CA TYR E 230 31.28 28.34 -23.86
C TYR E 230 31.14 29.19 -22.60
N GLN E 231 30.01 29.88 -22.47
CA GLN E 231 29.75 30.69 -21.29
C GLN E 231 29.06 29.87 -20.22
N GLY E 232 29.54 28.66 -20.00
CA GLY E 232 28.93 27.80 -19.01
C GLY E 232 29.72 26.54 -18.78
N ASN E 233 29.10 25.55 -18.13
CA ASN E 233 29.77 24.29 -17.87
C ASN E 233 29.62 23.41 -19.10
N ALA E 234 30.29 23.80 -20.18
CA ALA E 234 30.24 23.07 -21.44
C ALA E 234 31.44 23.51 -22.28
N THR E 235 32.06 22.55 -22.96
CA THR E 235 33.22 22.85 -23.78
C THR E 235 33.17 22.20 -25.16
N ALA E 236 33.31 23.00 -26.20
CA ALA E 236 33.30 22.47 -27.54
C ALA E 236 34.69 21.92 -27.89
N LEU E 237 34.74 20.70 -28.40
CA LEU E 237 36.01 20.11 -28.78
C LEU E 237 36.02 19.93 -30.29
N PHE E 238 37.18 20.14 -30.91
CA PHE E 238 37.30 19.97 -32.37
C PHE E 238 38.51 19.12 -32.72
N ILE E 239 38.26 17.98 -33.36
CA ILE E 239 39.33 17.07 -33.74
C ILE E 239 39.71 17.33 -35.17
N LEU E 240 40.98 17.12 -35.49
CA LEU E 240 41.51 17.34 -36.84
C LEU E 240 42.48 16.25 -37.24
N PRO E 241 41.99 15.18 -37.88
CA PRO E 241 42.89 14.09 -38.29
C PRO E 241 43.96 14.62 -39.23
N SER E 242 45.19 14.14 -39.07
CA SER E 242 46.25 14.60 -39.94
C SER E 242 46.16 13.87 -41.28
N GLU E 243 45.83 14.63 -42.32
CA GLU E 243 45.66 14.13 -43.69
C GLU E 243 45.74 12.62 -43.88
N GLY E 244 44.62 12.03 -44.29
CA GLY E 244 44.56 10.60 -44.55
C GLY E 244 44.38 9.69 -43.35
N LYS E 245 44.18 10.29 -42.19
CA LYS E 245 44.02 9.52 -40.95
C LYS E 245 42.61 9.55 -40.34
N MET E 246 41.65 10.17 -41.01
CA MET E 246 40.28 10.24 -40.48
C MET E 246 39.78 8.85 -40.10
N GLN E 247 39.83 7.93 -41.06
CA GLN E 247 39.39 6.57 -40.81
C GLN E 247 40.02 6.06 -39.52
N GLN E 248 41.29 6.40 -39.34
CA GLN E 248 42.05 5.97 -38.18
C GLN E 248 41.57 6.58 -36.85
N VAL E 249 41.42 7.90 -36.80
CA VAL E 249 40.95 8.50 -35.55
C VAL E 249 39.55 7.98 -35.21
N GLU E 250 38.76 7.70 -36.24
CA GLU E 250 37.41 7.18 -36.05
C GLU E 250 37.45 5.81 -35.41
N ASN E 251 38.15 4.89 -36.06
CA ASN E 251 38.29 3.54 -35.54
C ASN E 251 39.03 3.60 -34.21
N GLY E 252 39.47 4.79 -33.84
CA GLY E 252 40.21 4.97 -32.60
C GLY E 252 39.47 5.70 -31.50
N LEU E 253 38.31 6.25 -31.80
CA LEU E 253 37.54 6.97 -30.79
C LEU E 253 37.13 6.01 -29.69
N SER E 254 37.22 6.46 -28.45
CA SER E 254 36.82 5.60 -27.32
C SER E 254 36.66 6.45 -26.09
N GLU E 255 35.89 5.95 -25.13
CA GLU E 255 35.67 6.66 -23.88
C GLU E 255 37.06 6.85 -23.27
N LYS E 256 37.95 5.94 -23.64
CA LYS E 256 39.34 5.95 -23.20
C LYS E 256 40.06 7.11 -23.87
N THR E 257 40.14 7.06 -25.19
CA THR E 257 40.80 8.10 -25.97
C THR E 257 40.31 9.48 -25.58
N LEU E 258 39.02 9.58 -25.22
CA LEU E 258 38.47 10.88 -24.82
C LEU E 258 39.04 11.34 -23.49
N ARG E 259 39.21 10.40 -22.56
CA ARG E 259 39.79 10.74 -21.27
C ARG E 259 41.26 11.07 -21.47
N LYS E 260 41.90 10.31 -22.35
CA LYS E 260 43.31 10.50 -22.67
C LYS E 260 43.55 11.93 -23.16
N TRP E 261 42.52 12.56 -23.75
CA TRP E 261 42.65 13.92 -24.26
C TRP E 261 42.41 15.02 -23.22
N LEU E 262 41.49 14.79 -22.29
CA LEU E 262 41.21 15.80 -21.26
C LEU E 262 42.38 15.93 -20.27
N LYS E 263 43.24 14.91 -20.23
CA LYS E 263 44.39 14.93 -19.34
C LYS E 263 45.60 15.45 -20.09
N MET E 264 45.85 14.88 -21.26
CA MET E 264 46.97 15.27 -22.11
C MET E 264 46.85 16.74 -22.51
N PHE E 265 45.80 17.40 -22.04
CA PHE E 265 45.56 18.82 -22.34
C PHE E 265 46.57 19.77 -21.71
N LYS E 266 46.14 21.03 -21.61
CA LYS E 266 46.89 22.17 -21.06
C LYS E 266 46.43 23.28 -21.98
N LYS E 267 47.06 24.45 -21.92
CA LYS E 267 46.66 25.54 -22.81
C LYS E 267 47.69 25.81 -23.90
N ARG E 268 47.47 26.87 -24.68
CA ARG E 268 48.37 27.21 -25.78
C ARG E 268 47.90 28.44 -26.54
N GLN E 269 48.85 29.28 -26.93
CA GLN E 269 48.56 30.49 -27.70
C GLN E 269 48.31 29.99 -29.11
N LEU E 270 47.12 30.26 -29.63
CA LEU E 270 46.78 29.79 -30.97
C LEU E 270 45.90 30.76 -31.77
N GLU E 271 46.11 30.76 -33.08
CA GLU E 271 45.34 31.57 -34.00
C GLU E 271 44.36 30.58 -34.64
N LEU E 272 43.17 30.47 -34.06
CA LEU E 272 42.18 29.52 -34.54
C LEU E 272 41.33 29.91 -35.74
N TYR E 273 41.26 29.00 -36.70
CA TYR E 273 40.46 29.17 -37.91
C TYR E 273 39.45 28.02 -37.98
N LEU E 274 38.22 28.31 -37.55
CA LEU E 274 37.13 27.33 -37.54
C LEU E 274 35.98 27.83 -38.42
N PRO E 275 35.56 27.02 -39.40
CA PRO E 275 34.48 27.41 -40.31
C PRO E 275 33.13 27.47 -39.65
N LYS E 276 32.31 28.41 -40.11
CA LYS E 276 30.95 28.56 -39.60
C LYS E 276 30.21 27.40 -40.28
N PHE E 277 29.49 26.61 -39.50
CA PHE E 277 28.80 25.48 -40.10
C PHE E 277 27.48 25.12 -39.46
N SER E 278 26.68 24.38 -40.21
CA SER E 278 25.38 23.96 -39.77
C SER E 278 25.08 22.59 -40.36
N ILE E 279 25.27 21.52 -39.56
CA ILE E 279 25.00 20.18 -40.07
C ILE E 279 23.91 19.51 -39.25
N GLU E 280 23.40 18.39 -39.77
CA GLU E 280 22.34 17.69 -39.06
C GLU E 280 22.38 16.18 -39.28
N GLY E 281 21.70 15.46 -38.41
CA GLY E 281 21.66 14.01 -38.50
C GLY E 281 20.23 13.56 -38.38
N SER E 282 19.90 12.52 -39.14
CA SER E 282 18.56 11.97 -39.14
C SER E 282 18.71 10.47 -39.35
N TYR E 283 18.38 9.67 -38.36
CA TYR E 283 18.57 8.24 -38.49
C TYR E 283 17.42 7.33 -38.07
N GLN E 284 17.31 6.19 -38.74
CA GLN E 284 16.29 5.20 -38.39
C GLN E 284 17.05 4.21 -37.50
N LEU E 285 17.16 4.57 -36.23
CA LEU E 285 17.88 3.76 -35.27
C LEU E 285 17.53 2.29 -35.13
N GLU E 286 16.33 1.90 -35.56
CA GLU E 286 15.97 0.49 -35.44
C GLU E 286 16.76 -0.30 -36.46
N LYS E 287 17.43 0.41 -37.35
CA LYS E 287 18.21 -0.23 -38.39
C LYS E 287 19.70 -0.34 -38.11
N VAL E 288 20.23 0.58 -37.30
CA VAL E 288 21.65 0.57 -37.01
C VAL E 288 21.95 -0.06 -35.68
N LEU E 289 20.99 0.00 -34.76
CA LEU E 289 21.18 -0.56 -33.40
C LEU E 289 21.46 -2.05 -33.33
N PRO E 290 20.85 -2.86 -34.19
CA PRO E 290 21.16 -4.29 -34.10
C PRO E 290 22.64 -4.53 -34.40
N SER E 291 23.30 -3.51 -34.95
CA SER E 291 24.73 -3.59 -35.25
C SER E 291 25.51 -3.65 -33.94
N LEU E 292 24.92 -3.09 -32.89
CA LEU E 292 25.54 -3.11 -31.57
C LEU E 292 24.84 -4.19 -30.72
N GLY E 293 24.18 -5.11 -31.40
CA GLY E 293 23.50 -6.19 -30.70
C GLY E 293 22.06 -5.98 -30.30
N ILE E 294 21.58 -4.76 -30.39
CA ILE E 294 20.19 -4.47 -29.97
C ILE E 294 19.21 -4.76 -31.10
N SER E 295 18.63 -5.95 -31.11
CA SER E 295 17.69 -6.29 -32.18
C SER E 295 16.30 -6.80 -31.79
N ASN E 296 16.25 -7.74 -30.85
CA ASN E 296 14.99 -8.31 -30.41
C ASN E 296 13.85 -7.31 -30.19
N VAL E 297 14.14 -6.21 -29.50
CA VAL E 297 13.14 -5.20 -29.21
C VAL E 297 12.39 -4.66 -30.44
N PHE E 298 12.92 -4.89 -31.63
CA PHE E 298 12.31 -4.40 -32.87
C PHE E 298 11.63 -5.53 -33.61
N THR E 299 11.61 -6.69 -32.96
CA THR E 299 11.04 -7.89 -33.53
C THR E 299 9.68 -8.16 -32.93
N SER E 300 8.90 -8.98 -33.61
CA SER E 300 7.60 -9.36 -33.10
C SER E 300 7.88 -10.41 -32.03
N HIS E 301 9.16 -10.55 -31.68
CA HIS E 301 9.63 -11.51 -30.70
C HIS E 301 10.11 -10.75 -29.47
N ALA E 302 9.94 -9.44 -29.49
CA ALA E 302 10.36 -8.59 -28.38
C ALA E 302 9.58 -8.86 -27.09
N ASP E 303 10.30 -8.84 -25.98
CA ASP E 303 9.71 -9.05 -24.68
C ASP E 303 9.71 -7.72 -23.96
N LEU E 304 8.60 -6.99 -24.07
CA LEU E 304 8.47 -5.69 -23.42
C LEU E 304 7.34 -5.73 -22.42
N SER E 305 7.18 -6.90 -21.79
CA SER E 305 6.15 -7.13 -20.80
C SER E 305 6.25 -6.15 -19.62
N GLY E 306 7.43 -5.55 -19.46
CA GLY E 306 7.63 -4.60 -18.38
C GLY E 306 6.97 -3.26 -18.64
N ILE E 307 6.43 -3.10 -19.84
CA ILE E 307 5.76 -1.87 -20.25
C ILE E 307 4.25 -2.00 -20.17
N SER E 308 3.77 -3.22 -20.37
CA SER E 308 2.35 -3.50 -20.30
C SER E 308 2.15 -5.00 -20.25
N ASN E 309 1.04 -5.44 -19.67
CA ASN E 309 0.73 -6.86 -19.61
C ASN E 309 -0.06 -7.09 -20.90
N HIS E 310 -0.58 -5.98 -21.41
CA HIS E 310 -1.37 -5.99 -22.62
C HIS E 310 -0.57 -6.53 -23.81
N SER E 311 -1.16 -7.50 -24.49
CA SER E 311 -0.58 -8.14 -25.68
C SER E 311 0.95 -8.17 -25.66
N ASN E 312 1.50 -8.18 -26.88
CA ASN E 312 2.94 -8.17 -27.07
C ASN E 312 3.23 -7.10 -28.09
N ILE E 313 3.74 -5.99 -27.59
CA ILE E 313 4.06 -4.86 -28.43
C ILE E 313 5.54 -4.95 -28.73
N GLN E 314 5.97 -4.13 -29.69
CA GLN E 314 7.36 -4.10 -30.07
C GLN E 314 7.64 -2.68 -30.52
N VAL E 315 8.91 -2.33 -30.62
CA VAL E 315 9.29 -1.01 -31.07
C VAL E 315 9.31 -1.08 -32.60
N SER E 316 8.37 -0.41 -33.26
CA SER E 316 8.35 -0.43 -34.72
C SER E 316 9.59 0.28 -35.23
N GLU E 317 9.79 1.53 -34.82
CA GLU E 317 10.95 2.28 -35.23
C GLU E 317 11.37 3.24 -34.13
N MET E 318 12.62 3.69 -34.19
CA MET E 318 13.16 4.60 -33.20
C MET E 318 13.90 5.69 -33.96
N VAL E 319 13.17 6.75 -34.30
CA VAL E 319 13.73 7.87 -35.03
C VAL E 319 14.56 8.82 -34.18
N HIS E 320 15.69 9.26 -34.72
CA HIS E 320 16.54 10.21 -34.01
C HIS E 320 16.86 11.32 -34.97
N LYS E 321 16.75 12.54 -34.48
CA LYS E 321 17.09 13.69 -35.31
C LYS E 321 17.97 14.57 -34.46
N ALA E 322 18.91 15.24 -35.10
CA ALA E 322 19.80 16.13 -34.37
C ALA E 322 20.34 17.18 -35.31
N VAL E 323 20.52 18.37 -34.79
CA VAL E 323 21.02 19.46 -35.60
C VAL E 323 21.95 20.33 -34.79
N VAL E 324 22.87 21.00 -35.47
CA VAL E 324 23.79 21.91 -34.80
C VAL E 324 24.19 23.07 -35.68
N GLU E 325 24.17 24.26 -35.08
CA GLU E 325 24.52 25.51 -35.74
C GLU E 325 25.76 26.06 -35.08
N VAL E 326 26.75 26.49 -35.87
CA VAL E 326 27.95 27.05 -35.29
C VAL E 326 28.36 28.35 -35.99
N ASP E 327 28.33 29.45 -35.24
CA ASP E 327 28.74 30.76 -35.77
C ASP E 327 29.68 31.47 -34.78
N GLU E 328 30.07 32.70 -35.10
CA GLU E 328 30.97 33.44 -34.22
C GLU E 328 30.42 33.80 -32.84
N SER E 329 29.09 33.83 -32.72
CA SER E 329 28.44 34.17 -31.46
C SER E 329 28.29 33.03 -30.45
N GLY E 330 28.40 31.78 -30.92
CA GLY E 330 28.25 30.65 -30.03
C GLY E 330 27.76 29.40 -30.74
N THR E 331 27.16 28.49 -30.01
CA THR E 331 26.64 27.25 -30.61
C THR E 331 25.19 26.97 -30.24
N ARG E 332 24.49 26.32 -31.16
CA ARG E 332 23.10 25.95 -30.93
C ARG E 332 22.86 24.51 -31.41
N ALA E 333 22.70 23.59 -30.45
CA ALA E 333 22.48 22.19 -30.77
C ALA E 333 21.16 21.67 -30.17
N ALA E 334 20.59 20.66 -30.81
CA ALA E 334 19.33 20.09 -30.35
C ALA E 334 19.11 18.75 -30.99
N ALA E 335 18.49 17.85 -30.25
CA ALA E 335 18.21 16.52 -30.75
C ALA E 335 16.99 15.98 -30.07
N ALA E 336 16.45 14.90 -30.62
CA ALA E 336 15.27 14.27 -30.08
C ALA E 336 15.27 12.81 -30.48
N THR E 337 14.91 11.93 -29.55
CA THR E 337 14.85 10.51 -29.87
C THR E 337 13.43 10.10 -29.64
N GLY E 338 12.83 9.48 -30.64
CA GLY E 338 11.45 9.03 -30.50
C GLY E 338 11.32 7.54 -30.69
N THR E 339 10.89 6.85 -29.65
CA THR E 339 10.70 5.40 -29.68
C THR E 339 9.21 5.04 -29.84
N ILE E 340 8.89 4.27 -30.88
CA ILE E 340 7.50 3.90 -31.14
C ILE E 340 7.20 2.42 -30.85
N PHE E 341 6.18 2.18 -30.02
CA PHE E 341 5.74 0.82 -29.65
C PHE E 341 4.43 0.50 -30.40
N THR E 342 4.32 -0.70 -30.97
CA THR E 342 3.13 -1.07 -31.71
C THR E 342 2.47 -2.39 -31.30
N PHE E 343 1.49 -2.82 -32.07
CA PHE E 343 0.76 -4.05 -31.79
C PHE E 343 0.99 -5.18 -32.78
N ARG E 344 1.34 -6.34 -32.25
CA ARG E 344 1.56 -7.54 -33.07
C ARG E 344 2.15 -8.68 -32.21
N SER F 4 49.80 33.93 -33.48
CA SER F 4 50.78 32.90 -33.18
C SER F 4 50.71 31.79 -34.23
N GLN F 5 50.74 30.54 -33.78
CA GLN F 5 50.66 29.42 -34.72
C GLN F 5 49.20 29.26 -35.15
N ARG F 6 49.02 28.76 -36.37
CA ARG F 6 47.68 28.57 -36.91
C ARG F 6 47.19 27.13 -36.97
N LEU F 7 45.97 26.93 -36.48
CA LEU F 7 45.35 25.61 -36.55
C LEU F 7 44.02 25.85 -37.24
N VAL F 8 43.99 25.63 -38.54
CA VAL F 8 42.80 25.85 -39.34
C VAL F 8 42.14 24.52 -39.74
N PHE F 9 40.82 24.46 -39.57
CA PHE F 9 40.07 23.26 -39.94
C PHE F 9 39.50 23.41 -41.34
N ASN F 10 40.24 22.94 -42.33
CA ASN F 10 39.81 22.99 -43.71
C ASN F 10 39.67 21.58 -44.31
N ARG F 11 39.60 20.59 -43.43
CA ARG F 11 39.42 19.19 -43.83
C ARG F 11 38.33 18.60 -42.93
N PRO F 12 37.74 17.47 -43.33
CA PRO F 12 36.69 16.88 -42.49
C PRO F 12 37.21 16.73 -41.07
N PHE F 13 36.44 17.21 -40.10
CA PHE F 13 36.84 17.11 -38.71
C PHE F 13 35.68 16.65 -37.84
N LEU F 14 35.99 16.24 -36.60
CA LEU F 14 34.99 15.76 -35.66
C LEU F 14 34.68 16.83 -34.63
N MET F 15 33.48 16.78 -34.07
CA MET F 15 33.11 17.75 -33.05
C MET F 15 32.53 17.06 -31.83
N PHE F 16 32.87 17.56 -30.66
CA PHE F 16 32.39 17.03 -29.39
C PHE F 16 31.82 18.22 -28.65
N ILE F 17 30.62 18.08 -28.11
CA ILE F 17 30.06 19.15 -27.29
C ILE F 17 29.94 18.45 -25.95
N VAL F 18 31.05 18.41 -25.23
CA VAL F 18 31.09 17.76 -23.92
C VAL F 18 30.72 18.64 -22.74
N ASP F 19 29.88 18.06 -21.90
CA ASP F 19 29.39 18.64 -20.66
C ASP F 19 30.15 17.78 -19.66
N ASN F 20 29.48 17.30 -18.62
CA ASN F 20 30.16 16.40 -17.70
C ASN F 20 30.30 15.18 -18.60
N ASN F 21 29.24 14.91 -19.34
CA ASN F 21 29.15 13.79 -20.28
C ASN F 21 29.25 14.32 -21.70
N ILE F 22 29.11 13.45 -22.69
CA ILE F 22 29.17 13.88 -24.08
C ILE F 22 27.74 14.14 -24.54
N LEU F 23 27.42 15.42 -24.71
CA LEU F 23 26.08 15.83 -25.15
C LEU F 23 25.79 15.59 -26.62
N PHE F 24 26.74 15.98 -27.47
CA PHE F 24 26.60 15.82 -28.91
C PHE F 24 27.92 15.42 -29.53
N LEU F 25 27.84 14.56 -30.55
CA LEU F 25 29.01 14.06 -31.27
C LEU F 25 28.70 14.25 -32.74
N GLY F 26 29.71 14.16 -33.59
CA GLY F 26 29.46 14.33 -35.01
C GLY F 26 30.68 14.66 -35.86
N LYS F 27 30.57 14.37 -37.15
CA LYS F 27 31.64 14.65 -38.11
C LYS F 27 31.20 15.69 -39.15
N VAL F 28 31.95 16.79 -39.25
CA VAL F 28 31.66 17.83 -40.23
C VAL F 28 32.52 17.54 -41.45
N ASN F 29 31.99 16.73 -42.35
CA ASN F 29 32.66 16.32 -43.59
C ASN F 29 32.56 17.33 -44.73
N ARG F 30 31.62 18.26 -44.60
CA ARG F 30 31.41 19.28 -45.62
C ARG F 30 30.56 20.40 -45.05
N PRO F 31 31.17 21.57 -44.78
CA PRO F 31 30.46 22.73 -44.23
C PRO F 31 29.24 23.10 -45.05
N ARG G 16 -34.67 -11.88 -27.20
CA ARG G 16 -33.54 -11.58 -26.26
C ARG G 16 -33.38 -10.09 -25.98
N ARG G 17 -34.16 -9.58 -25.02
CA ARG G 17 -34.12 -8.17 -24.63
C ARG G 17 -33.57 -8.00 -23.22
N ASP G 18 -32.85 -6.92 -23.01
CA ASP G 18 -32.22 -6.63 -21.73
C ASP G 18 -32.97 -5.49 -21.06
N PHE G 19 -33.85 -5.85 -20.12
CA PHE G 19 -34.68 -4.87 -19.42
C PHE G 19 -33.99 -3.67 -18.79
N THR G 20 -33.10 -3.92 -17.84
CA THR G 20 -32.39 -2.85 -17.15
C THR G 20 -31.67 -1.83 -18.05
N PHE G 21 -30.94 -2.35 -19.02
CA PHE G 21 -30.18 -1.49 -19.92
C PHE G 21 -30.98 -0.94 -21.09
N ASP G 22 -32.04 -1.64 -21.48
CA ASP G 22 -32.88 -1.13 -22.56
C ASP G 22 -33.59 0.06 -21.92
N LEU G 23 -33.93 -0.11 -20.64
CA LEU G 23 -34.59 0.96 -19.91
C LEU G 23 -33.63 2.15 -19.78
N TYR G 24 -32.38 1.87 -19.41
CA TYR G 24 -31.36 2.90 -19.28
C TYR G 24 -31.22 3.72 -20.55
N ARG G 25 -31.04 3.02 -21.65
CA ARG G 25 -30.85 3.69 -22.94
C ARG G 25 -32.06 4.52 -23.34
N ALA G 26 -33.26 4.00 -23.07
CA ALA G 26 -34.46 4.74 -23.42
C ALA G 26 -34.39 6.08 -22.69
N LEU G 27 -34.10 6.03 -21.39
CA LEU G 27 -34.01 7.26 -20.60
C LEU G 27 -32.92 8.21 -21.09
N ALA G 28 -31.72 7.67 -21.35
CA ALA G 28 -30.60 8.49 -21.80
C ALA G 28 -30.94 9.16 -23.12
N SER G 29 -31.60 8.42 -24.01
CA SER G 29 -31.98 8.97 -25.30
C SER G 29 -32.99 10.09 -25.10
N ALA G 30 -33.88 9.91 -24.13
CA ALA G 30 -34.91 10.90 -23.82
C ALA G 30 -34.28 12.16 -23.25
N ALA G 31 -33.06 12.03 -22.76
CA ALA G 31 -32.36 13.17 -22.18
C ALA G 31 -30.87 13.13 -22.57
N PRO G 32 -30.56 13.60 -23.77
CA PRO G 32 -29.21 13.65 -24.34
C PRO G 32 -28.02 13.86 -23.41
N SER G 33 -28.05 14.87 -22.55
CA SER G 33 -26.89 15.07 -21.68
C SER G 33 -27.18 15.48 -20.25
N GLN G 34 -28.28 14.97 -19.70
CA GLN G 34 -28.62 15.27 -18.33
C GLN G 34 -28.09 14.10 -17.52
N ASN G 35 -28.06 14.24 -16.20
CA ASN G 35 -27.64 13.12 -15.37
C ASN G 35 -28.80 12.14 -15.47
N ILE G 36 -28.57 10.91 -15.05
CA ILE G 36 -29.62 9.92 -15.10
C ILE G 36 -29.45 9.03 -13.89
N PHE G 37 -30.56 8.59 -13.31
CA PHE G 37 -30.46 7.74 -12.14
C PHE G 37 -31.82 7.13 -11.84
N PHE G 38 -31.83 5.83 -11.57
CA PHE G 38 -33.07 5.15 -11.26
C PHE G 38 -32.80 3.82 -10.60
N SER G 39 -33.85 3.17 -10.10
CA SER G 39 -33.70 1.88 -9.46
C SER G 39 -34.28 0.78 -10.30
N PRO G 40 -33.43 0.09 -11.05
CA PRO G 40 -34.00 -0.99 -11.87
C PRO G 40 -34.90 -1.91 -11.03
N VAL G 41 -34.37 -2.40 -9.91
CA VAL G 41 -35.12 -3.31 -9.04
C VAL G 41 -36.49 -2.73 -8.68
N SER G 42 -36.51 -1.46 -8.30
CA SER G 42 -37.78 -0.86 -7.95
C SER G 42 -38.76 -1.02 -9.09
N ILE G 43 -38.33 -0.69 -10.30
CA ILE G 43 -39.22 -0.78 -11.45
C ILE G 43 -39.61 -2.20 -11.88
N SER G 44 -38.65 -3.11 -11.99
CA SER G 44 -38.97 -4.47 -12.43
C SER G 44 -39.84 -5.17 -11.40
N MET G 45 -39.61 -4.87 -10.12
CA MET G 45 -40.42 -5.47 -9.06
C MET G 45 -41.82 -4.93 -9.22
N SER G 46 -41.90 -3.67 -9.59
CA SER G 46 -43.19 -3.01 -9.82
C SER G 46 -43.89 -3.68 -11.00
N LEU G 47 -43.14 -4.00 -12.05
CA LEU G 47 -43.73 -4.65 -13.21
C LEU G 47 -44.16 -6.08 -12.89
N ALA G 48 -43.36 -6.80 -12.11
CA ALA G 48 -43.69 -8.16 -11.73
C ALA G 48 -45.03 -8.17 -11.00
N MET G 49 -45.16 -7.31 -9.97
CA MET G 49 -46.40 -7.20 -9.20
C MET G 49 -47.56 -6.88 -10.14
N LEU G 50 -47.35 -5.92 -11.03
CA LEU G 50 -48.36 -5.53 -11.97
C LEU G 50 -48.86 -6.72 -12.78
N SER G 51 -47.93 -7.57 -13.21
CA SER G 51 -48.30 -8.74 -14.03
C SER G 51 -49.28 -9.68 -13.33
N LEU G 52 -49.35 -9.61 -12.00
CA LEU G 52 -50.26 -10.43 -11.21
C LEU G 52 -51.74 -10.19 -11.55
N GLY G 53 -52.08 -8.95 -11.83
CA GLY G 53 -53.46 -8.64 -12.16
C GLY G 53 -53.61 -8.43 -13.65
N ALA G 54 -52.63 -8.91 -14.41
CA ALA G 54 -52.64 -8.76 -15.86
C ALA G 54 -52.95 -10.07 -16.58
N GLY G 55 -53.65 -9.95 -17.70
CA GLY G 55 -53.99 -11.09 -18.50
C GLY G 55 -53.82 -10.75 -19.96
N SER G 56 -54.01 -11.74 -20.83
CA SER G 56 -53.88 -11.54 -22.27
C SER G 56 -52.57 -10.90 -22.74
N SER G 57 -52.69 -10.01 -23.72
CA SER G 57 -51.54 -9.33 -24.31
C SER G 57 -50.90 -8.23 -23.47
N THR G 58 -51.62 -7.66 -22.50
CA THR G 58 -50.99 -6.61 -21.72
C THR G 58 -50.05 -7.28 -20.74
N LYS G 59 -50.30 -8.54 -20.45
CA LYS G 59 -49.47 -9.33 -19.54
C LYS G 59 -48.24 -9.84 -20.30
N MET G 60 -48.46 -10.23 -21.55
CA MET G 60 -47.39 -10.74 -22.36
C MET G 60 -46.32 -9.67 -22.55
N GLN G 61 -46.72 -8.45 -22.84
CA GLN G 61 -45.76 -7.37 -23.05
C GLN G 61 -44.94 -7.09 -21.80
N ILE G 62 -45.51 -7.35 -20.63
CA ILE G 62 -44.77 -7.10 -19.41
C ILE G 62 -43.73 -8.18 -19.21
N LEU G 63 -44.15 -9.43 -19.32
CA LEU G 63 -43.20 -10.52 -19.14
C LEU G 63 -42.05 -10.46 -20.16
N GLU G 64 -42.37 -10.17 -21.42
CA GLU G 64 -41.32 -10.08 -22.43
C GLU G 64 -40.45 -8.87 -22.16
N GLY G 65 -41.08 -7.76 -21.80
CA GLY G 65 -40.34 -6.56 -21.49
C GLY G 65 -39.34 -6.88 -20.40
N LEU G 66 -39.71 -7.79 -19.52
CA LEU G 66 -38.84 -8.19 -18.43
C LEU G 66 -37.84 -9.25 -18.87
N GLY G 67 -37.91 -9.62 -20.14
CA GLY G 67 -36.99 -10.60 -20.69
C GLY G 67 -37.26 -12.04 -20.33
N LEU G 68 -38.51 -12.39 -20.09
CA LEU G 68 -38.87 -13.76 -19.75
C LEU G 68 -39.29 -14.58 -20.96
N ASN G 69 -39.48 -15.88 -20.72
CA ASN G 69 -39.95 -16.83 -21.71
C ASN G 69 -41.45 -16.60 -21.78
N LEU G 70 -42.18 -17.67 -22.09
CA LEU G 70 -43.64 -17.65 -22.14
C LEU G 70 -44.08 -18.86 -21.34
N GLN G 71 -43.11 -19.43 -20.64
CA GLN G 71 -43.32 -20.61 -19.81
C GLN G 71 -43.75 -20.20 -18.39
N LYS G 72 -44.82 -20.81 -17.90
CA LYS G 72 -45.32 -20.50 -16.57
C LYS G 72 -44.25 -20.70 -15.52
N SER G 73 -43.40 -21.70 -15.71
CA SER G 73 -42.34 -21.95 -14.74
C SER G 73 -41.46 -20.69 -14.59
N SER G 74 -41.36 -19.91 -15.67
CA SER G 74 -40.59 -18.68 -15.66
C SER G 74 -41.31 -17.62 -14.82
N GLU G 75 -42.62 -17.52 -15.00
CA GLU G 75 -43.41 -16.56 -14.25
C GLU G 75 -43.27 -16.90 -12.75
N LYS G 76 -43.40 -18.19 -12.41
CA LYS G 76 -43.28 -18.64 -11.02
C LYS G 76 -41.94 -18.23 -10.41
N GLU G 77 -40.85 -18.55 -11.11
CA GLU G 77 -39.52 -18.22 -10.62
C GLU G 77 -39.29 -16.72 -10.57
N LEU G 78 -40.15 -15.96 -11.24
CA LEU G 78 -40.01 -14.50 -11.22
C LEU G 78 -40.44 -14.00 -9.84
N HIS G 79 -41.70 -14.27 -9.50
CA HIS G 79 -42.24 -13.84 -8.22
C HIS G 79 -41.50 -14.53 -7.08
N ARG G 80 -41.14 -15.79 -7.29
CA ARG G 80 -40.43 -16.53 -6.26
C ARG G 80 -39.08 -15.86 -5.95
N GLY G 81 -38.38 -15.42 -6.99
CA GLY G 81 -37.09 -14.77 -6.80
C GLY G 81 -37.18 -13.47 -6.02
N PHE G 82 -38.17 -12.65 -6.35
CA PHE G 82 -38.36 -11.40 -5.64
C PHE G 82 -38.81 -11.71 -4.20
N GLN G 83 -39.62 -12.74 -4.03
CA GLN G 83 -40.08 -13.13 -2.70
C GLN G 83 -38.87 -13.47 -1.82
N GLN G 84 -38.01 -14.34 -2.34
CA GLN G 84 -36.81 -14.72 -1.61
C GLN G 84 -36.06 -13.45 -1.23
N LEU G 85 -35.88 -12.57 -2.21
CA LEU G 85 -35.18 -11.29 -2.05
C LEU G 85 -35.70 -10.46 -0.87
N LEU G 86 -37.00 -10.22 -0.85
CA LEU G 86 -37.58 -9.44 0.22
C LEU G 86 -37.42 -10.13 1.57
N GLN G 87 -37.50 -11.46 1.59
CA GLN G 87 -37.34 -12.20 2.84
C GLN G 87 -35.90 -12.29 3.33
N GLU G 88 -35.00 -11.49 2.77
CA GLU G 88 -33.60 -11.57 3.18
C GLU G 88 -32.89 -10.25 3.40
N LEU G 89 -33.43 -9.35 4.21
CA LEU G 89 -32.72 -8.10 4.40
C LEU G 89 -32.20 -7.84 5.82
N ASN G 90 -31.23 -8.66 6.18
CA ASN G 90 -30.54 -8.68 7.47
C ASN G 90 -30.46 -7.41 8.33
N GLN G 91 -31.59 -6.76 8.55
CA GLN G 91 -31.71 -5.57 9.38
C GLN G 91 -30.60 -4.50 9.34
N PRO G 92 -30.98 -3.22 9.46
CA PRO G 92 -30.07 -2.09 9.43
C PRO G 92 -28.82 -2.18 10.30
N ARG G 93 -27.80 -1.43 9.89
CA ARG G 93 -26.52 -1.33 10.59
C ARG G 93 -25.96 0.03 10.19
N ASP G 94 -25.12 0.61 11.03
CA ASP G 94 -24.56 1.91 10.71
C ASP G 94 -23.70 1.83 9.46
N GLY G 95 -23.13 0.65 9.20
CA GLY G 95 -22.27 0.49 8.04
C GLY G 95 -22.97 0.08 6.77
N PHE G 96 -24.05 -0.68 6.90
CA PHE G 96 -24.76 -1.13 5.72
C PHE G 96 -26.25 -1.31 6.03
N GLN G 97 -27.07 -0.73 5.16
CA GLN G 97 -28.51 -0.82 5.31
C GLN G 97 -29.21 -0.86 3.97
N LEU G 98 -29.99 -1.91 3.76
CA LEU G 98 -30.74 -2.06 2.52
C LEU G 98 -32.14 -2.59 2.82
N SER G 99 -33.15 -1.85 2.38
CA SER G 99 -34.53 -2.26 2.58
C SER G 99 -35.42 -1.96 1.37
N LEU G 100 -36.41 -2.81 1.15
CA LEU G 100 -37.36 -2.68 0.05
C LEU G 100 -38.74 -3.08 0.53
N GLY G 101 -39.78 -2.44 0.00
CA GLY G 101 -41.13 -2.77 0.42
C GLY G 101 -42.20 -2.36 -0.57
N ASN G 102 -43.34 -3.03 -0.47
CA ASN G 102 -44.46 -2.75 -1.36
C ASN G 102 -45.73 -2.50 -0.57
N ALA G 103 -46.62 -1.73 -1.15
CA ALA G 103 -47.86 -1.39 -0.49
C ALA G 103 -48.92 -1.01 -1.50
N LEU G 104 -50.17 -1.35 -1.20
CA LEU G 104 -51.31 -1.06 -2.06
C LEU G 104 -52.26 -0.10 -1.39
N PHE G 105 -52.58 0.99 -2.06
CA PHE G 105 -53.52 1.96 -1.50
C PHE G 105 -54.79 1.85 -2.34
N THR G 106 -55.79 1.18 -1.78
CA THR G 106 -57.06 0.95 -2.47
C THR G 106 -58.23 1.79 -2.01
N ASP G 107 -58.92 2.41 -2.97
CA ASP G 107 -60.08 3.23 -2.65
C ASP G 107 -61.21 2.32 -2.17
N LEU G 108 -61.97 2.82 -1.19
CA LEU G 108 -63.06 2.05 -0.61
C LEU G 108 -64.10 1.59 -1.64
N VAL G 109 -64.18 2.27 -2.79
CA VAL G 109 -65.16 1.89 -3.81
C VAL G 109 -64.51 1.23 -5.03
N VAL G 110 -63.83 0.12 -4.77
CA VAL G 110 -63.15 -0.68 -5.80
C VAL G 110 -62.90 -2.06 -5.19
N ASP G 111 -63.63 -3.07 -5.65
CA ASP G 111 -63.46 -4.41 -5.11
C ASP G 111 -62.32 -5.16 -5.80
N LEU G 112 -61.26 -5.39 -5.05
CA LEU G 112 -60.07 -6.06 -5.57
C LEU G 112 -60.11 -7.58 -5.49
N GLN G 113 -59.58 -8.23 -6.50
CA GLN G 113 -59.53 -9.68 -6.55
C GLN G 113 -58.73 -10.17 -5.36
N ASP G 114 -59.35 -10.98 -4.51
CA ASP G 114 -58.64 -11.47 -3.34
C ASP G 114 -57.47 -12.36 -3.70
N THR G 115 -57.44 -12.82 -4.96
CA THR G 115 -56.34 -13.66 -5.40
C THR G 115 -55.11 -12.77 -5.61
N PHE G 116 -55.37 -11.53 -5.99
CA PHE G 116 -54.33 -10.55 -6.22
C PHE G 116 -53.79 -9.99 -4.91
N VAL G 117 -54.70 -9.62 -4.02
CA VAL G 117 -54.30 -9.08 -2.72
C VAL G 117 -53.52 -10.12 -1.95
N SER G 118 -53.93 -11.38 -2.08
CA SER G 118 -53.27 -12.47 -1.40
C SER G 118 -51.86 -12.72 -1.95
N ALA G 119 -51.69 -12.55 -3.26
CA ALA G 119 -50.40 -12.74 -3.91
C ALA G 119 -49.48 -11.58 -3.54
N MET G 120 -50.02 -10.37 -3.50
CA MET G 120 -49.24 -9.19 -3.14
C MET G 120 -48.68 -9.35 -1.71
N LYS G 121 -49.50 -9.85 -0.79
CA LYS G 121 -49.06 -10.01 0.60
C LYS G 121 -48.07 -11.15 0.79
N THR G 122 -48.27 -12.23 0.04
CA THR G 122 -47.43 -13.42 0.14
C THR G 122 -46.07 -13.28 -0.56
N LEU G 123 -46.08 -13.08 -1.88
CA LEU G 123 -44.84 -12.95 -2.65
C LEU G 123 -44.10 -11.64 -2.47
N TYR G 124 -44.83 -10.54 -2.31
CA TYR G 124 -44.18 -9.25 -2.18
C TYR G 124 -44.31 -8.54 -0.83
N LEU G 125 -44.87 -9.25 0.16
CA LEU G 125 -45.01 -8.70 1.52
C LEU G 125 -45.71 -7.35 1.52
N ALA G 126 -46.67 -7.18 0.63
CA ALA G 126 -47.41 -5.93 0.48
C ALA G 126 -48.41 -5.53 1.56
N ASP G 127 -48.30 -4.29 2.03
CA ASP G 127 -49.24 -3.76 3.02
C ASP G 127 -50.40 -3.25 2.17
N THR G 128 -51.56 -3.08 2.77
CA THR G 128 -52.70 -2.55 2.04
C THR G 128 -53.32 -1.50 2.95
N PHE G 129 -53.70 -0.36 2.38
CA PHE G 129 -54.27 0.72 3.18
C PHE G 129 -55.45 1.30 2.43
N PRO G 130 -56.60 1.44 3.09
CA PRO G 130 -57.76 2.02 2.40
C PRO G 130 -57.48 3.49 2.23
N THR G 131 -57.96 4.05 1.12
CA THR G 131 -57.75 5.46 0.83
C THR G 131 -59.01 6.07 0.21
N ASN G 132 -59.29 7.32 0.56
CA ASN G 132 -60.44 7.99 -0.01
C ASN G 132 -59.92 8.77 -1.21
N PHE G 133 -59.79 8.09 -2.34
CA PHE G 133 -59.30 8.73 -3.54
C PHE G 133 -60.19 9.84 -4.06
N ARG G 134 -61.43 9.90 -3.58
CA ARG G 134 -62.31 10.94 -4.05
C ARG G 134 -61.73 12.24 -3.49
N ASP G 135 -60.92 12.09 -2.45
CA ASP G 135 -60.24 13.20 -1.82
C ASP G 135 -58.78 13.18 -2.24
N SER G 136 -58.52 13.60 -3.48
CA SER G 136 -57.17 13.62 -4.06
C SER G 136 -56.10 14.17 -3.14
N ALA G 137 -56.11 15.50 -2.95
CA ALA G 137 -55.13 16.16 -2.10
C ALA G 137 -54.87 15.32 -0.87
N GLY G 138 -55.95 14.95 -0.18
CA GLY G 138 -55.80 14.14 1.01
C GLY G 138 -55.07 12.84 0.76
N ALA G 139 -55.46 12.14 -0.29
CA ALA G 139 -54.84 10.87 -0.66
C ALA G 139 -53.38 11.03 -1.07
N MET G 140 -53.07 12.17 -1.69
CA MET G 140 -51.73 12.45 -2.13
C MET G 140 -50.78 12.53 -0.94
N LYS G 141 -51.23 13.13 0.16
CA LYS G 141 -50.37 13.25 1.33
C LYS G 141 -50.27 11.90 2.02
N GLN G 142 -51.36 11.14 2.05
CA GLN G 142 -51.32 9.84 2.69
C GLN G 142 -50.24 8.99 2.05
N ILE G 143 -50.24 8.96 0.72
CA ILE G 143 -49.26 8.15 0.03
C ILE G 143 -47.84 8.71 0.12
N ASN G 144 -47.66 9.99 -0.17
CA ASN G 144 -46.34 10.60 -0.10
C ASN G 144 -45.71 10.38 1.27
N ASP G 145 -46.46 10.67 2.33
CA ASP G 145 -45.94 10.51 3.67
C ASP G 145 -45.46 9.10 3.91
N TYR G 146 -46.13 8.14 3.28
CA TYR G 146 -45.76 6.74 3.42
C TYR G 146 -44.40 6.53 2.77
N VAL G 147 -44.28 6.99 1.52
CA VAL G 147 -43.05 6.86 0.77
C VAL G 147 -41.89 7.64 1.40
N ALA G 148 -42.20 8.71 2.13
CA ALA G 148 -41.13 9.46 2.78
C ALA G 148 -40.60 8.66 3.97
N LYS G 149 -41.52 8.09 4.74
CA LYS G 149 -41.14 7.29 5.90
C LYS G 149 -40.27 6.08 5.51
N GLN G 150 -40.68 5.37 4.46
CA GLN G 150 -39.95 4.22 3.99
C GLN G 150 -38.57 4.58 3.46
N THR G 151 -38.47 5.68 2.73
CA THR G 151 -37.19 6.11 2.18
C THR G 151 -36.46 7.07 3.13
N LYS G 152 -36.74 6.96 4.43
CA LYS G 152 -36.12 7.82 5.43
C LYS G 152 -36.00 9.29 5.01
N GLY G 153 -37.07 9.82 4.44
CA GLY G 153 -37.10 11.21 4.03
C GLY G 153 -36.41 11.61 2.75
N LYS G 154 -35.97 10.64 1.96
CA LYS G 154 -35.30 11.00 0.73
C LYS G 154 -36.25 11.28 -0.43
N ILE G 155 -37.33 10.51 -0.53
CA ILE G 155 -38.33 10.74 -1.59
C ILE G 155 -39.60 11.23 -0.89
N VAL G 156 -39.87 12.53 -1.01
CA VAL G 156 -41.01 13.14 -0.32
C VAL G 156 -42.32 13.37 -1.10
N ASP G 157 -42.21 13.76 -2.37
CA ASP G 157 -43.39 14.03 -3.18
C ASP G 157 -43.44 13.13 -4.41
N LEU G 158 -43.71 11.84 -4.20
CA LEU G 158 -43.77 10.93 -5.34
C LEU G 158 -44.92 11.35 -6.25
N LEU G 159 -46.10 11.56 -5.67
CA LEU G 159 -47.27 11.97 -6.46
C LEU G 159 -47.42 13.48 -6.45
N LYS G 160 -47.46 14.07 -7.63
CA LYS G 160 -47.60 15.53 -7.76
C LYS G 160 -49.06 15.95 -7.95
N ASN G 161 -49.68 15.51 -9.05
CA ASN G 161 -51.06 15.86 -9.31
C ASN G 161 -51.86 14.60 -9.55
N LEU G 162 -52.54 14.14 -8.51
CA LEU G 162 -53.34 12.91 -8.60
C LEU G 162 -54.75 13.15 -9.12
N ASP G 163 -55.21 12.23 -9.96
CA ASP G 163 -56.54 12.30 -10.56
C ASP G 163 -57.55 11.61 -9.62
N SER G 164 -58.73 12.21 -9.46
CA SER G 164 -59.77 11.66 -8.59
C SER G 164 -60.35 10.35 -9.14
N ASN G 165 -59.97 10.01 -10.37
CA ASN G 165 -60.44 8.78 -11.00
C ASN G 165 -59.53 7.63 -10.60
N ALA G 166 -58.43 7.97 -9.94
CA ALA G 166 -57.49 6.96 -9.46
C ALA G 166 -58.31 6.04 -8.58
N VAL G 167 -58.11 4.73 -8.68
CA VAL G 167 -58.88 3.82 -7.85
C VAL G 167 -57.98 2.89 -7.06
N VAL G 168 -56.70 2.89 -7.39
CA VAL G 168 -55.74 2.06 -6.67
C VAL G 168 -54.32 2.41 -7.08
N ILE G 169 -53.48 2.67 -6.09
CA ILE G 169 -52.09 3.00 -6.35
C ILE G 169 -51.16 1.96 -5.73
N MET G 170 -50.32 1.36 -6.56
CA MET G 170 -49.39 0.35 -6.09
C MET G 170 -48.04 1.03 -5.84
N VAL G 171 -47.46 0.79 -4.66
CA VAL G 171 -46.19 1.40 -4.32
C VAL G 171 -45.03 0.48 -3.96
N ASN G 172 -43.86 0.84 -4.45
CA ASN G 172 -42.64 0.13 -4.14
C ASN G 172 -41.57 1.17 -3.84
N TYR G 173 -40.79 0.92 -2.79
CA TYR G 173 -39.74 1.84 -2.42
C TYR G 173 -38.50 1.01 -2.14
N ILE G 174 -37.37 1.68 -2.06
CA ILE G 174 -36.12 1.02 -1.75
C ILE G 174 -35.21 2.07 -1.12
N PHE G 175 -34.60 1.69 0.01
CA PHE G 175 -33.70 2.59 0.69
C PHE G 175 -32.37 1.88 0.98
N PHE G 176 -31.28 2.57 0.62
CA PHE G 176 -29.94 2.02 0.79
C PHE G 176 -28.98 3.03 1.35
N LYS G 177 -28.26 2.62 2.40
CA LYS G 177 -27.25 3.48 3.01
C LYS G 177 -26.13 2.59 3.53
N ALA G 178 -24.92 2.85 3.07
CA ALA G 178 -23.79 2.05 3.52
C ALA G 178 -22.52 2.87 3.56
N LYS G 179 -21.64 2.50 4.48
CA LYS G 179 -20.34 3.16 4.62
C LYS G 179 -19.38 2.39 3.74
N TRP G 180 -18.48 3.12 3.09
CA TRP G 180 -17.47 2.48 2.24
C TRP G 180 -16.69 1.54 3.15
N GLU G 181 -16.21 0.44 2.61
CA GLU G 181 -15.43 -0.52 3.37
C GLU G 181 -14.26 0.26 3.96
N THR G 182 -13.76 1.22 3.21
CA THR G 182 -12.67 2.07 3.66
C THR G 182 -13.02 3.48 3.24
N SER G 183 -13.12 4.40 4.21
CA SER G 183 -13.47 5.78 3.89
C SER G 183 -12.43 6.54 3.09
N PHE G 184 -12.90 7.51 2.32
CA PHE G 184 -12.02 8.38 1.55
C PHE G 184 -11.61 9.32 2.67
N ASN G 185 -10.36 9.80 2.67
CA ASN G 185 -10.02 10.73 3.74
C ASN G 185 -10.57 12.09 3.40
N HIS G 186 -11.21 12.71 4.38
CA HIS G 186 -11.81 14.02 4.18
C HIS G 186 -10.75 15.06 3.82
N LYS G 187 -9.60 15.00 4.49
CA LYS G 187 -8.52 15.95 4.24
C LYS G 187 -7.84 15.74 2.88
N GLY G 188 -8.36 14.82 2.08
CA GLY G 188 -7.79 14.56 0.76
C GLY G 188 -8.68 15.04 -0.37
N THR G 189 -9.79 15.68 -0.01
CA THR G 189 -10.74 16.19 -0.98
C THR G 189 -10.45 17.65 -1.29
N GLN G 190 -9.98 17.91 -2.50
CA GLN G 190 -9.69 19.27 -2.92
C GLN G 190 -10.60 19.57 -4.09
N GLU G 191 -10.70 20.84 -4.46
CA GLU G 191 -11.52 21.21 -5.59
C GLU G 191 -10.73 20.92 -6.87
N GLN G 192 -11.37 20.28 -7.84
CA GLN G 192 -10.71 19.93 -9.09
C GLN G 192 -11.67 20.19 -10.26
N ASP G 193 -11.16 20.22 -11.49
CA ASP G 193 -12.02 20.46 -12.66
C ASP G 193 -12.77 19.20 -13.09
N PHE G 194 -13.97 19.39 -13.63
CA PHE G 194 -14.77 18.27 -14.13
C PHE G 194 -15.27 18.60 -15.52
N TYR G 195 -14.87 17.81 -16.50
CA TYR G 195 -15.24 18.05 -17.88
C TYR G 195 -16.60 17.49 -18.32
N VAL G 196 -17.63 18.34 -18.25
CA VAL G 196 -18.96 17.91 -18.68
C VAL G 196 -18.82 17.65 -20.19
N THR G 197 -17.96 18.45 -20.80
CA THR G 197 -17.64 18.34 -22.23
C THR G 197 -16.22 18.89 -22.35
N SER G 198 -15.54 18.60 -23.45
CA SER G 198 -14.17 19.09 -23.61
C SER G 198 -14.12 20.62 -23.55
N GLU G 199 -15.29 21.26 -23.58
CA GLU G 199 -15.38 22.72 -23.55
C GLU G 199 -16.04 23.26 -22.28
N THR G 200 -16.93 22.47 -21.69
CA THR G 200 -17.63 22.87 -20.48
C THR G 200 -16.98 22.26 -19.23
N VAL G 201 -16.47 23.12 -18.37
CA VAL G 201 -15.83 22.66 -17.15
C VAL G 201 -16.67 23.19 -16.02
N VAL G 202 -16.42 22.67 -14.82
CA VAL G 202 -17.13 23.08 -13.62
C VAL G 202 -16.35 22.52 -12.46
N ARG G 203 -16.17 23.33 -11.42
CA ARG G 203 -15.41 22.91 -10.26
C ARG G 203 -16.23 21.98 -9.38
N VAL G 204 -15.61 20.90 -8.89
CA VAL G 204 -16.30 19.96 -8.02
C VAL G 204 -15.32 19.48 -6.96
N PRO G 205 -15.86 19.04 -5.81
CA PRO G 205 -15.01 18.55 -4.73
C PRO G 205 -14.59 17.12 -5.10
N MET G 206 -13.31 16.96 -5.43
CA MET G 206 -12.79 15.66 -5.83
C MET G 206 -12.17 14.87 -4.67
N MET G 207 -12.77 13.72 -4.36
CA MET G 207 -12.26 12.86 -3.29
C MET G 207 -11.08 12.04 -3.82
N SER G 208 -10.26 11.50 -2.92
CA SER G 208 -9.11 10.71 -3.33
C SER G 208 -8.69 9.70 -2.28
N ARG G 209 -8.24 8.54 -2.73
CA ARG G 209 -7.78 7.49 -1.85
C ARG G 209 -7.03 6.44 -2.66
N GLU G 210 -5.85 6.09 -2.19
CA GLU G 210 -5.03 5.09 -2.87
C GLU G 210 -5.29 3.75 -2.20
N ASP G 211 -5.38 2.68 -3.00
CA ASP G 211 -5.62 1.35 -2.46
C ASP G 211 -5.78 0.27 -3.54
N GLN G 212 -6.01 -0.95 -3.07
CA GLN G 212 -6.20 -2.10 -3.94
C GLN G 212 -7.67 -2.08 -4.37
N TYR G 213 -7.94 -1.80 -5.64
CA TYR G 213 -9.32 -1.77 -6.11
C TYR G 213 -9.59 -2.81 -7.18
N HIS G 214 -10.81 -3.35 -7.21
CA HIS G 214 -11.15 -4.29 -8.27
C HIS G 214 -11.16 -3.38 -9.49
N TYR G 215 -10.31 -3.67 -10.45
CA TYR G 215 -10.20 -2.85 -11.64
C TYR G 215 -10.32 -3.69 -12.88
N LEU G 216 -10.61 -3.03 -14.00
CA LEU G 216 -10.79 -3.71 -15.27
C LEU G 216 -10.77 -2.69 -16.42
N LEU G 217 -10.07 -3.02 -17.50
CA LEU G 217 -10.00 -2.17 -18.68
C LEU G 217 -10.62 -2.92 -19.84
N ASP G 218 -11.83 -2.50 -20.23
CA ASP G 218 -12.55 -3.11 -21.33
C ASP G 218 -12.25 -2.31 -22.59
N ARG G 219 -11.39 -2.87 -23.44
CA ARG G 219 -10.98 -2.22 -24.70
C ARG G 219 -12.09 -2.24 -25.74
N ASN G 220 -13.00 -3.18 -25.60
CA ASN G 220 -14.10 -3.32 -26.55
C ASN G 220 -15.12 -2.20 -26.39
N LEU G 221 -15.68 -2.02 -25.21
CA LEU G 221 -16.62 -0.91 -25.01
C LEU G 221 -15.80 0.37 -24.93
N SER G 222 -14.54 0.22 -24.52
CA SER G 222 -13.61 1.34 -24.40
C SER G 222 -13.91 2.16 -23.13
N CYS G 223 -13.77 1.52 -21.99
CA CYS G 223 -14.02 2.17 -20.71
C CYS G 223 -13.24 1.45 -19.60
N ARG G 224 -13.05 2.13 -18.48
CA ARG G 224 -12.35 1.52 -17.35
C ARG G 224 -13.34 1.39 -16.20
N VAL G 225 -13.29 0.24 -15.54
CA VAL G 225 -14.22 -0.10 -14.45
C VAL G 225 -13.58 -0.29 -13.08
N VAL G 226 -14.11 0.39 -12.07
CA VAL G 226 -13.60 0.25 -10.70
C VAL G 226 -14.70 -0.12 -9.73
N GLY G 227 -14.45 -1.14 -8.91
CA GLY G 227 -15.43 -1.52 -7.91
C GLY G 227 -15.01 -0.96 -6.55
N VAL G 228 -15.95 -0.40 -5.80
CA VAL G 228 -15.63 0.12 -4.46
C VAL G 228 -16.60 -0.57 -3.50
N PRO G 229 -16.07 -1.41 -2.61
CA PRO G 229 -16.85 -2.15 -1.62
C PRO G 229 -17.55 -1.38 -0.50
N TYR G 230 -18.71 -1.88 -0.07
CA TYR G 230 -19.46 -1.29 1.04
C TYR G 230 -19.28 -2.20 2.25
N GLN G 231 -19.61 -1.71 3.45
CA GLN G 231 -19.46 -2.50 4.66
C GLN G 231 -20.60 -3.50 4.79
N GLY G 232 -20.77 -4.28 3.73
CA GLY G 232 -21.82 -5.29 3.65
C GLY G 232 -21.79 -5.94 2.28
N ASN G 233 -22.83 -6.70 1.94
CA ASN G 233 -22.88 -7.38 0.65
C ASN G 233 -23.47 -6.49 -0.44
N ALA G 234 -22.65 -5.61 -0.98
CA ALA G 234 -23.08 -4.71 -2.04
C ALA G 234 -21.87 -3.89 -2.45
N THR G 235 -21.77 -3.63 -3.75
CA THR G 235 -20.65 -2.87 -4.25
C THR G 235 -21.02 -1.88 -5.34
N ALA G 236 -20.24 -0.81 -5.41
CA ALA G 236 -20.44 0.23 -6.40
C ALA G 236 -19.44 0.01 -7.52
N LEU G 237 -19.91 0.22 -8.74
CA LEU G 237 -19.06 0.09 -9.90
C LEU G 237 -19.13 1.42 -10.58
N PHE G 238 -17.98 2.06 -10.77
CA PHE G 238 -17.95 3.33 -11.46
C PHE G 238 -17.28 3.02 -12.79
N ILE G 239 -17.94 3.43 -13.88
CA ILE G 239 -17.45 3.17 -15.21
C ILE G 239 -17.03 4.47 -15.88
N LEU G 240 -15.75 4.56 -16.26
CA LEU G 240 -15.20 5.74 -16.93
C LEU G 240 -14.89 5.44 -18.39
N PRO G 241 -15.75 5.91 -19.30
CA PRO G 241 -15.43 5.62 -20.71
C PRO G 241 -14.26 6.50 -21.21
N SER G 242 -13.43 5.96 -22.08
CA SER G 242 -12.31 6.74 -22.62
C SER G 242 -12.95 7.91 -23.35
N GLU G 243 -12.22 9.01 -23.52
CA GLU G 243 -12.77 10.19 -24.15
C GLU G 243 -13.58 9.92 -25.42
N GLY G 244 -14.73 10.59 -25.51
CA GLY G 244 -15.62 10.45 -26.65
C GLY G 244 -16.28 9.09 -26.82
N LYS G 245 -16.13 8.21 -25.83
CA LYS G 245 -16.70 6.87 -25.91
C LYS G 245 -17.97 6.62 -25.09
N MET G 246 -18.41 7.62 -24.32
CA MET G 246 -19.62 7.47 -23.49
C MET G 246 -20.79 6.85 -24.26
N GLN G 247 -21.12 7.44 -25.41
CA GLN G 247 -22.21 6.94 -26.23
C GLN G 247 -21.97 5.47 -26.57
N GLN G 248 -20.71 5.14 -26.87
CA GLN G 248 -20.35 3.77 -27.21
C GLN G 248 -20.53 2.78 -26.06
N VAL G 249 -20.22 3.19 -24.83
CA VAL G 249 -20.38 2.27 -23.71
C VAL G 249 -21.87 2.12 -23.41
N GLU G 250 -22.62 3.22 -23.52
CA GLU G 250 -24.06 3.16 -23.26
C GLU G 250 -24.72 2.16 -24.22
N ASN G 251 -24.29 2.17 -25.48
CA ASN G 251 -24.83 1.26 -26.48
C ASN G 251 -24.50 -0.20 -26.14
N GLY G 252 -23.32 -0.41 -25.57
CA GLY G 252 -22.87 -1.76 -25.24
C GLY G 252 -23.34 -2.34 -23.92
N LEU G 253 -23.78 -1.51 -22.99
CA LEU G 253 -24.24 -2.02 -21.70
C LEU G 253 -25.25 -3.15 -21.90
N SER G 254 -25.12 -4.19 -21.08
CA SER G 254 -26.00 -5.34 -21.14
C SER G 254 -25.80 -6.22 -19.90
N GLU G 255 -26.70 -7.19 -19.72
CA GLU G 255 -26.59 -8.08 -18.58
C GLU G 255 -25.25 -8.82 -18.72
N LYS G 256 -24.99 -9.31 -19.93
CA LYS G 256 -23.76 -10.02 -20.26
C LYS G 256 -22.54 -9.23 -19.84
N THR G 257 -22.35 -8.06 -20.45
CA THR G 257 -21.23 -7.19 -20.16
C THR G 257 -20.95 -6.97 -18.67
N LEU G 258 -21.99 -7.02 -17.84
CA LEU G 258 -21.82 -6.82 -16.40
C LEU G 258 -21.16 -8.04 -15.76
N ARG G 259 -21.63 -9.22 -16.15
CA ARG G 259 -21.08 -10.47 -15.65
C ARG G 259 -19.65 -10.57 -16.11
N LYS G 260 -19.38 -10.03 -17.28
CA LYS G 260 -18.03 -10.04 -17.82
C LYS G 260 -17.13 -9.25 -16.88
N TRP G 261 -17.46 -7.99 -16.61
CA TRP G 261 -16.65 -7.15 -15.72
C TRP G 261 -16.51 -7.79 -14.35
N LEU G 262 -17.59 -8.36 -13.85
CA LEU G 262 -17.57 -8.99 -12.53
C LEU G 262 -16.51 -10.09 -12.39
N LYS G 263 -16.46 -11.01 -13.34
CA LYS G 263 -15.48 -12.10 -13.27
C LYS G 263 -14.11 -11.69 -13.82
N MET G 264 -14.08 -10.64 -14.64
CA MET G 264 -12.84 -10.15 -15.23
C MET G 264 -12.05 -9.25 -14.29
N PHE G 265 -12.72 -8.67 -13.30
CA PHE G 265 -12.04 -7.80 -12.34
C PHE G 265 -10.78 -8.47 -11.79
N LYS G 266 -9.84 -7.64 -11.38
CA LYS G 266 -8.59 -8.10 -10.80
C LYS G 266 -8.11 -6.93 -9.94
N LYS G 267 -7.49 -7.23 -8.81
CA LYS G 267 -7.02 -6.18 -7.92
C LYS G 267 -5.87 -5.39 -8.53
N ARG G 268 -5.97 -4.07 -8.48
CA ARG G 268 -4.91 -3.21 -9.00
C ARG G 268 -4.75 -2.02 -8.05
N GLN G 269 -3.49 -1.64 -7.81
CA GLN G 269 -3.16 -0.52 -6.95
C GLN G 269 -3.44 0.75 -7.75
N LEU G 270 -4.43 1.52 -7.29
CA LEU G 270 -4.83 2.77 -7.96
C LEU G 270 -4.91 3.91 -6.97
N GLU G 271 -4.81 5.13 -7.48
CA GLU G 271 -4.97 6.32 -6.66
C GLU G 271 -6.28 6.85 -7.23
N LEU G 272 -7.37 6.45 -6.61
CA LEU G 272 -8.72 6.82 -7.04
C LEU G 272 -9.14 8.24 -6.68
N TYR G 273 -9.59 9.00 -7.69
CA TYR G 273 -10.08 10.36 -7.50
C TYR G 273 -11.53 10.32 -7.98
N LEU G 274 -12.46 10.42 -7.04
CA LEU G 274 -13.90 10.35 -7.36
C LEU G 274 -14.62 11.55 -6.81
N PRO G 275 -15.35 12.26 -7.67
CA PRO G 275 -16.07 13.43 -7.15
C PRO G 275 -17.14 13.07 -6.12
N LYS G 276 -17.40 14.00 -5.23
CA LYS G 276 -18.43 13.84 -4.21
C LYS G 276 -19.63 14.31 -5.01
N PHE G 277 -20.71 13.55 -5.00
CA PHE G 277 -21.85 13.99 -5.80
C PHE G 277 -23.23 13.64 -5.28
N SER G 278 -24.23 14.25 -5.90
CA SER G 278 -25.62 14.04 -5.53
C SER G 278 -26.45 14.28 -6.78
N ILE G 279 -27.07 13.23 -7.30
CA ILE G 279 -27.88 13.37 -8.50
C ILE G 279 -29.23 12.73 -8.29
N GLU G 280 -30.19 13.11 -9.12
CA GLU G 280 -31.51 12.52 -8.98
C GLU G 280 -32.21 12.29 -10.31
N GLY G 281 -33.16 11.36 -10.29
CA GLY G 281 -33.89 11.02 -11.49
C GLY G 281 -35.37 10.94 -11.18
N SER G 282 -36.18 11.55 -12.04
CA SER G 282 -37.62 11.57 -11.90
C SER G 282 -38.19 11.32 -13.29
N TYR G 283 -39.01 10.28 -13.45
CA TYR G 283 -39.54 9.98 -14.77
C TYR G 283 -41.01 9.58 -14.81
N GLN G 284 -41.62 9.67 -15.99
CA GLN G 284 -43.01 9.24 -16.19
C GLN G 284 -42.87 7.98 -17.05
N LEU G 285 -42.66 6.86 -16.38
CA LEU G 285 -42.46 5.58 -17.04
C LEU G 285 -43.54 5.16 -18.04
N GLU G 286 -44.77 5.65 -17.88
CA GLU G 286 -45.83 5.30 -18.84
C GLU G 286 -45.45 5.85 -20.21
N LYS G 287 -44.46 6.74 -20.22
CA LYS G 287 -43.99 7.34 -21.47
C LYS G 287 -42.70 6.71 -22.00
N VAL G 288 -42.00 5.92 -21.19
CA VAL G 288 -40.77 5.30 -21.69
C VAL G 288 -40.97 3.80 -21.90
N LEU G 289 -41.67 3.15 -20.99
CA LEU G 289 -41.88 1.69 -21.10
C LEU G 289 -42.44 1.20 -22.44
N PRO G 290 -43.27 2.00 -23.12
CA PRO G 290 -43.75 1.46 -24.39
C PRO G 290 -42.60 1.23 -25.39
N SER G 291 -41.46 1.86 -25.13
CA SER G 291 -40.26 1.71 -25.96
C SER G 291 -39.74 0.28 -25.77
N LEU G 292 -40.21 -0.40 -24.74
CA LEU G 292 -39.81 -1.77 -24.47
C LEU G 292 -40.97 -2.75 -24.73
N GLY G 293 -41.95 -2.31 -25.52
CA GLY G 293 -43.08 -3.18 -25.83
C GLY G 293 -44.18 -3.21 -24.78
N ILE G 294 -43.93 -2.56 -23.65
CA ILE G 294 -44.93 -2.50 -22.59
C ILE G 294 -45.80 -1.26 -22.80
N SER G 295 -46.95 -1.44 -23.45
CA SER G 295 -47.84 -0.31 -23.72
C SER G 295 -49.31 -0.54 -23.36
N ASN G 296 -49.86 -1.66 -23.83
CA ASN G 296 -51.26 -2.00 -23.58
C ASN G 296 -51.78 -1.72 -22.17
N VAL G 297 -50.94 -1.90 -21.16
CA VAL G 297 -51.39 -1.68 -19.78
C VAL G 297 -51.71 -0.21 -19.45
N PHE G 298 -51.20 0.72 -20.27
CA PHE G 298 -51.44 2.15 -20.05
C PHE G 298 -52.59 2.59 -20.98
N THR G 299 -53.13 1.61 -21.70
CA THR G 299 -54.20 1.80 -22.68
C THR G 299 -55.56 1.42 -22.12
N SER G 300 -56.64 1.81 -22.80
CA SER G 300 -57.94 1.42 -22.30
C SER G 300 -58.21 0.03 -22.86
N HIS G 301 -57.20 -0.54 -23.52
CA HIS G 301 -57.31 -1.89 -24.07
C HIS G 301 -56.64 -2.77 -23.02
N ALA G 302 -56.26 -2.13 -21.92
CA ALA G 302 -55.60 -2.80 -20.81
C ALA G 302 -56.40 -3.97 -20.26
N ASP G 303 -55.70 -5.08 -20.00
CA ASP G 303 -56.33 -6.26 -19.44
C ASP G 303 -55.80 -6.48 -18.04
N LEU G 304 -56.47 -5.88 -17.07
CA LEU G 304 -56.08 -6.00 -15.69
C LEU G 304 -57.20 -6.67 -14.91
N SER G 305 -57.85 -7.64 -15.57
CA SER G 305 -58.97 -8.36 -14.98
C SER G 305 -58.60 -9.04 -13.66
N GLY G 306 -57.33 -9.40 -13.52
CA GLY G 306 -56.87 -10.05 -12.31
C GLY G 306 -56.81 -9.14 -11.10
N ILE G 307 -56.87 -7.83 -11.33
CA ILE G 307 -56.83 -6.89 -10.24
C ILE G 307 -58.25 -6.62 -9.80
N SER G 308 -59.10 -6.25 -10.75
CA SER G 308 -60.50 -5.98 -10.44
C SER G 308 -61.38 -6.49 -11.56
N ASN G 309 -62.42 -7.23 -11.18
CA ASN G 309 -63.34 -7.77 -12.17
C ASN G 309 -64.34 -6.68 -12.51
N HIS G 310 -65.24 -6.95 -13.46
CA HIS G 310 -66.21 -5.95 -13.93
C HIS G 310 -66.00 -4.56 -13.34
N SER G 311 -65.26 -3.78 -14.12
CA SER G 311 -64.84 -2.41 -13.87
C SER G 311 -63.43 -2.58 -14.44
N ASN G 312 -63.24 -2.10 -15.66
CA ASN G 312 -61.96 -2.23 -16.31
C ASN G 312 -61.06 -1.06 -15.99
N ILE G 313 -59.98 -1.37 -15.28
CA ILE G 313 -59.01 -0.38 -14.88
C ILE G 313 -57.83 -0.43 -15.84
N GLN G 314 -56.96 0.55 -15.74
CA GLN G 314 -55.78 0.66 -16.59
C GLN G 314 -54.78 1.48 -15.78
N VAL G 315 -53.53 1.53 -16.22
CA VAL G 315 -52.55 2.34 -15.51
C VAL G 315 -52.51 3.71 -16.20
N SER G 316 -52.84 4.76 -15.45
CA SER G 316 -52.83 6.09 -16.01
C SER G 316 -51.38 6.57 -16.04
N GLU G 317 -50.62 6.18 -15.04
CA GLU G 317 -49.23 6.56 -15.00
C GLU G 317 -48.44 5.79 -13.95
N MET G 318 -47.14 5.71 -14.16
CA MET G 318 -46.22 4.99 -13.28
C MET G 318 -45.04 5.89 -12.94
N VAL G 319 -45.12 6.57 -11.81
CA VAL G 319 -44.06 7.47 -11.38
C VAL G 319 -42.88 6.79 -10.68
N HIS G 320 -41.70 7.35 -10.93
CA HIS G 320 -40.45 6.85 -10.37
C HIS G 320 -39.54 8.03 -10.04
N LYS G 321 -39.10 8.11 -8.79
CA LYS G 321 -38.19 9.17 -8.37
C LYS G 321 -37.04 8.46 -7.65
N ALA G 322 -35.81 8.88 -7.92
CA ALA G 322 -34.63 8.25 -7.31
C ALA G 322 -33.53 9.26 -7.04
N VAL G 323 -32.80 9.05 -5.95
CA VAL G 323 -31.72 9.93 -5.55
C VAL G 323 -30.51 9.13 -5.03
N VAL G 324 -29.35 9.76 -5.06
CA VAL G 324 -28.13 9.15 -4.58
C VAL G 324 -27.17 10.23 -4.10
N GLU G 325 -26.49 9.95 -2.99
CA GLU G 325 -25.52 10.86 -2.43
C GLU G 325 -24.24 10.07 -2.23
N VAL G 326 -23.13 10.64 -2.70
CA VAL G 326 -21.85 9.97 -2.57
C VAL G 326 -20.83 10.94 -1.98
N ASP G 327 -20.27 10.56 -0.82
CA ASP G 327 -19.25 11.38 -0.17
C ASP G 327 -18.18 10.45 0.36
N GLU G 328 -17.22 11.00 1.12
CA GLU G 328 -16.10 10.19 1.61
C GLU G 328 -16.42 9.10 2.61
N SER G 329 -17.62 9.13 3.18
CA SER G 329 -17.99 8.12 4.16
C SER G 329 -18.73 6.93 3.57
N GLY G 330 -19.57 7.21 2.58
CA GLY G 330 -20.32 6.14 1.97
C GLY G 330 -21.32 6.62 0.94
N THR G 331 -22.37 5.82 0.75
CA THR G 331 -23.40 6.12 -0.22
C THR G 331 -24.79 6.00 0.38
N ARG G 332 -25.70 6.84 -0.11
CA ARG G 332 -27.10 6.83 0.34
C ARG G 332 -27.91 6.99 -0.93
N ALA G 333 -28.80 6.04 -1.19
CA ALA G 333 -29.64 6.08 -2.37
C ALA G 333 -31.02 5.57 -2.03
N ALA G 334 -32.03 6.12 -2.70
CA ALA G 334 -33.41 5.72 -2.46
C ALA G 334 -34.28 5.97 -3.68
N ALA G 335 -35.32 5.14 -3.82
CA ALA G 335 -36.21 5.28 -4.94
C ALA G 335 -37.56 4.67 -4.64
N ALA G 336 -38.56 5.10 -5.40
CA ALA G 336 -39.91 4.60 -5.23
C ALA G 336 -40.63 4.63 -6.57
N THR G 337 -41.51 3.66 -6.75
CA THR G 337 -42.29 3.57 -7.97
C THR G 337 -43.77 3.55 -7.58
N GLY G 338 -44.48 4.57 -8.03
CA GLY G 338 -45.90 4.64 -7.74
C GLY G 338 -46.62 4.29 -9.01
N THR G 339 -47.50 3.30 -8.98
CA THR G 339 -48.24 2.93 -10.16
C THR G 339 -49.70 3.24 -9.91
N ILE G 340 -50.25 4.14 -10.72
CA ILE G 340 -51.62 4.58 -10.55
C ILE G 340 -52.61 3.93 -11.51
N PHE G 341 -53.61 3.26 -10.95
CA PHE G 341 -54.66 2.61 -11.73
C PHE G 341 -55.91 3.48 -11.75
N THR G 342 -56.61 3.52 -12.87
CA THR G 342 -57.84 4.32 -12.96
C THR G 342 -58.94 3.60 -13.74
N PHE G 343 -59.95 4.37 -14.14
CA PHE G 343 -61.10 3.86 -14.91
C PHE G 343 -61.03 4.39 -16.35
N ARG G 344 -61.98 3.95 -17.18
CA ARG G 344 -62.13 4.31 -18.60
C ARG G 344 -61.93 3.07 -19.49
N SER G 345 -61.73 1.92 -18.84
CA SER G 345 -61.51 0.61 -19.49
C SER G 345 -60.12 0.04 -19.20
N ASN H 3 4.88 5.12 -6.60
CA ASN H 3 4.21 4.21 -7.53
C ASN H 3 2.74 4.57 -7.72
N SER H 4 1.92 3.54 -7.95
CA SER H 4 0.47 3.66 -8.12
C SER H 4 -0.03 4.74 -9.08
N GLN H 5 -0.76 4.34 -10.13
CA GLN H 5 -1.27 5.32 -11.09
C GLN H 5 -2.61 5.95 -10.70
N ARG H 6 -2.91 7.12 -11.26
CA ARG H 6 -4.13 7.85 -10.95
C ARG H 6 -5.30 7.64 -11.93
N LEU H 7 -6.44 7.24 -11.38
CA LEU H 7 -7.66 7.02 -12.15
C LEU H 7 -8.64 8.11 -11.68
N VAL H 8 -8.83 9.14 -12.50
CA VAL H 8 -9.70 10.24 -12.10
C VAL H 8 -11.02 10.42 -12.87
N PHE H 9 -12.12 10.42 -12.12
CA PHE H 9 -13.43 10.59 -12.73
C PHE H 9 -13.74 12.08 -12.91
N ASN H 10 -13.29 12.64 -14.03
CA ASN H 10 -13.52 14.06 -14.33
C ASN H 10 -14.13 14.27 -15.72
N ARG H 11 -15.09 13.43 -16.03
CA ARG H 11 -15.84 13.45 -17.28
C ARG H 11 -17.09 12.69 -16.88
N PRO H 12 -18.15 12.77 -17.69
CA PRO H 12 -19.35 12.03 -17.32
C PRO H 12 -19.03 10.55 -17.14
N PHE H 13 -19.54 9.96 -16.06
CA PHE H 13 -19.30 8.55 -15.79
C PHE H 13 -20.57 7.82 -15.39
N LEU H 14 -20.49 6.50 -15.37
CA LEU H 14 -21.62 5.65 -15.00
C LEU H 14 -21.41 5.04 -13.61
N MET H 15 -22.52 4.78 -12.91
CA MET H 15 -22.45 4.16 -11.59
C MET H 15 -23.47 3.05 -11.41
N PHE H 16 -23.03 1.96 -10.79
CA PHE H 16 -23.87 0.80 -10.51
C PHE H 16 -23.76 0.51 -9.02
N ILE H 17 -24.88 0.28 -8.35
CA ILE H 17 -24.80 -0.11 -6.95
C ILE H 17 -25.32 -1.55 -7.08
N VAL H 18 -24.45 -2.55 -6.92
CA VAL H 18 -24.91 -3.92 -7.08
C VAL H 18 -24.90 -4.82 -5.85
N ASP H 19 -25.97 -5.60 -5.79
CA ASP H 19 -26.33 -6.58 -4.77
C ASP H 19 -26.13 -7.83 -5.63
N ASN H 20 -27.10 -8.74 -5.56
CA ASN H 20 -27.09 -9.93 -6.41
C ASN H 20 -27.87 -9.42 -7.62
N ASN H 21 -28.46 -8.25 -7.43
CA ASN H 21 -29.26 -7.57 -8.43
C ASN H 21 -28.70 -6.18 -8.68
N ILE H 22 -29.22 -5.50 -9.69
CA ILE H 22 -28.79 -4.14 -9.96
C ILE H 22 -29.76 -3.26 -9.16
N LEU H 23 -29.29 -2.81 -8.01
CA LEU H 23 -30.06 -1.99 -7.10
C LEU H 23 -30.31 -0.59 -7.62
N PHE H 24 -29.23 0.05 -8.09
CA PHE H 24 -29.33 1.41 -8.63
C PHE H 24 -28.44 1.56 -9.86
N LEU H 25 -28.87 2.38 -10.80
CA LEU H 25 -28.09 2.57 -12.02
C LEU H 25 -28.17 4.00 -12.49
N GLY H 26 -27.04 4.57 -12.85
CA GLY H 26 -27.11 5.93 -13.32
C GLY H 26 -25.86 6.48 -13.94
N LYS H 27 -26.01 7.67 -14.51
CA LYS H 27 -24.91 8.39 -15.14
C LYS H 27 -24.74 9.74 -14.46
N VAL H 28 -23.51 10.10 -14.14
CA VAL H 28 -23.27 11.40 -13.55
C VAL H 28 -22.74 12.26 -14.70
N ASN H 29 -23.60 13.13 -15.23
CA ASN H 29 -23.17 13.99 -16.33
C ASN H 29 -22.62 15.32 -15.86
N ARG H 30 -22.96 15.69 -14.64
CA ARG H 30 -22.52 16.94 -14.05
C ARG H 30 -22.64 16.83 -12.54
N PRO H 31 -21.52 16.55 -11.85
CA PRO H 31 -21.50 16.40 -10.38
C PRO H 31 -22.27 17.52 -9.70
#